data_3T07
#
_entry.id   3T07
#
_cell.length_a   83.960
_cell.length_b   111.910
_cell.length_c   112.030
_cell.angle_alpha   86.050
_cell.angle_beta   72.140
_cell.angle_gamma   80.880
#
_symmetry.space_group_name_H-M   'P 1'
#
loop_
_entity.id
_entity.type
_entity.pdbx_description
1 polymer 'Pyruvate kinase'
2 non-polymer 'PHOSPHATE ION'
3 non-polymer (3S,5R)-3,5-bis(6-bromo-1H-indol-3-yl)piperazin-2-one
#
_entity_poly.entity_id   1
_entity_poly.type   'polypeptide(L)'
_entity_poly.pdbx_seq_one_letter_code
;MGSSHHHHHHSSGLVPRGSHMMRKTKIVCTIGPASESEEMIEKLINAGMNVARLNFSHGSHEEHKGRIDTIRKVAKRLDK
IVAILLDTKGPEIRTHNMKDGIIELERGNEVIVSMNEVEGTPEKFSVTYENLINDVQVGSYILLDDGLIELQVKDIDHAK
KEVKCDILNSGELKNKKGVNLPGVRVSLPGITEKDAEDIRFGIKENVDFIAASFVRRPSDVLEIREILEEQKANISVFPK
IENQEGIDNIEEILEVSDGLMVARGDMGVEIPPEKVPMVQKDLIRQCNKLGKPVITATQMLDSMQRNPRATRAEASDVAN
AIYDGTDAVMLSGETAAGLYPEEAVKTMRNIAVSAEAAQDYKKLLSDRTKLVETSLVNAIGISVAHTALNLNVKAIVAAT
ESGSTARTISKYRPHSDIIAVTPSEETARQCSIVWGVQPVVKKGRKSTDALLNNAVATAVETGRVTNGDLIIITAGVPTG
ETGTTNMMKIHLVGDEIANGQGIGRGSVVGTTLVAETVKDLEGKDLSDKVIVTNSIDETFVPYVEKALGLITEENGITSP
SAIVGLEKGIPTVVGVEKAVKNISNNVLVTIDAAQGKIFEGYANVL
;
_entity_poly.pdbx_strand_id   A,B,C,D
#
# COMPACT_ATOMS: atom_id res chain seq x y z
N MET A 22 20.79 -21.64 -1.96
CA MET A 22 21.06 -20.49 -2.85
C MET A 22 21.33 -21.03 -4.26
N ARG A 23 20.29 -21.63 -4.85
CA ARG A 23 20.36 -22.17 -6.21
C ARG A 23 19.05 -21.98 -6.98
N LYS A 24 17.95 -22.40 -6.36
CA LYS A 24 16.59 -21.91 -6.69
C LYS A 24 15.96 -22.40 -7.99
N THR A 25 16.53 -22.01 -9.14
CA THR A 25 15.95 -22.35 -10.47
C THR A 25 16.57 -23.68 -11.02
N LYS A 26 15.71 -24.66 -11.33
CA LYS A 26 16.15 -26.04 -11.62
C LYS A 26 16.56 -26.26 -13.09
N ILE A 27 17.35 -27.29 -13.31
CA ILE A 27 17.96 -27.52 -14.60
C ILE A 27 17.56 -28.88 -15.15
N VAL A 28 16.85 -28.88 -16.28
CA VAL A 28 16.51 -30.12 -16.99
C VAL A 28 17.43 -30.36 -18.20
N CYS A 29 18.02 -31.55 -18.29
CA CYS A 29 18.99 -31.85 -19.34
C CYS A 29 18.60 -33.03 -20.19
N THR A 30 18.54 -32.80 -21.49
CA THR A 30 18.18 -33.84 -22.44
C THR A 30 19.38 -34.77 -22.60
N ILE A 31 19.23 -36.02 -22.19
CA ILE A 31 20.27 -37.02 -22.37
C ILE A 31 20.35 -37.43 -23.85
N GLY A 32 21.56 -37.64 -24.34
CA GLY A 32 21.76 -38.10 -25.71
C GLY A 32 23.11 -38.78 -25.87
N PRO A 33 23.46 -39.15 -27.11
CA PRO A 33 24.77 -39.73 -27.44
C PRO A 33 25.91 -39.10 -26.64
N ALA A 34 26.01 -37.77 -26.69
CA ALA A 34 27.10 -37.02 -26.04
C ALA A 34 27.08 -37.11 -24.51
N SER A 35 26.05 -37.74 -23.94
CA SER A 35 25.86 -37.75 -22.49
C SER A 35 25.25 -39.03 -21.92
N GLU A 36 25.34 -40.14 -22.66
CA GLU A 36 24.80 -41.43 -22.18
C GLU A 36 25.67 -42.04 -21.10
N SER A 37 26.98 -41.77 -21.19
CA SER A 37 27.98 -42.47 -20.40
C SER A 37 27.81 -42.25 -18.92
N GLU A 38 28.17 -43.27 -18.15
CA GLU A 38 28.21 -43.21 -16.71
C GLU A 38 29.06 -42.02 -16.25
N GLU A 39 30.17 -41.79 -16.95
CA GLU A 39 31.09 -40.69 -16.66
C GLU A 39 30.41 -39.32 -16.82
N MET A 40 29.84 -39.07 -18.00
CA MET A 40 29.28 -37.74 -18.33
C MET A 40 27.96 -37.45 -17.58
N ILE A 41 27.23 -38.50 -17.22
CA ILE A 41 26.04 -38.34 -16.37
C ILE A 41 26.43 -37.89 -14.97
N GLU A 42 27.52 -38.43 -14.47
CA GLU A 42 28.09 -37.95 -13.23
C GLU A 42 28.42 -36.46 -13.33
N LYS A 43 29.21 -36.11 -14.35
CA LYS A 43 29.67 -34.73 -14.53
C LYS A 43 28.52 -33.75 -14.72
N LEU A 44 27.39 -34.24 -15.23
CA LEU A 44 26.19 -33.41 -15.42
C LEU A 44 25.39 -33.24 -14.11
N ILE A 45 25.28 -34.30 -13.32
CA ILE A 45 24.65 -34.21 -12.00
C ILE A 45 25.42 -33.24 -11.13
N ASN A 46 26.74 -33.31 -11.22
CA ASN A 46 27.62 -32.41 -10.49
C ASN A 46 27.55 -30.97 -11.00
N ALA A 47 27.43 -30.78 -12.32
CA ALA A 47 27.23 -29.44 -12.88
C ALA A 47 25.89 -28.81 -12.48
N GLY A 48 24.95 -29.63 -11.99
CA GLY A 48 23.71 -29.16 -11.35
C GLY A 48 22.41 -29.69 -11.92
N MET A 49 22.43 -30.90 -12.50
CA MET A 49 21.27 -31.43 -13.22
C MET A 49 20.25 -32.00 -12.28
N ASN A 50 19.07 -31.40 -12.26
CA ASN A 50 17.98 -31.86 -11.42
C ASN A 50 17.08 -32.89 -12.07
N VAL A 51 16.94 -32.83 -13.39
CA VAL A 51 16.00 -33.69 -14.09
C VAL A 51 16.53 -34.12 -15.43
N ALA A 52 16.59 -35.44 -15.64
CA ALA A 52 17.04 -36.01 -16.91
C ALA A 52 15.83 -36.13 -17.85
N ARG A 53 15.94 -35.52 -19.03
CA ARG A 53 14.92 -35.63 -20.08
C ARG A 53 15.27 -36.72 -21.09
N LEU A 54 14.26 -37.50 -21.47
CA LEU A 54 14.39 -38.49 -22.52
C LEU A 54 13.41 -38.13 -23.63
N ASN A 55 13.94 -37.81 -24.81
CA ASN A 55 13.10 -37.45 -25.95
C ASN A 55 12.72 -38.69 -26.78
N PHE A 56 11.43 -39.02 -26.75
CA PHE A 56 10.90 -40.19 -27.46
C PHE A 56 10.46 -39.82 -28.89
N SER A 57 10.80 -38.60 -29.33
CA SER A 57 10.71 -38.25 -30.74
C SER A 57 11.61 -39.18 -31.54
N HIS A 58 12.74 -39.55 -30.94
CA HIS A 58 13.74 -40.42 -31.57
C HIS A 58 14.16 -41.51 -30.62
N GLY A 59 14.84 -42.53 -31.15
CA GLY A 59 15.41 -43.59 -30.33
C GLY A 59 14.41 -44.64 -29.88
N SER A 60 14.92 -45.83 -29.58
CA SER A 60 14.10 -46.99 -29.23
C SER A 60 14.03 -47.19 -27.73
N HIS A 61 12.98 -47.88 -27.28
CA HIS A 61 12.82 -48.25 -25.86
C HIS A 61 14.07 -48.90 -25.29
N GLU A 62 14.82 -49.59 -26.14
CA GLU A 62 16.09 -50.20 -25.74
C GLU A 62 17.04 -49.12 -25.25
N GLU A 63 17.27 -48.13 -26.10
CA GLU A 63 18.23 -47.07 -25.83
C GLU A 63 17.82 -46.32 -24.57
N HIS A 64 16.53 -46.07 -24.45
CA HIS A 64 15.99 -45.33 -23.31
C HIS A 64 16.08 -46.10 -22.04
N LYS A 65 15.65 -47.37 -22.05
CA LYS A 65 15.81 -48.22 -20.85
C LYS A 65 17.27 -48.26 -20.38
N GLY A 66 18.21 -48.23 -21.32
CA GLY A 66 19.62 -48.27 -20.98
C GLY A 66 20.03 -47.05 -20.20
N ARG A 67 19.61 -45.89 -20.70
CA ARG A 67 19.92 -44.61 -20.07
C ARG A 67 19.23 -44.45 -18.71
N ILE A 68 17.98 -44.92 -18.60
CA ILE A 68 17.27 -44.85 -17.34
C ILE A 68 18.05 -45.55 -16.24
N ASP A 69 18.64 -46.69 -16.55
CA ASP A 69 19.46 -47.42 -15.58
C ASP A 69 20.78 -46.71 -15.27
N THR A 70 21.43 -46.17 -16.29
CA THR A 70 22.68 -45.41 -16.11
C THR A 70 22.40 -44.27 -15.13
N ILE A 71 21.28 -43.58 -15.38
CA ILE A 71 20.88 -42.46 -14.55
C ILE A 71 20.60 -42.92 -13.12
N ARG A 72 19.64 -43.84 -12.95
CA ARG A 72 19.27 -44.32 -11.61
C ARG A 72 20.46 -44.76 -10.75
N LYS A 73 21.45 -45.39 -11.37
CA LYS A 73 22.62 -45.89 -10.64
C LYS A 73 23.58 -44.78 -10.26
N VAL A 74 23.98 -43.97 -11.25
CA VAL A 74 24.85 -42.83 -10.99
C VAL A 74 24.23 -41.93 -9.90
N ALA A 75 22.90 -41.75 -9.98
CA ALA A 75 22.18 -40.90 -9.03
C ALA A 75 22.23 -41.43 -7.61
N LYS A 76 22.06 -42.74 -7.44
CA LYS A 76 22.05 -43.30 -6.10
C LYS A 76 23.46 -43.54 -5.59
N ARG A 77 24.44 -43.58 -6.49
CA ARG A 77 25.83 -43.59 -6.07
C ARG A 77 26.20 -42.22 -5.50
N LEU A 78 25.96 -41.16 -6.25
CA LEU A 78 26.26 -39.80 -5.77
C LEU A 78 25.28 -39.32 -4.69
N ASP A 79 24.21 -40.09 -4.47
CA ASP A 79 23.23 -39.85 -3.40
C ASP A 79 22.47 -38.53 -3.60
N LYS A 80 22.11 -38.26 -4.85
CA LYS A 80 21.40 -37.03 -5.22
C LYS A 80 20.08 -37.42 -5.86
N ILE A 81 19.04 -36.62 -5.60
CA ILE A 81 17.75 -36.82 -6.26
C ILE A 81 17.86 -36.24 -7.66
N VAL A 82 17.68 -37.09 -8.67
CA VAL A 82 17.49 -36.61 -10.05
C VAL A 82 16.29 -37.34 -10.64
N ALA A 83 15.37 -36.58 -11.24
CA ALA A 83 14.11 -37.15 -11.73
C ALA A 83 14.26 -37.51 -13.19
N ILE A 84 13.32 -38.31 -13.70
CA ILE A 84 13.30 -38.71 -15.12
C ILE A 84 12.05 -38.16 -15.80
N LEU A 85 12.26 -37.45 -16.91
CA LEU A 85 11.17 -36.86 -17.70
C LEU A 85 11.18 -37.45 -19.10
N LEU A 86 10.01 -37.90 -19.54
CA LEU A 86 9.83 -38.54 -20.84
C LEU A 86 9.04 -37.58 -21.72
N ASP A 87 9.59 -37.24 -22.88
CA ASP A 87 8.92 -36.28 -23.75
C ASP A 87 8.33 -37.01 -24.92
N THR A 88 7.00 -37.16 -24.92
CA THR A 88 6.27 -37.84 -25.99
C THR A 88 6.55 -37.15 -27.32
N LYS A 89 6.50 -37.89 -28.43
CA LYS A 89 6.71 -37.27 -29.75
C LYS A 89 5.47 -36.46 -30.18
N GLY A 90 4.28 -37.04 -29.96
CA GLY A 90 3.04 -36.31 -30.15
C GLY A 90 2.46 -36.48 -31.54
N PRO A 91 1.25 -35.96 -31.75
CA PRO A 91 0.67 -36.01 -33.07
C PRO A 91 1.35 -35.02 -33.95
N GLU A 92 1.35 -35.26 -35.26
CA GLU A 92 1.93 -34.33 -36.21
C GLU A 92 1.36 -34.49 -37.60
N ILE A 93 1.67 -33.52 -38.45
CA ILE A 93 1.27 -33.52 -39.85
C ILE A 93 2.51 -33.53 -40.72
N ARG A 94 2.65 -34.56 -41.56
CA ARG A 94 3.83 -34.69 -42.41
C ARG A 94 3.47 -34.72 -43.89
N THR A 95 4.51 -34.63 -44.71
CA THR A 95 4.41 -34.75 -46.15
C THR A 95 4.75 -36.17 -46.57
N HIS A 96 3.92 -36.75 -47.43
CA HIS A 96 4.24 -38.04 -48.04
C HIS A 96 5.35 -37.84 -49.02
N ASN A 97 6.12 -38.90 -49.24
CA ASN A 97 7.36 -38.83 -50.01
C ASN A 97 7.25 -38.02 -51.30
N MET A 98 8.40 -37.60 -51.82
CA MET A 98 8.47 -36.66 -52.93
C MET A 98 9.16 -37.30 -54.14
N LYS A 99 8.77 -36.89 -55.34
CA LYS A 99 9.38 -37.44 -56.55
C LYS A 99 10.83 -36.96 -56.65
N ASP A 100 11.73 -37.93 -56.81
CA ASP A 100 13.20 -37.74 -56.79
C ASP A 100 13.76 -37.51 -55.40
N GLY A 101 12.91 -37.50 -54.38
CA GLY A 101 13.32 -37.12 -53.03
C GLY A 101 13.13 -35.64 -52.74
N ILE A 102 13.76 -34.80 -53.56
CA ILE A 102 13.63 -33.34 -53.46
C ILE A 102 12.66 -32.82 -54.53
N ILE A 103 12.01 -31.69 -54.27
CA ILE A 103 11.11 -31.06 -55.25
C ILE A 103 10.99 -29.56 -54.95
N GLU A 104 10.93 -28.72 -55.99
CA GLU A 104 10.97 -27.26 -55.83
C GLU A 104 9.61 -26.60 -55.99
N LEU A 105 9.49 -25.37 -55.50
CA LEU A 105 8.21 -24.61 -55.55
C LEU A 105 8.43 -23.10 -55.76
N GLU A 106 7.94 -22.60 -56.90
CA GLU A 106 8.12 -21.18 -57.29
C GLU A 106 7.36 -20.23 -56.37
N ARG A 107 7.84 -18.99 -56.31
CA ARG A 107 7.40 -18.00 -55.32
C ARG A 107 6.03 -17.34 -55.58
N GLY A 108 5.49 -17.46 -56.78
CA GLY A 108 4.20 -16.80 -57.10
C GLY A 108 3.18 -17.75 -57.68
N ASN A 109 3.48 -19.05 -57.58
CA ASN A 109 2.75 -20.11 -58.30
C ASN A 109 1.59 -20.72 -57.49
N GLU A 110 1.13 -21.90 -57.89
CA GLU A 110 0.10 -22.65 -57.17
C GLU A 110 0.50 -24.11 -56.93
N VAL A 111 0.19 -24.61 -55.73
CA VAL A 111 0.41 -26.01 -55.38
C VAL A 111 -0.90 -26.61 -54.88
N ILE A 112 -1.07 -27.90 -55.13
CA ILE A 112 -2.27 -28.62 -54.74
C ILE A 112 -1.95 -29.53 -53.55
N VAL A 113 -2.67 -29.31 -52.45
CA VAL A 113 -2.50 -30.12 -51.24
C VAL A 113 -3.59 -31.19 -51.19
N SER A 114 -3.20 -32.39 -51.60
CA SER A 114 -4.11 -33.52 -51.74
C SER A 114 -4.24 -34.26 -50.44
N MET A 115 -5.43 -34.79 -50.17
CA MET A 115 -5.68 -35.59 -48.98
C MET A 115 -5.43 -37.08 -49.22
N ASN A 116 -5.31 -37.45 -50.49
CA ASN A 116 -4.94 -38.81 -50.86
C ASN A 116 -3.45 -38.83 -51.19
N GLU A 117 -2.77 -39.88 -50.75
CA GLU A 117 -1.32 -39.95 -50.90
C GLU A 117 -0.92 -39.88 -52.37
N VAL A 118 0.14 -39.13 -52.64
CA VAL A 118 0.65 -38.96 -53.99
C VAL A 118 2.16 -38.79 -53.92
N GLU A 119 2.81 -38.98 -55.07
CA GLU A 119 4.18 -38.57 -55.23
C GLU A 119 4.22 -37.05 -55.35
N GLY A 120 5.34 -36.49 -54.90
CA GLY A 120 5.51 -35.06 -54.86
C GLY A 120 5.69 -34.49 -56.24
N THR A 121 5.25 -33.24 -56.40
CA THR A 121 5.43 -32.51 -57.64
C THR A 121 5.22 -31.03 -57.32
N PRO A 122 5.88 -30.13 -58.07
CA PRO A 122 5.59 -28.69 -57.88
C PRO A 122 4.10 -28.33 -58.09
N GLU A 123 3.28 -29.31 -58.47
CA GLU A 123 1.83 -29.13 -58.55
C GLU A 123 1.06 -29.95 -57.51
N LYS A 124 1.21 -31.28 -57.56
CA LYS A 124 0.45 -32.20 -56.68
C LYS A 124 1.34 -32.73 -55.57
N PHE A 125 0.74 -32.97 -54.41
CA PHE A 125 1.51 -32.98 -53.16
C PHE A 125 0.61 -33.37 -51.99
N SER A 126 1.02 -34.40 -51.24
CA SER A 126 0.14 -35.06 -50.27
C SER A 126 0.61 -34.89 -48.82
N VAL A 127 -0.32 -35.02 -47.87
CA VAL A 127 -0.02 -34.92 -46.41
C VAL A 127 -0.65 -36.06 -45.60
N THR A 128 0.03 -36.47 -44.52
CA THR A 128 -0.38 -37.69 -43.77
C THR A 128 -1.67 -37.50 -42.98
N TYR A 129 -1.97 -36.26 -42.63
CA TYR A 129 -3.22 -35.93 -41.95
C TYR A 129 -4.25 -35.70 -43.03
N GLU A 130 -5.09 -36.70 -43.26
CA GLU A 130 -6.02 -36.65 -44.37
C GLU A 130 -7.16 -35.68 -44.10
N ASN A 131 -7.40 -35.39 -42.83
CA ASN A 131 -8.50 -34.54 -42.44
C ASN A 131 -8.20 -33.03 -42.46
N LEU A 132 -6.96 -32.67 -42.79
CA LEU A 132 -6.55 -31.28 -42.93
C LEU A 132 -7.65 -30.41 -43.54
N ILE A 133 -8.24 -30.92 -44.64
CA ILE A 133 -9.21 -30.18 -45.45
C ILE A 133 -10.45 -29.67 -44.70
N ASN A 134 -10.82 -30.33 -43.62
CA ASN A 134 -11.96 -29.88 -42.77
C ASN A 134 -11.60 -28.84 -41.70
N ASP A 135 -10.30 -28.69 -41.44
CA ASP A 135 -9.79 -27.73 -40.46
C ASP A 135 -9.53 -26.35 -41.04
N VAL A 136 -8.95 -26.29 -42.24
CA VAL A 136 -8.54 -25.00 -42.85
C VAL A 136 -9.74 -24.21 -43.42
N GLN A 137 -9.47 -23.12 -44.14
CA GLN A 137 -10.46 -22.47 -45.01
C GLN A 137 -9.80 -21.49 -45.97
N VAL A 138 -10.60 -20.90 -46.87
CA VAL A 138 -10.02 -20.04 -47.92
C VAL A 138 -9.31 -18.87 -47.26
N GLY A 139 -8.01 -18.75 -47.54
CA GLY A 139 -7.17 -17.69 -46.98
C GLY A 139 -6.25 -18.13 -45.85
N SER A 140 -6.55 -19.26 -45.21
CA SER A 140 -5.72 -19.78 -44.12
C SER A 140 -4.32 -20.15 -44.61
N TYR A 141 -3.34 -20.04 -43.72
CA TYR A 141 -1.95 -20.32 -44.07
C TYR A 141 -1.55 -21.74 -43.68
N ILE A 142 -0.65 -22.34 -44.47
CA ILE A 142 -0.06 -23.64 -44.16
C ILE A 142 1.45 -23.55 -44.27
N LEU A 143 2.16 -24.07 -43.28
CA LEU A 143 3.61 -23.96 -43.23
C LEU A 143 4.27 -25.32 -43.44
N LEU A 144 5.21 -25.39 -44.40
CA LEU A 144 5.89 -26.63 -44.74
C LEU A 144 7.30 -26.66 -44.19
N ASP A 145 7.70 -27.82 -43.65
CA ASP A 145 9.06 -28.05 -43.16
C ASP A 145 9.46 -27.02 -42.09
N ASP A 146 8.69 -26.98 -41.00
CA ASP A 146 8.91 -26.05 -39.88
C ASP A 146 8.90 -24.57 -40.27
N GLY A 147 8.11 -24.22 -41.28
CA GLY A 147 8.02 -22.84 -41.75
C GLY A 147 8.95 -22.45 -42.88
N LEU A 148 9.72 -23.42 -43.42
CA LEU A 148 10.65 -23.16 -44.54
C LEU A 148 9.95 -22.39 -45.68
N ILE A 149 8.80 -22.90 -46.11
CA ILE A 149 8.01 -22.24 -47.16
C ILE A 149 6.54 -22.22 -46.74
N GLU A 150 5.91 -21.05 -46.91
CA GLU A 150 4.55 -20.85 -46.43
C GLU A 150 3.56 -20.74 -47.58
N LEU A 151 2.52 -21.56 -47.55
CA LEU A 151 1.46 -21.58 -48.55
C LEU A 151 0.25 -20.78 -48.06
N GLN A 152 -0.76 -20.60 -48.91
CA GLN A 152 -2.01 -19.97 -48.52
C GLN A 152 -3.19 -20.47 -49.36
N VAL A 153 -4.26 -20.85 -48.67
CA VAL A 153 -5.42 -21.49 -49.29
C VAL A 153 -6.22 -20.57 -50.23
N LYS A 154 -6.19 -20.93 -51.52
CA LYS A 154 -6.85 -20.19 -52.59
C LYS A 154 -8.33 -20.64 -52.66
N ASP A 155 -8.53 -21.94 -52.83
CA ASP A 155 -9.87 -22.52 -52.97
C ASP A 155 -9.88 -23.93 -52.36
N ILE A 156 -11.06 -24.47 -52.06
CA ILE A 156 -11.22 -25.85 -51.58
C ILE A 156 -12.32 -26.61 -52.32
N ASP A 157 -11.96 -27.77 -52.89
CA ASP A 157 -12.93 -28.69 -53.50
C ASP A 157 -12.94 -29.99 -52.70
N HIS A 158 -14.03 -30.26 -51.99
CA HIS A 158 -14.21 -31.57 -51.35
C HIS A 158 -14.57 -32.60 -52.36
N ALA A 159 -14.94 -32.15 -53.56
CA ALA A 159 -15.13 -33.03 -54.69
C ALA A 159 -13.89 -33.89 -54.83
N LYS A 160 -12.82 -33.30 -55.35
CA LYS A 160 -11.56 -34.01 -55.51
C LYS A 160 -10.83 -34.20 -54.17
N LYS A 161 -11.34 -33.57 -53.11
CA LYS A 161 -10.65 -33.50 -51.81
C LYS A 161 -9.24 -32.95 -52.03
N GLU A 162 -9.19 -31.73 -52.53
CA GLU A 162 -7.92 -31.07 -52.80
C GLU A 162 -7.96 -29.65 -52.24
N VAL A 163 -6.78 -29.14 -51.89
CA VAL A 163 -6.64 -27.75 -51.46
C VAL A 163 -5.66 -27.01 -52.37
N LYS A 164 -6.21 -26.13 -53.19
CA LYS A 164 -5.43 -25.29 -54.09
C LYS A 164 -4.91 -24.14 -53.26
N CYS A 165 -3.61 -23.86 -53.40
CA CYS A 165 -2.94 -22.86 -52.57
C CYS A 165 -1.99 -22.00 -53.39
N ASP A 166 -1.79 -20.76 -52.96
CA ASP A 166 -0.77 -19.87 -53.53
C ASP A 166 0.55 -19.98 -52.74
N ILE A 167 1.60 -20.47 -53.39
CA ILE A 167 2.92 -20.53 -52.78
C ILE A 167 3.47 -19.09 -52.63
N LEU A 168 3.68 -18.65 -51.39
CA LEU A 168 4.10 -17.26 -51.09
C LEU A 168 5.62 -17.08 -51.05
N ASN A 169 6.31 -17.95 -50.31
CA ASN A 169 7.78 -17.95 -50.27
C ASN A 169 8.31 -19.22 -50.94
N SER A 170 9.27 -19.06 -51.84
CA SER A 170 9.75 -20.18 -52.65
C SER A 170 10.78 -21.00 -51.88
N GLY A 171 11.03 -22.22 -52.35
CA GLY A 171 12.00 -23.08 -51.69
C GLY A 171 11.79 -24.54 -51.99
N GLU A 172 12.73 -25.35 -51.52
CA GLU A 172 12.73 -26.78 -51.77
C GLU A 172 11.87 -27.52 -50.74
N LEU A 173 11.75 -28.84 -50.92
CA LEU A 173 10.91 -29.69 -50.09
C LEU A 173 11.37 -31.15 -50.15
N LYS A 174 11.84 -31.66 -49.02
CA LYS A 174 12.25 -33.07 -48.91
C LYS A 174 11.01 -33.94 -48.64
N ASN A 175 11.24 -35.23 -48.45
CA ASN A 175 10.18 -36.22 -48.33
C ASN A 175 9.33 -36.03 -47.06
N LYS A 176 9.63 -36.84 -46.04
CA LYS A 176 8.80 -36.93 -44.86
C LYS A 176 8.95 -35.69 -43.98
N LYS A 177 8.59 -34.52 -44.53
CA LYS A 177 8.77 -33.24 -43.83
C LYS A 177 7.46 -32.71 -43.22
N GLY A 178 7.57 -31.97 -42.13
CA GLY A 178 6.41 -31.54 -41.33
C GLY A 178 5.61 -30.39 -41.91
N VAL A 179 4.39 -30.24 -41.38
CA VAL A 179 3.41 -29.25 -41.86
C VAL A 179 2.70 -28.61 -40.66
N ASN A 180 2.56 -27.28 -40.62
CA ASN A 180 1.92 -26.61 -39.48
C ASN A 180 0.78 -25.67 -39.88
N LEU A 181 -0.32 -25.68 -39.13
CA LEU A 181 -1.53 -24.92 -39.47
C LEU A 181 -1.86 -23.88 -38.41
N PRO A 182 -1.36 -22.64 -38.55
CA PRO A 182 -1.59 -21.53 -37.62
C PRO A 182 -3.01 -21.42 -37.08
N GLY A 183 -3.20 -21.89 -35.84
CA GLY A 183 -4.51 -22.24 -35.27
C GLY A 183 -5.72 -21.44 -35.76
N VAL A 184 -6.73 -22.05 -36.37
CA VAL A 184 -6.82 -23.48 -36.72
C VAL A 184 -6.88 -24.46 -35.52
N ARG A 185 -8.08 -24.92 -35.21
CA ARG A 185 -8.26 -25.95 -34.21
C ARG A 185 -7.78 -27.25 -34.78
N VAL A 186 -6.48 -27.45 -34.86
CA VAL A 186 -5.97 -28.70 -35.41
C VAL A 186 -6.58 -29.89 -34.66
N SER A 187 -7.19 -30.79 -35.42
CA SER A 187 -8.13 -31.77 -34.90
C SER A 187 -7.50 -33.15 -34.72
N LEU A 188 -6.16 -33.18 -34.68
CA LEU A 188 -5.42 -34.40 -34.35
C LEU A 188 -5.89 -34.91 -33.00
N PRO A 189 -5.57 -36.18 -32.69
CA PRO A 189 -5.90 -36.70 -31.35
C PRO A 189 -4.96 -36.14 -30.29
N GLY A 190 -5.26 -36.43 -29.02
CA GLY A 190 -4.35 -36.02 -27.95
C GLY A 190 -2.98 -36.66 -28.06
N ILE A 191 -3.00 -37.97 -28.37
CA ILE A 191 -1.79 -38.82 -28.38
C ILE A 191 -1.76 -39.85 -29.52
N THR A 192 -0.56 -40.09 -30.07
CA THR A 192 -0.32 -41.15 -31.05
C THR A 192 -0.59 -42.48 -30.37
N GLU A 193 -0.73 -43.52 -31.19
CA GLU A 193 -0.67 -44.89 -30.70
C GLU A 193 0.73 -45.11 -30.14
N LYS A 194 1.73 -44.52 -30.80
CA LYS A 194 3.11 -44.59 -30.36
C LYS A 194 3.22 -44.03 -28.98
N ASP A 195 2.68 -42.82 -28.84
CA ASP A 195 2.70 -42.11 -27.58
C ASP A 195 2.13 -43.01 -26.51
N ALA A 196 0.94 -43.58 -26.76
CA ALA A 196 0.31 -44.50 -25.82
C ALA A 196 1.28 -45.62 -25.41
N GLU A 197 2.05 -46.17 -26.36
CA GLU A 197 3.05 -47.20 -26.03
C GLU A 197 4.20 -46.63 -25.24
N ASP A 198 4.67 -45.46 -25.68
CA ASP A 198 5.73 -44.74 -24.99
C ASP A 198 5.37 -44.57 -23.53
N ILE A 199 4.16 -44.07 -23.26
CA ILE A 199 3.78 -43.71 -21.89
C ILE A 199 3.50 -44.92 -21.00
N ARG A 200 3.21 -46.08 -21.60
CA ARG A 200 3.07 -47.31 -20.80
C ARG A 200 4.44 -47.76 -20.33
N PHE A 201 5.44 -47.49 -21.18
CA PHE A 201 6.83 -47.76 -20.88
C PHE A 201 7.24 -46.94 -19.66
N GLY A 202 6.79 -45.69 -19.67
CA GLY A 202 7.03 -44.77 -18.56
C GLY A 202 6.50 -45.37 -17.28
N ILE A 203 5.25 -45.82 -17.32
CA ILE A 203 4.61 -46.37 -16.13
C ILE A 203 5.39 -47.58 -15.61
N LYS A 204 6.00 -48.33 -16.53
CA LYS A 204 6.77 -49.54 -16.19
C LYS A 204 8.09 -49.22 -15.48
N GLU A 205 8.71 -48.11 -15.84
CA GLU A 205 9.96 -47.67 -15.19
C GLU A 205 9.75 -46.61 -14.05
N ASN A 206 8.51 -46.40 -13.62
CA ASN A 206 8.19 -45.41 -12.58
C ASN A 206 8.76 -44.02 -12.84
N VAL A 207 8.85 -43.67 -14.13
CA VAL A 207 9.35 -42.37 -14.56
C VAL A 207 8.50 -41.29 -13.87
N ASP A 208 9.07 -40.09 -13.68
CA ASP A 208 8.49 -39.06 -12.79
C ASP A 208 7.68 -37.99 -13.48
N PHE A 209 7.96 -37.76 -14.75
CA PHE A 209 7.29 -36.74 -15.54
C PHE A 209 7.00 -37.24 -16.95
N ILE A 210 5.91 -36.76 -17.52
CA ILE A 210 5.65 -36.97 -18.94
C ILE A 210 5.32 -35.62 -19.58
N ALA A 211 6.08 -35.25 -20.60
CA ALA A 211 5.89 -33.96 -21.26
C ALA A 211 5.11 -34.10 -22.55
N ALA A 212 3.78 -34.02 -22.44
CA ALA A 212 2.88 -34.23 -23.58
C ALA A 212 2.97 -33.16 -24.66
N SER A 213 3.21 -33.61 -25.88
CA SER A 213 3.48 -32.70 -26.96
C SER A 213 2.20 -32.22 -27.64
N PHE A 214 2.33 -31.03 -28.24
CA PHE A 214 1.27 -30.39 -29.02
C PHE A 214 -0.05 -30.42 -28.28
N VAL A 215 -0.02 -30.14 -26.97
CA VAL A 215 -1.27 -30.06 -26.21
C VAL A 215 -1.97 -28.76 -26.60
N ARG A 216 -3.30 -28.81 -26.58
CA ARG A 216 -4.12 -27.66 -27.00
C ARG A 216 -5.50 -27.60 -26.31
N ARG A 217 -6.01 -28.73 -25.86
CA ARG A 217 -7.20 -28.75 -25.02
C ARG A 217 -6.96 -29.64 -23.81
N PRO A 218 -7.77 -29.48 -22.77
CA PRO A 218 -7.73 -30.34 -21.57
C PRO A 218 -7.85 -31.83 -21.87
N SER A 219 -8.68 -32.17 -22.84
CA SER A 219 -8.84 -33.55 -23.37
C SER A 219 -7.49 -34.20 -23.58
N ASP A 220 -6.63 -33.48 -24.28
CA ASP A 220 -5.34 -34.00 -24.69
C ASP A 220 -4.49 -34.43 -23.50
N VAL A 221 -4.69 -33.75 -22.38
CA VAL A 221 -3.99 -34.14 -21.16
C VAL A 221 -4.71 -35.36 -20.59
N LEU A 222 -6.02 -35.21 -20.42
CA LEU A 222 -6.83 -36.27 -19.84
C LEU A 222 -6.57 -37.64 -20.52
N GLU A 223 -6.38 -37.64 -21.84
CA GLU A 223 -6.04 -38.88 -22.57
C GLU A 223 -4.83 -39.58 -21.96
N ILE A 224 -3.90 -38.81 -21.40
CA ILE A 224 -2.74 -39.40 -20.71
C ILE A 224 -3.06 -39.76 -19.26
N ARG A 225 -3.97 -39.01 -18.65
CA ARG A 225 -4.26 -39.22 -17.24
C ARG A 225 -5.12 -40.45 -17.05
N GLU A 226 -5.97 -40.77 -18.02
CA GLU A 226 -6.80 -41.97 -17.92
C GLU A 226 -5.95 -43.23 -18.03
N ILE A 227 -4.97 -43.19 -18.91
CA ILE A 227 -3.96 -44.26 -19.02
C ILE A 227 -3.21 -44.44 -17.70
N LEU A 228 -2.85 -43.32 -17.08
CA LEU A 228 -2.10 -43.36 -15.84
C LEU A 228 -2.98 -43.90 -14.71
N GLU A 229 -4.27 -43.58 -14.72
CA GLU A 229 -5.14 -43.98 -13.62
C GLU A 229 -5.50 -45.49 -13.66
N GLU A 230 -5.49 -46.07 -14.85
CA GLU A 230 -5.61 -47.53 -14.94
C GLU A 230 -4.53 -48.17 -14.12
N GLN A 231 -3.31 -47.68 -14.29
CA GLN A 231 -2.17 -48.21 -13.58
C GLN A 231 -1.98 -47.62 -12.19
N LYS A 232 -2.80 -46.62 -11.83
CA LYS A 232 -2.57 -45.83 -10.61
C LYS A 232 -1.09 -45.45 -10.51
N ALA A 233 -0.62 -44.74 -11.54
CA ALA A 233 0.81 -44.60 -11.79
C ALA A 233 1.46 -43.51 -10.98
N ASN A 234 0.74 -42.44 -10.69
CA ASN A 234 1.33 -41.24 -10.11
C ASN A 234 2.56 -40.80 -10.91
N ILE A 235 2.28 -40.10 -12.00
CA ILE A 235 3.29 -39.34 -12.74
C ILE A 235 2.74 -37.96 -13.02
N SER A 236 3.62 -36.97 -12.99
CA SER A 236 3.19 -35.60 -13.24
C SER A 236 3.15 -35.41 -14.77
N VAL A 237 2.14 -34.68 -15.22
CA VAL A 237 1.91 -34.49 -16.65
C VAL A 237 2.06 -33.00 -17.08
N PHE A 238 3.03 -32.76 -17.94
CA PHE A 238 3.42 -31.41 -18.31
C PHE A 238 3.15 -31.15 -19.79
N PRO A 239 2.06 -30.45 -20.09
CA PRO A 239 1.74 -29.97 -21.44
C PRO A 239 2.86 -29.16 -22.13
N LYS A 240 2.87 -29.11 -23.46
CA LYS A 240 3.93 -28.44 -24.20
C LYS A 240 3.48 -27.25 -25.04
N ILE A 241 2.25 -26.82 -24.87
CA ILE A 241 1.73 -25.60 -25.55
C ILE A 241 2.62 -25.05 -26.69
N GLU A 242 2.30 -25.46 -27.92
CA GLU A 242 3.02 -25.09 -29.15
C GLU A 242 2.21 -24.17 -30.11
N ASN A 243 0.91 -24.01 -29.89
CA ASN A 243 0.06 -23.26 -30.84
C ASN A 243 -1.02 -22.42 -30.20
N GLN A 244 -1.62 -21.55 -30.99
CA GLN A 244 -2.61 -20.61 -30.50
C GLN A 244 -3.70 -21.27 -29.68
N GLU A 245 -4.29 -22.33 -30.20
CA GLU A 245 -5.32 -23.02 -29.44
C GLU A 245 -4.81 -23.31 -28.02
N GLY A 246 -3.56 -23.76 -27.91
CA GLY A 246 -2.97 -24.07 -26.63
C GLY A 246 -2.85 -22.87 -25.72
N ILE A 247 -2.25 -21.79 -26.24
CA ILE A 247 -2.16 -20.52 -25.51
C ILE A 247 -3.52 -20.10 -24.99
N ASP A 248 -4.51 -20.13 -25.88
CA ASP A 248 -5.85 -19.66 -25.57
C ASP A 248 -6.44 -20.47 -24.41
N ASN A 249 -6.15 -21.77 -24.38
CA ASN A 249 -6.70 -22.66 -23.36
C ASN A 249 -5.79 -22.88 -22.14
N ILE A 250 -4.88 -21.94 -21.92
CA ILE A 250 -3.84 -22.14 -20.92
C ILE A 250 -4.38 -22.32 -19.53
N GLU A 251 -5.44 -21.60 -19.20
CA GLU A 251 -6.01 -21.76 -17.88
C GLU A 251 -6.61 -23.16 -17.75
N GLU A 252 -7.46 -23.51 -18.72
CA GLU A 252 -8.21 -24.75 -18.68
C GLU A 252 -7.28 -25.94 -18.70
N ILE A 253 -6.15 -25.82 -19.40
CA ILE A 253 -5.16 -26.89 -19.45
C ILE A 253 -4.48 -27.10 -18.10
N LEU A 254 -4.13 -26.00 -17.43
CA LEU A 254 -3.47 -26.11 -16.14
C LEU A 254 -4.47 -26.72 -15.15
N GLU A 255 -5.72 -26.30 -15.23
CA GLU A 255 -6.78 -26.88 -14.39
C GLU A 255 -6.57 -28.38 -14.24
N VAL A 256 -6.17 -29.02 -15.33
CA VAL A 256 -6.08 -30.48 -15.42
C VAL A 256 -4.67 -31.00 -15.55
N SER A 257 -3.66 -30.20 -15.25
CA SER A 257 -2.28 -30.60 -15.50
C SER A 257 -1.42 -30.35 -14.29
N ASP A 258 -0.33 -31.11 -14.18
CA ASP A 258 0.53 -31.08 -12.98
C ASP A 258 1.66 -30.04 -13.11
N GLY A 259 1.87 -29.52 -14.32
CA GLY A 259 2.93 -28.57 -14.54
C GLY A 259 2.77 -27.99 -15.92
N LEU A 260 3.88 -27.60 -16.58
CA LEU A 260 3.81 -27.01 -17.93
C LEU A 260 5.21 -26.82 -18.48
N MET A 261 5.35 -27.05 -19.78
CA MET A 261 6.57 -26.72 -20.50
C MET A 261 6.21 -25.62 -21.48
N VAL A 262 7.22 -24.86 -21.92
CA VAL A 262 7.06 -23.81 -22.90
C VAL A 262 8.25 -23.97 -23.82
N ALA A 263 8.06 -24.80 -24.86
CA ALA A 263 9.06 -24.90 -25.92
C ALA A 263 8.82 -23.71 -26.83
N ARG A 264 9.85 -22.88 -27.02
CA ARG A 264 9.72 -21.68 -27.85
C ARG A 264 10.02 -21.95 -29.33
N GLY A 265 10.88 -22.94 -29.59
CA GLY A 265 11.24 -23.32 -30.95
C GLY A 265 10.06 -23.90 -31.68
N ASP A 266 9.34 -24.76 -30.99
CA ASP A 266 8.11 -25.33 -31.51
C ASP A 266 7.08 -24.21 -31.67
N MET A 267 7.03 -23.32 -30.70
CA MET A 267 6.00 -22.29 -30.62
C MET A 267 6.22 -21.19 -31.64
N GLY A 268 7.48 -20.99 -32.00
CA GLY A 268 7.86 -19.90 -32.90
C GLY A 268 7.43 -20.17 -34.33
N VAL A 269 7.29 -21.45 -34.66
CA VAL A 269 6.83 -21.87 -35.98
C VAL A 269 5.41 -21.33 -36.23
N GLU A 270 4.45 -21.80 -35.43
CA GLU A 270 3.04 -21.46 -35.62
C GLU A 270 2.69 -20.03 -35.22
N ILE A 271 3.53 -19.36 -34.42
CA ILE A 271 3.25 -17.97 -34.07
C ILE A 271 4.51 -17.07 -34.17
N PRO A 272 4.30 -15.79 -34.52
CA PRO A 272 5.42 -14.91 -34.88
C PRO A 272 6.42 -14.76 -33.74
N PRO A 273 7.74 -14.94 -34.02
CA PRO A 273 8.80 -14.72 -33.02
C PRO A 273 8.77 -13.37 -32.28
N GLU A 274 8.30 -12.32 -32.94
CA GLU A 274 8.10 -11.01 -32.31
C GLU A 274 7.13 -11.09 -31.13
N LYS A 275 6.12 -11.95 -31.26
CA LYS A 275 5.04 -12.11 -30.27
C LYS A 275 5.39 -13.15 -29.19
N VAL A 276 6.45 -13.94 -29.39
CA VAL A 276 6.76 -15.14 -28.57
C VAL A 276 7.06 -14.87 -27.09
N PRO A 277 8.04 -13.99 -26.81
CA PRO A 277 8.41 -13.70 -25.43
C PRO A 277 7.24 -13.15 -24.65
N MET A 278 6.43 -12.29 -25.28
CA MET A 278 5.23 -11.76 -24.65
C MET A 278 4.35 -12.88 -24.13
N VAL A 279 4.21 -13.94 -24.93
CA VAL A 279 3.42 -15.11 -24.56
C VAL A 279 4.15 -15.94 -23.49
N GLN A 280 5.44 -16.21 -23.69
CA GLN A 280 6.24 -16.91 -22.68
C GLN A 280 6.02 -16.34 -21.28
N LYS A 281 6.12 -15.02 -21.18
CA LYS A 281 5.91 -14.33 -19.92
C LYS A 281 4.53 -14.65 -19.40
N ASP A 282 3.52 -14.46 -20.25
CA ASP A 282 2.15 -14.63 -19.82
C ASP A 282 1.84 -16.05 -19.35
N LEU A 283 2.45 -17.05 -19.99
CA LEU A 283 2.22 -18.46 -19.61
C LEU A 283 2.80 -18.72 -18.22
N ILE A 284 4.10 -18.43 -18.08
CA ILE A 284 4.82 -18.65 -16.83
C ILE A 284 4.11 -17.97 -15.67
N ARG A 285 3.71 -16.73 -15.89
CA ARG A 285 2.86 -16.03 -14.94
C ARG A 285 1.68 -16.93 -14.56
N GLN A 286 0.97 -17.41 -15.57
CA GLN A 286 -0.27 -18.15 -15.36
C GLN A 286 -0.06 -19.47 -14.61
N CYS A 287 1.16 -20.02 -14.72
CA CYS A 287 1.59 -21.17 -13.92
C CYS A 287 1.81 -20.78 -12.48
N ASN A 288 2.63 -19.75 -12.29
CA ASN A 288 2.91 -19.27 -10.94
C ASN A 288 1.62 -18.95 -10.19
N LYS A 289 0.63 -18.39 -10.89
CA LYS A 289 -0.65 -18.05 -10.26
C LYS A 289 -1.31 -19.25 -9.59
N LEU A 290 -1.11 -20.44 -10.16
CA LEU A 290 -1.73 -21.70 -9.68
C LEU A 290 -0.67 -22.64 -9.07
N GLY A 291 0.58 -22.20 -9.10
CA GLY A 291 1.64 -22.89 -8.41
C GLY A 291 2.07 -24.13 -9.12
N LYS A 292 1.74 -24.20 -10.41
CA LYS A 292 2.18 -25.31 -11.23
C LYS A 292 3.58 -24.91 -11.66
N PRO A 293 4.53 -25.84 -11.56
CA PRO A 293 5.90 -25.64 -12.00
C PRO A 293 5.92 -25.36 -13.48
N VAL A 294 6.81 -24.50 -13.95
CA VAL A 294 6.92 -24.29 -15.39
C VAL A 294 8.36 -24.52 -15.85
N ILE A 295 8.55 -25.21 -16.96
CA ILE A 295 9.87 -25.35 -17.60
C ILE A 295 9.95 -24.41 -18.80
N THR A 296 10.99 -23.62 -18.92
CA THR A 296 11.20 -22.88 -20.15
C THR A 296 12.17 -23.76 -20.92
N ALA A 297 11.89 -23.99 -22.21
CA ALA A 297 12.59 -25.01 -22.99
C ALA A 297 13.05 -24.51 -24.36
N THR A 298 13.99 -25.23 -24.97
CA THR A 298 14.37 -25.04 -26.38
C THR A 298 15.09 -23.72 -26.63
N GLN A 299 16.02 -23.73 -27.58
CA GLN A 299 16.71 -22.52 -28.04
C GLN A 299 17.36 -21.72 -26.89
N MET A 300 17.76 -22.42 -25.84
CA MET A 300 18.32 -21.74 -24.67
C MET A 300 19.75 -21.33 -24.95
N LEU A 301 20.64 -22.32 -24.95
CA LEU A 301 22.06 -22.12 -25.19
C LEU A 301 22.52 -22.97 -26.40
N ASP A 302 21.80 -22.84 -27.53
CA ASP A 302 22.06 -23.68 -28.71
C ASP A 302 23.40 -23.37 -29.39
N SER A 303 24.03 -22.24 -29.08
CA SER A 303 25.41 -21.97 -29.49
C SER A 303 26.40 -22.93 -28.83
N MET A 304 26.09 -23.40 -27.62
CA MET A 304 27.03 -24.23 -26.86
C MET A 304 27.14 -25.68 -27.33
N GLN A 305 26.37 -26.04 -28.35
CA GLN A 305 26.53 -27.34 -29.00
C GLN A 305 27.91 -27.36 -29.67
N ARG A 306 28.24 -26.26 -30.37
CA ARG A 306 29.51 -26.12 -31.09
C ARG A 306 30.61 -25.42 -30.29
N ASN A 307 30.22 -24.40 -29.52
CA ASN A 307 31.17 -23.57 -28.76
C ASN A 307 31.25 -24.01 -27.29
N PRO A 308 32.26 -23.52 -26.56
CA PRO A 308 32.40 -23.82 -25.13
C PRO A 308 31.85 -22.73 -24.19
N ARG A 309 31.37 -21.62 -24.74
CA ARG A 309 30.76 -20.55 -23.94
C ARG A 309 29.64 -19.83 -24.71
N ALA A 310 28.54 -19.54 -24.02
CA ALA A 310 27.36 -18.99 -24.67
C ALA A 310 27.51 -17.52 -25.02
N THR A 311 26.69 -17.04 -25.95
CA THR A 311 26.68 -15.65 -26.35
C THR A 311 26.05 -14.82 -25.24
N ARG A 312 26.09 -13.51 -25.44
CA ARG A 312 25.45 -12.58 -24.53
C ARG A 312 23.92 -12.67 -24.64
N ALA A 313 23.38 -12.69 -25.87
CA ALA A 313 21.92 -12.75 -26.10
C ALA A 313 21.28 -14.05 -25.60
N GLU A 314 22.07 -15.12 -25.53
CA GLU A 314 21.65 -16.38 -24.90
C GLU A 314 21.67 -16.24 -23.38
N ALA A 315 22.80 -15.78 -22.85
CA ALA A 315 22.86 -15.48 -21.43
C ALA A 315 21.67 -14.57 -21.05
N SER A 316 21.33 -13.56 -21.88
CA SER A 316 20.21 -12.62 -21.63
C SER A 316 18.87 -13.31 -21.61
N ASP A 317 18.63 -14.11 -22.63
CA ASP A 317 17.39 -14.87 -22.71
C ASP A 317 17.20 -15.88 -21.56
N VAL A 318 18.28 -16.56 -21.14
CA VAL A 318 18.17 -17.52 -20.03
C VAL A 318 17.70 -16.77 -18.80
N ALA A 319 18.43 -15.72 -18.46
CA ALA A 319 18.09 -14.90 -17.32
C ALA A 319 16.63 -14.44 -17.41
N ASN A 320 16.24 -13.81 -18.53
CA ASN A 320 14.86 -13.29 -18.69
C ASN A 320 13.78 -14.36 -18.55
N ALA A 321 14.17 -15.61 -18.74
CA ALA A 321 13.29 -16.71 -18.37
C ALA A 321 13.07 -16.67 -16.88
N ILE A 322 14.16 -16.56 -16.14
CA ILE A 322 14.14 -16.61 -14.68
C ILE A 322 13.47 -15.40 -14.11
N TYR A 323 13.67 -14.25 -14.73
CA TYR A 323 12.93 -13.05 -14.37
C TYR A 323 11.43 -13.16 -14.67
N ASP A 324 11.08 -13.87 -15.74
CA ASP A 324 9.65 -14.11 -16.06
C ASP A 324 8.96 -14.97 -15.01
N GLY A 325 9.74 -15.84 -14.36
CA GLY A 325 9.28 -16.57 -13.16
C GLY A 325 9.32 -18.07 -13.28
N THR A 326 10.36 -18.59 -13.94
CA THR A 326 10.36 -19.98 -14.41
C THR A 326 10.88 -20.93 -13.36
N ASP A 327 10.11 -21.96 -12.99
CA ASP A 327 10.59 -22.93 -11.98
C ASP A 327 11.84 -23.65 -12.45
N ALA A 328 12.07 -23.72 -13.76
CA ALA A 328 13.18 -24.52 -14.24
C ALA A 328 13.60 -24.12 -15.64
N VAL A 329 14.71 -24.70 -16.08
CA VAL A 329 15.28 -24.38 -17.39
C VAL A 329 15.90 -25.62 -18.02
N MET A 330 15.59 -25.80 -19.30
CA MET A 330 15.92 -27.03 -20.02
C MET A 330 17.04 -26.86 -21.08
N LEU A 331 17.73 -27.97 -21.34
CA LEU A 331 18.76 -28.00 -22.36
C LEU A 331 18.47 -29.16 -23.32
N SER A 332 18.30 -28.83 -24.59
CA SER A 332 18.06 -29.83 -25.62
C SER A 332 19.38 -30.37 -26.14
N GLY A 333 19.77 -29.97 -27.34
CA GLY A 333 20.96 -30.51 -27.99
C GLY A 333 22.25 -30.22 -27.24
N GLU A 334 22.25 -29.18 -26.42
CA GLU A 334 23.44 -28.72 -25.73
C GLU A 334 24.06 -29.84 -24.88
N THR A 335 23.21 -30.64 -24.25
CA THR A 335 23.65 -31.78 -23.44
C THR A 335 23.45 -33.12 -24.13
N ALA A 336 22.56 -33.17 -25.12
CA ALA A 336 22.21 -34.42 -25.79
C ALA A 336 23.30 -34.87 -26.76
N ALA A 337 23.46 -34.14 -27.86
CA ALA A 337 24.44 -34.50 -28.88
C ALA A 337 25.51 -33.43 -29.08
N GLY A 338 25.53 -32.41 -28.25
CA GLY A 338 26.48 -31.31 -28.40
C GLY A 338 27.89 -31.73 -28.06
N LEU A 339 28.85 -30.86 -28.40
CA LEU A 339 30.27 -31.12 -28.16
C LEU A 339 30.63 -30.88 -26.69
N TYR A 340 29.95 -29.92 -26.08
CA TYR A 340 30.27 -29.46 -24.73
C TYR A 340 29.04 -29.62 -23.85
N PRO A 341 28.90 -30.79 -23.20
CA PRO A 341 27.73 -31.01 -22.35
C PRO A 341 27.93 -30.44 -20.95
N GLU A 342 29.02 -30.82 -20.30
CA GLU A 342 29.30 -30.39 -18.94
C GLU A 342 29.34 -28.86 -18.83
N GLU A 343 29.91 -28.20 -19.84
CA GLU A 343 30.11 -26.76 -19.83
C GLU A 343 28.79 -26.01 -19.94
N ALA A 344 27.89 -26.58 -20.75
CA ALA A 344 26.55 -26.03 -20.93
C ALA A 344 25.72 -26.13 -19.67
N VAL A 345 25.94 -27.18 -18.88
CA VAL A 345 25.24 -27.34 -17.59
C VAL A 345 25.82 -26.38 -16.55
N LYS A 346 27.15 -26.35 -16.50
CA LYS A 346 27.83 -25.44 -15.61
C LYS A 346 27.33 -24.04 -15.89
N THR A 347 27.44 -23.59 -17.14
CA THR A 347 27.08 -22.22 -17.51
C THR A 347 25.58 -21.91 -17.31
N MET A 348 24.76 -22.95 -17.29
CA MET A 348 23.34 -22.76 -17.08
C MET A 348 23.15 -22.38 -15.65
N ARG A 349 23.79 -23.13 -14.76
CA ARG A 349 23.70 -22.88 -13.33
C ARG A 349 24.24 -21.47 -13.00
N ASN A 350 25.35 -21.11 -13.62
CA ASN A 350 25.94 -19.82 -13.39
C ASN A 350 24.95 -18.71 -13.65
N ILE A 351 24.41 -18.69 -14.87
CA ILE A 351 23.50 -17.60 -15.29
C ILE A 351 22.30 -17.52 -14.34
N ALA A 352 21.88 -18.68 -13.86
CA ALA A 352 20.80 -18.77 -12.89
C ALA A 352 21.17 -18.04 -11.60
N VAL A 353 22.27 -18.48 -11.00
CA VAL A 353 22.70 -17.91 -9.73
C VAL A 353 22.89 -16.43 -9.88
N SER A 354 23.47 -16.01 -11.01
CA SER A 354 23.67 -14.59 -11.31
C SER A 354 22.37 -13.79 -11.29
N ALA A 355 21.44 -14.14 -12.17
CA ALA A 355 20.21 -13.36 -12.32
C ALA A 355 19.16 -13.60 -11.24
N GLU A 356 19.45 -14.50 -10.30
CA GLU A 356 18.68 -14.60 -9.03
C GLU A 356 19.31 -13.70 -8.00
N ALA A 357 20.64 -13.81 -7.89
CA ALA A 357 21.42 -12.96 -6.99
C ALA A 357 20.86 -11.57 -7.08
N ALA A 358 20.71 -11.09 -8.32
CA ALA A 358 20.33 -9.72 -8.58
C ALA A 358 18.82 -9.50 -8.70
N GLN A 359 18.01 -10.04 -7.76
CA GLN A 359 16.55 -9.82 -7.84
C GLN A 359 15.78 -9.72 -6.52
N ASP A 360 14.87 -8.76 -6.49
CA ASP A 360 14.33 -8.19 -5.27
C ASP A 360 13.19 -9.02 -4.73
N TYR A 361 13.48 -9.86 -3.75
CA TYR A 361 12.50 -10.78 -3.23
C TYR A 361 11.32 -10.08 -2.58
N LYS A 362 11.49 -8.83 -2.17
CA LYS A 362 10.40 -8.05 -1.56
C LYS A 362 9.35 -7.78 -2.63
N LYS A 363 9.78 -7.22 -3.76
CA LYS A 363 8.85 -6.96 -4.86
C LYS A 363 8.25 -8.30 -5.21
N LEU A 364 9.14 -9.25 -5.49
CA LEU A 364 8.77 -10.60 -5.91
C LEU A 364 7.63 -11.17 -5.08
N LEU A 365 7.79 -11.14 -3.77
CA LEU A 365 6.75 -11.67 -2.85
C LEU A 365 5.47 -10.84 -2.91
N SER A 366 5.64 -9.51 -2.90
CA SER A 366 4.53 -8.56 -2.97
C SER A 366 3.73 -8.83 -4.22
N ASP A 367 4.49 -9.11 -5.28
CA ASP A 367 3.96 -9.45 -6.59
C ASP A 367 3.08 -10.72 -6.57
N ARG A 368 3.64 -11.79 -6.05
CA ARG A 368 2.89 -13.03 -5.88
C ARG A 368 1.73 -12.90 -4.88
N THR A 369 1.83 -12.03 -3.89
CA THR A 369 0.77 -11.89 -2.89
C THR A 369 -0.53 -11.36 -3.53
N LYS A 370 -0.37 -10.40 -4.43
CA LYS A 370 -1.49 -9.92 -5.23
C LYS A 370 -1.92 -10.95 -6.30
N LEU A 371 -0.94 -11.48 -7.04
CA LEU A 371 -1.14 -12.41 -8.19
C LEU A 371 -1.92 -13.67 -7.87
N VAL A 372 -1.40 -14.48 -6.94
CA VAL A 372 -2.12 -15.70 -6.49
C VAL A 372 -3.31 -15.38 -5.58
N GLU A 373 -4.27 -16.28 -5.59
CA GLU A 373 -5.54 -16.02 -4.94
C GLU A 373 -5.35 -16.10 -3.43
N THR A 374 -6.25 -15.43 -2.73
CA THR A 374 -6.23 -15.32 -1.29
C THR A 374 -7.29 -16.27 -0.71
N SER A 375 -6.85 -17.48 -0.33
CA SER A 375 -7.76 -18.58 0.00
C SER A 375 -7.26 -19.53 1.09
N LEU A 376 -8.20 -20.17 1.78
CA LEU A 376 -7.88 -21.12 2.86
C LEU A 376 -6.68 -22.06 2.58
N VAL A 377 -6.52 -22.42 1.31
CA VAL A 377 -5.44 -23.31 0.86
C VAL A 377 -4.05 -22.61 0.93
N ASN A 378 -4.07 -21.34 0.60
CA ASN A 378 -2.86 -20.55 0.48
C ASN A 378 -2.45 -19.79 1.75
N ALA A 379 -3.40 -19.67 2.71
CA ALA A 379 -3.17 -18.82 3.89
C ALA A 379 -1.74 -18.96 4.42
N ILE A 380 -1.26 -20.18 4.46
CA ILE A 380 -0.03 -20.42 5.14
C ILE A 380 1.13 -20.09 4.28
N GLY A 381 0.98 -20.30 2.99
CA GLY A 381 2.03 -19.92 2.04
C GLY A 381 2.35 -18.45 2.13
N ILE A 382 1.30 -17.65 2.35
CA ILE A 382 1.39 -16.19 2.44
C ILE A 382 2.12 -15.80 3.72
N SER A 383 1.62 -16.33 4.86
CA SER A 383 2.22 -16.06 6.16
C SER A 383 3.67 -16.51 6.14
N VAL A 384 3.94 -17.74 5.72
CA VAL A 384 5.32 -18.20 5.71
C VAL A 384 6.23 -17.28 4.91
N ALA A 385 5.79 -16.81 3.75
CA ALA A 385 6.66 -16.07 2.83
C ALA A 385 7.03 -14.72 3.40
N HIS A 386 6.03 -14.07 4.00
CA HIS A 386 6.26 -12.80 4.68
C HIS A 386 7.15 -12.98 5.90
N THR A 387 6.72 -13.85 6.80
CA THR A 387 7.51 -14.17 8.00
C THR A 387 8.95 -14.46 7.61
N ALA A 388 9.14 -15.23 6.55
CA ALA A 388 10.47 -15.57 6.09
C ALA A 388 11.25 -14.33 5.67
N LEU A 389 10.61 -13.44 4.90
CA LEU A 389 11.30 -12.25 4.42
C LEU A 389 11.68 -11.30 5.55
N ASN A 390 10.71 -11.02 6.43
CA ASN A 390 10.87 -10.02 7.49
C ASN A 390 11.79 -10.41 8.61
N LEU A 391 11.79 -11.69 8.98
CA LEU A 391 12.66 -12.15 10.05
C LEU A 391 13.98 -12.71 9.53
N ASN A 392 14.16 -12.74 8.22
CA ASN A 392 15.38 -13.27 7.61
C ASN A 392 15.74 -14.70 8.10
N VAL A 393 14.80 -15.61 7.89
CA VAL A 393 14.95 -17.03 8.26
C VAL A 393 15.82 -17.76 7.24
N LYS A 394 16.72 -18.61 7.71
CA LYS A 394 17.66 -19.31 6.84
C LYS A 394 16.98 -20.35 5.97
N ALA A 395 16.00 -21.07 6.51
CA ALA A 395 15.39 -22.16 5.78
C ALA A 395 13.96 -22.45 6.20
N ILE A 396 13.11 -22.62 5.19
CA ILE A 396 11.74 -23.08 5.38
C ILE A 396 11.71 -24.59 5.14
N VAL A 397 11.59 -25.38 6.19
CA VAL A 397 11.50 -26.82 6.04
C VAL A 397 10.02 -27.23 5.83
N ALA A 398 9.72 -27.76 4.63
CA ALA A 398 8.37 -28.11 4.18
C ALA A 398 8.15 -29.62 4.23
N ALA A 399 7.26 -30.07 5.11
CA ALA A 399 6.96 -31.50 5.27
C ALA A 399 5.78 -31.95 4.39
N THR A 400 6.08 -32.83 3.43
CA THR A 400 5.11 -33.25 2.40
C THR A 400 5.06 -34.74 2.12
N GLU A 401 3.84 -35.23 1.94
CA GLU A 401 3.62 -36.58 1.46
C GLU A 401 3.65 -36.49 -0.06
N SER A 402 2.77 -35.66 -0.60
CA SER A 402 2.62 -35.51 -2.04
C SER A 402 3.60 -34.51 -2.59
N GLY A 403 3.74 -33.38 -1.91
CA GLY A 403 4.56 -32.28 -2.39
C GLY A 403 3.80 -30.97 -2.49
N SER A 404 2.47 -30.99 -2.35
CA SER A 404 1.68 -29.78 -2.47
C SER A 404 2.20 -28.68 -1.53
N THR A 405 2.56 -29.05 -0.30
CA THR A 405 3.11 -28.05 0.62
C THR A 405 4.43 -27.44 0.11
N ALA A 406 5.28 -28.25 -0.50
CA ALA A 406 6.52 -27.70 -1.06
C ALA A 406 6.21 -26.72 -2.19
N ARG A 407 5.14 -26.99 -2.94
CA ARG A 407 4.77 -26.12 -4.06
C ARG A 407 3.96 -24.95 -3.53
N THR A 408 3.22 -25.14 -2.45
CA THR A 408 2.48 -24.01 -1.90
C THR A 408 3.46 -22.99 -1.39
N ILE A 409 4.60 -23.45 -0.88
CA ILE A 409 5.63 -22.52 -0.42
C ILE A 409 6.45 -21.97 -1.55
N SER A 410 6.85 -22.81 -2.49
CA SER A 410 7.60 -22.36 -3.65
C SER A 410 6.91 -21.22 -4.41
N LYS A 411 5.59 -21.28 -4.57
CA LYS A 411 4.89 -20.36 -5.49
C LYS A 411 4.97 -18.89 -5.05
N TYR A 412 5.18 -18.70 -3.75
CA TYR A 412 5.35 -17.36 -3.18
C TYR A 412 6.82 -16.94 -3.10
N ARG A 413 7.71 -17.72 -3.70
CA ARG A 413 9.05 -17.26 -3.99
C ARG A 413 9.78 -16.53 -2.87
N PRO A 414 10.09 -17.23 -1.75
CA PRO A 414 10.83 -16.58 -0.69
C PRO A 414 12.35 -16.80 -0.78
N HIS A 415 13.14 -15.79 -0.35
CA HIS A 415 14.60 -15.87 -0.40
C HIS A 415 15.06 -17.15 0.25
N SER A 416 14.42 -17.48 1.38
CA SER A 416 14.80 -18.66 2.17
C SER A 416 14.82 -19.93 1.34
N ASP A 417 15.76 -20.81 1.65
CA ASP A 417 15.90 -22.07 0.95
C ASP A 417 14.81 -22.96 1.46
N ILE A 418 14.03 -23.52 0.55
CA ILE A 418 12.95 -24.40 0.94
C ILE A 418 13.57 -25.78 1.02
N ILE A 419 13.18 -26.54 2.04
CA ILE A 419 13.62 -27.94 2.20
C ILE A 419 12.38 -28.84 2.29
N ALA A 420 12.26 -29.79 1.37
CA ALA A 420 11.09 -30.70 1.36
C ALA A 420 11.44 -32.05 1.99
N VAL A 421 11.01 -32.25 3.25
CA VAL A 421 11.24 -33.52 3.94
C VAL A 421 10.07 -34.41 3.56
N THR A 422 10.38 -35.49 2.85
CA THR A 422 9.34 -36.41 2.36
C THR A 422 9.65 -37.90 2.64
N PRO A 423 8.63 -38.64 3.12
CA PRO A 423 8.79 -40.08 3.24
C PRO A 423 8.77 -40.76 1.89
N SER A 424 8.00 -40.24 0.94
CA SER A 424 7.94 -40.80 -0.41
C SER A 424 9.15 -40.42 -1.26
N GLU A 425 9.91 -41.43 -1.68
CA GLU A 425 11.07 -41.26 -2.54
C GLU A 425 10.66 -40.61 -3.85
N GLU A 426 9.52 -41.05 -4.38
CA GLU A 426 9.07 -40.57 -5.68
C GLU A 426 8.55 -39.14 -5.63
N THR A 427 7.85 -38.77 -4.56
CA THR A 427 7.41 -37.37 -4.43
C THR A 427 8.63 -36.48 -4.26
N ALA A 428 9.70 -37.03 -3.68
CA ALA A 428 10.99 -36.32 -3.64
C ALA A 428 11.50 -36.00 -5.03
N ARG A 429 11.41 -36.95 -5.95
CA ARG A 429 11.87 -36.67 -7.31
C ARG A 429 10.95 -35.69 -8.04
N GLN A 430 9.67 -35.68 -7.70
CA GLN A 430 8.76 -34.73 -8.31
C GLN A 430 9.08 -33.32 -7.81
N CYS A 431 9.63 -33.24 -6.61
CA CYS A 431 10.00 -31.95 -6.04
C CYS A 431 11.18 -31.35 -6.75
N SER A 432 12.11 -32.20 -7.16
CA SER A 432 13.34 -31.74 -7.79
C SER A 432 13.15 -30.72 -8.93
N ILE A 433 11.92 -30.51 -9.41
CA ILE A 433 11.70 -29.53 -10.46
C ILE A 433 11.10 -28.22 -9.98
N VAL A 434 10.46 -28.22 -8.81
CA VAL A 434 9.78 -27.00 -8.36
C VAL A 434 10.81 -26.02 -7.89
N TRP A 435 10.41 -24.74 -7.94
CA TRP A 435 11.35 -23.66 -7.74
C TRP A 435 11.79 -23.62 -6.32
N GLY A 436 13.09 -23.47 -6.13
CA GLY A 436 13.68 -23.27 -4.81
C GLY A 436 13.70 -24.45 -3.83
N VAL A 437 13.14 -25.59 -4.22
CA VAL A 437 12.96 -26.67 -3.26
C VAL A 437 14.08 -27.69 -3.35
N GLN A 438 14.79 -27.86 -2.25
CA GLN A 438 15.87 -28.85 -2.15
C GLN A 438 15.32 -29.98 -1.27
N PRO A 439 14.94 -31.12 -1.89
CA PRO A 439 14.21 -32.20 -1.20
C PRO A 439 15.11 -33.21 -0.53
N VAL A 440 14.64 -33.76 0.59
CA VAL A 440 15.35 -34.85 1.28
C VAL A 440 14.32 -35.90 1.69
N VAL A 441 14.75 -37.16 1.77
CA VAL A 441 13.87 -38.25 2.17
C VAL A 441 14.19 -38.73 3.57
N LYS A 442 13.36 -38.33 4.52
CA LYS A 442 13.41 -38.85 5.87
C LYS A 442 12.13 -39.66 6.05
N LYS A 443 12.18 -40.57 7.02
CA LYS A 443 11.15 -41.58 7.19
C LYS A 443 9.98 -41.08 8.03
N GLY A 444 8.80 -41.64 7.76
CA GLY A 444 7.54 -41.12 8.29
C GLY A 444 7.40 -41.08 9.81
N ARG A 445 7.10 -39.89 10.32
CA ARG A 445 6.75 -39.67 11.72
C ARG A 445 5.25 -39.59 11.78
N LYS A 446 4.65 -40.08 12.86
CA LYS A 446 3.21 -40.00 12.95
C LYS A 446 2.78 -38.69 13.62
N SER A 447 3.27 -38.44 14.82
CA SER A 447 2.81 -37.31 15.61
C SER A 447 3.39 -35.97 15.16
N THR A 448 2.56 -34.93 15.20
CA THR A 448 2.98 -33.55 14.93
C THR A 448 4.33 -33.26 15.59
N ASP A 449 4.48 -33.70 16.85
CA ASP A 449 5.69 -33.46 17.61
C ASP A 449 6.92 -34.05 16.94
N ALA A 450 6.79 -35.29 16.47
CA ALA A 450 7.88 -35.96 15.78
C ALA A 450 8.20 -35.20 14.50
N LEU A 451 7.15 -34.75 13.82
CA LEU A 451 7.28 -34.02 12.57
C LEU A 451 8.11 -32.78 12.76
N LEU A 452 7.87 -32.10 13.87
CA LEU A 452 8.54 -30.83 14.15
C LEU A 452 10.01 -31.06 14.51
N ASN A 453 10.26 -31.99 15.43
CA ASN A 453 11.62 -32.25 15.86
C ASN A 453 12.47 -32.79 14.73
N ASN A 454 11.88 -33.67 13.93
CA ASN A 454 12.59 -34.19 12.77
C ASN A 454 13.01 -33.03 11.89
N ALA A 455 12.02 -32.27 11.42
CA ALA A 455 12.28 -31.12 10.57
C ALA A 455 13.55 -30.39 11.00
N VAL A 456 13.56 -29.96 12.26
CA VAL A 456 14.67 -29.18 12.83
C VAL A 456 16.00 -29.94 12.71
N ALA A 457 15.95 -31.25 12.94
CA ALA A 457 17.10 -32.13 12.73
C ALA A 457 17.51 -32.12 11.25
N THR A 458 16.52 -32.34 10.38
CA THR A 458 16.80 -32.48 8.95
C THR A 458 17.44 -31.22 8.40
N ALA A 459 16.99 -30.06 8.89
CA ALA A 459 17.46 -28.78 8.39
C ALA A 459 18.92 -28.60 8.77
N VAL A 460 19.31 -29.09 9.95
CA VAL A 460 20.67 -28.94 10.41
C VAL A 460 21.58 -29.92 9.72
N GLU A 461 21.05 -31.11 9.44
CA GLU A 461 21.87 -32.15 8.81
C GLU A 461 22.10 -31.88 7.33
N THR A 462 21.29 -31.03 6.72
CA THR A 462 21.63 -30.52 5.39
C THR A 462 22.91 -29.68 5.50
N GLY A 463 23.11 -29.02 6.63
CA GLY A 463 24.27 -28.18 6.83
C GLY A 463 23.98 -26.71 6.54
N ARG A 464 22.91 -26.44 5.79
CA ARG A 464 22.57 -25.06 5.39
C ARG A 464 22.20 -24.20 6.62
N VAL A 465 21.66 -24.82 7.68
CA VAL A 465 21.34 -24.13 8.93
C VAL A 465 22.25 -24.63 10.06
N THR A 466 22.69 -23.71 10.92
CA THR A 466 23.40 -24.04 12.18
C THR A 466 22.68 -23.39 13.37
N ASN A 467 23.37 -23.18 14.48
CA ASN A 467 22.71 -22.82 15.74
C ASN A 467 22.11 -21.43 15.83
N GLY A 468 22.72 -20.47 15.15
CA GLY A 468 22.21 -19.10 15.17
C GLY A 468 20.86 -18.94 14.49
N ASP A 469 20.60 -19.79 13.51
CA ASP A 469 19.60 -19.51 12.48
C ASP A 469 18.11 -19.67 12.87
N LEU A 470 17.27 -18.93 12.16
CA LEU A 470 15.82 -19.07 12.25
C LEU A 470 15.30 -20.03 11.16
N ILE A 471 14.26 -20.79 11.50
CA ILE A 471 13.72 -21.84 10.64
C ILE A 471 12.20 -21.78 10.69
N ILE A 472 11.53 -21.87 9.55
CA ILE A 472 10.06 -21.99 9.53
C ILE A 472 9.73 -23.44 9.16
N ILE A 473 9.02 -24.11 10.04
CA ILE A 473 8.61 -25.48 9.80
C ILE A 473 7.15 -25.44 9.40
N THR A 474 6.83 -25.94 8.21
CA THR A 474 5.45 -25.95 7.76
C THR A 474 5.09 -27.30 7.20
N ALA A 475 3.82 -27.66 7.38
CA ALA A 475 3.27 -28.94 6.95
C ALA A 475 1.74 -28.89 7.03
N GLY A 476 1.10 -29.91 6.48
CA GLY A 476 -0.33 -30.13 6.70
C GLY A 476 -0.46 -31.12 7.84
N VAL A 477 -1.09 -30.72 8.94
CA VAL A 477 -1.34 -31.68 10.03
C VAL A 477 -2.82 -31.69 10.40
N PRO A 478 -3.29 -32.84 10.93
CA PRO A 478 -2.51 -34.07 11.14
C PRO A 478 -2.14 -34.76 9.82
N THR A 479 -0.99 -35.42 9.75
CA THR A 479 -0.46 -35.89 8.46
C THR A 479 -1.41 -36.85 7.73
N GLY A 480 -2.29 -37.52 8.49
CA GLY A 480 -3.41 -38.28 7.92
C GLY A 480 -4.29 -37.40 7.04
N GLU A 481 -5.20 -36.65 7.66
CA GLU A 481 -6.19 -35.84 6.94
C GLU A 481 -5.57 -34.64 6.22
N THR A 482 -4.31 -34.78 5.80
CA THR A 482 -3.60 -33.73 5.09
C THR A 482 -4.20 -33.57 3.72
N GLY A 483 -4.84 -32.42 3.50
CA GLY A 483 -5.23 -32.01 2.17
C GLY A 483 -4.25 -30.96 1.72
N THR A 484 -4.24 -29.88 2.50
CA THR A 484 -3.44 -28.70 2.20
C THR A 484 -2.56 -28.40 3.40
N THR A 485 -1.54 -27.59 3.19
CA THR A 485 -0.68 -27.15 4.29
C THR A 485 -1.47 -26.23 5.20
N ASN A 486 -1.40 -26.46 6.51
CA ASN A 486 -2.24 -25.70 7.46
C ASN A 486 -1.59 -25.30 8.80
N MET A 487 -0.28 -25.44 8.93
CA MET A 487 0.39 -24.93 10.11
C MET A 487 1.86 -24.55 9.86
N MET A 488 2.32 -23.57 10.63
CA MET A 488 3.71 -23.15 10.62
C MET A 488 4.20 -22.98 12.04
N LYS A 489 5.51 -23.15 12.22
CA LYS A 489 6.19 -22.93 13.48
C LYS A 489 7.46 -22.22 13.10
N ILE A 490 7.77 -21.14 13.84
CA ILE A 490 9.04 -20.40 13.70
C ILE A 490 9.90 -21.01 14.80
N HIS A 491 11.18 -21.25 14.53
CA HIS A 491 12.02 -21.98 15.49
C HIS A 491 13.47 -21.59 15.42
N LEU A 492 14.02 -21.11 16.54
CA LEU A 492 15.45 -20.84 16.59
C LEU A 492 16.16 -22.17 16.75
N VAL A 493 17.21 -22.40 15.96
CA VAL A 493 17.90 -23.68 15.97
C VAL A 493 18.73 -23.82 17.23
N GLY A 494 18.05 -23.92 18.37
CA GLY A 494 18.69 -24.03 19.69
C GLY A 494 19.72 -22.92 19.91
N ASP A 495 20.39 -22.90 21.07
CA ASP A 495 20.02 -23.66 22.26
C ASP A 495 20.72 -23.00 23.45
N GLU A 496 20.06 -21.98 23.99
CA GLU A 496 20.51 -21.18 25.14
C GLU A 496 21.65 -21.77 25.99
N ILE A 497 22.87 -21.24 25.85
CA ILE A 497 24.01 -21.76 26.63
C ILE A 497 23.91 -21.39 28.11
N ALA A 498 23.36 -20.21 28.40
CA ALA A 498 23.09 -19.78 29.77
C ALA A 498 21.72 -19.15 29.80
N ASN A 499 21.14 -19.01 30.99
CA ASN A 499 19.90 -18.26 31.14
C ASN A 499 19.64 -17.80 32.57
N GLY A 500 18.58 -17.03 32.75
CA GLY A 500 18.23 -16.45 34.04
C GLY A 500 17.17 -15.37 33.91
N GLN A 501 17.15 -14.47 34.88
CA GLN A 501 16.18 -13.37 34.94
C GLN A 501 16.66 -12.23 34.06
N GLY A 502 15.99 -12.02 32.93
CA GLY A 502 16.37 -10.94 32.02
C GLY A 502 15.79 -9.62 32.46
N ILE A 503 16.56 -8.54 32.31
CA ILE A 503 16.10 -7.19 32.63
C ILE A 503 16.27 -6.31 31.41
N GLY A 504 15.29 -5.45 31.17
CA GLY A 504 15.19 -4.80 29.88
C GLY A 504 14.44 -5.76 28.98
N ARG A 505 14.34 -5.42 27.70
CA ARG A 505 13.65 -6.23 26.70
C ARG A 505 14.40 -6.35 25.35
N GLY A 506 15.56 -5.74 25.23
CA GLY A 506 16.29 -5.69 23.97
C GLY A 506 17.14 -6.92 23.75
N SER A 507 18.28 -6.73 23.07
CA SER A 507 19.25 -7.80 22.76
C SER A 507 20.43 -7.26 21.97
N VAL A 508 21.58 -7.92 22.10
CA VAL A 508 22.76 -7.54 21.31
C VAL A 508 23.68 -8.72 21.10
N VAL A 509 24.59 -8.56 20.14
CA VAL A 509 25.70 -9.49 19.93
C VAL A 509 26.98 -8.80 20.40
N GLY A 510 27.90 -9.57 20.94
CA GLY A 510 29.13 -9.01 21.48
C GLY A 510 29.99 -10.06 22.15
N THR A 511 31.30 -9.80 22.17
CA THR A 511 32.27 -10.72 22.73
C THR A 511 32.36 -10.53 24.26
N THR A 512 32.41 -11.63 25.02
CA THR A 512 32.39 -11.55 26.49
C THR A 512 33.68 -11.02 27.10
N LEU A 513 33.59 -10.64 28.37
CA LEU A 513 34.73 -10.21 29.16
C LEU A 513 34.44 -10.51 30.65
N VAL A 514 34.66 -11.78 31.04
CA VAL A 514 34.40 -12.23 32.43
C VAL A 514 35.29 -11.43 33.37
N ALA A 515 34.67 -10.65 34.26
CA ALA A 515 35.40 -9.78 35.19
C ALA A 515 35.30 -10.29 36.62
N GLU A 516 36.43 -10.68 37.20
CA GLU A 516 36.48 -11.10 38.58
C GLU A 516 36.52 -9.85 39.48
N THR A 517 37.30 -8.85 39.05
CA THR A 517 37.48 -7.60 39.79
C THR A 517 37.06 -6.40 38.94
N VAL A 518 36.80 -5.28 39.62
CA VAL A 518 36.62 -3.98 38.95
C VAL A 518 37.85 -3.59 38.14
N LYS A 519 39.02 -4.02 38.61
CA LYS A 519 40.31 -3.79 37.95
C LYS A 519 40.57 -4.83 36.86
N ASP A 520 39.73 -5.86 36.81
CA ASP A 520 39.80 -6.90 35.77
C ASP A 520 39.11 -6.44 34.47
N LEU A 521 38.92 -5.14 34.34
CA LEU A 521 38.42 -4.54 33.12
C LEU A 521 38.73 -3.02 33.06
N GLU A 522 39.81 -2.61 33.73
CA GLU A 522 40.10 -1.19 33.95
C GLU A 522 40.73 -0.51 32.73
N GLY A 523 42.02 -0.76 32.50
CA GLY A 523 42.76 -0.08 31.43
C GLY A 523 42.79 -0.87 30.13
N LYS A 524 41.73 -1.63 29.89
CA LYS A 524 41.64 -2.52 28.74
C LYS A 524 40.16 -2.65 28.35
N ASP A 525 39.55 -1.53 27.96
CA ASP A 525 38.11 -1.51 27.70
C ASP A 525 37.67 -0.61 26.53
N LEU A 526 37.38 -1.24 25.39
CA LEU A 526 36.55 -0.62 24.37
C LEU A 526 35.09 -0.84 24.81
N SER A 527 34.17 -0.48 23.93
CA SER A 527 32.75 -0.79 24.09
C SER A 527 32.51 -2.25 23.66
N ASP A 528 31.52 -2.47 22.79
CA ASP A 528 31.32 -3.73 22.04
C ASP A 528 31.53 -5.09 22.75
N LYS A 529 31.34 -5.12 24.06
CA LYS A 529 31.53 -6.36 24.82
C LYS A 529 30.44 -6.55 25.86
N VAL A 530 30.22 -7.79 26.28
CA VAL A 530 29.21 -8.10 27.30
C VAL A 530 29.90 -8.65 28.55
N ILE A 531 29.85 -7.88 29.64
CA ILE A 531 30.62 -8.17 30.86
C ILE A 531 29.93 -9.17 31.79
N VAL A 532 30.72 -10.07 32.40
CA VAL A 532 30.16 -11.15 33.24
C VAL A 532 30.83 -11.19 34.63
N THR A 533 30.16 -10.56 35.60
CA THR A 533 30.69 -10.45 36.97
C THR A 533 29.78 -11.20 37.95
N ASN A 534 30.12 -11.18 39.24
CA ASN A 534 29.21 -11.72 40.24
C ASN A 534 28.04 -10.77 40.48
N SER A 535 28.36 -9.58 40.97
CA SER A 535 27.36 -8.52 41.11
C SER A 535 27.98 -7.19 40.71
N ILE A 536 27.18 -6.13 40.82
CA ILE A 536 27.66 -4.78 40.59
C ILE A 536 27.79 -4.01 41.92
N ASP A 537 28.98 -3.43 42.12
CA ASP A 537 29.27 -2.51 43.21
C ASP A 537 29.07 -1.08 42.70
N GLU A 538 29.45 -0.11 43.54
CA GLU A 538 29.63 1.26 43.12
C GLU A 538 30.80 1.39 42.13
N THR A 539 31.80 0.49 42.28
CA THR A 539 33.03 0.49 41.48
C THR A 539 32.88 -0.19 40.11
N PHE A 540 31.82 -0.97 39.94
CA PHE A 540 31.47 -1.56 38.63
C PHE A 540 30.64 -0.59 37.80
N VAL A 541 29.74 0.15 38.45
CA VAL A 541 28.78 1.06 37.76
C VAL A 541 29.37 2.13 36.81
N PRO A 542 30.65 2.53 37.00
CA PRO A 542 31.25 3.36 35.96
C PRO A 542 31.53 2.60 34.64
N TYR A 543 31.95 1.34 34.75
CA TYR A 543 32.39 0.56 33.60
C TYR A 543 31.22 -0.05 32.80
N VAL A 544 30.12 -0.37 33.49
CA VAL A 544 28.94 -1.04 32.87
C VAL A 544 28.32 -0.21 31.73
N GLU A 545 28.11 1.08 31.98
CA GLU A 545 27.54 2.03 31.00
C GLU A 545 28.31 2.13 29.66
N LYS A 546 29.61 1.84 29.71
CA LYS A 546 30.46 1.90 28.53
C LYS A 546 30.29 0.66 27.65
N ALA A 547 29.70 -0.39 28.21
CA ALA A 547 29.63 -1.72 27.59
C ALA A 547 28.36 -1.93 26.77
N LEU A 548 28.28 -3.11 26.14
CA LEU A 548 27.14 -3.52 25.30
C LEU A 548 26.04 -4.25 26.08
N GLY A 549 26.44 -5.24 26.88
CA GLY A 549 25.50 -6.07 27.66
C GLY A 549 26.09 -6.47 29.00
N LEU A 550 25.28 -7.12 29.83
CA LEU A 550 25.72 -7.51 31.18
C LEU A 550 25.06 -8.81 31.63
N ILE A 551 25.88 -9.70 32.21
CA ILE A 551 25.39 -10.96 32.77
C ILE A 551 25.94 -11.10 34.19
N THR A 552 25.09 -10.84 35.18
CA THR A 552 25.50 -10.93 36.58
C THR A 552 25.05 -12.27 37.14
N GLU A 553 25.77 -12.77 38.15
CA GLU A 553 25.70 -14.20 38.50
C GLU A 553 24.39 -14.52 39.20
N GLU A 554 24.23 -13.97 40.38
CA GLU A 554 23.03 -14.14 41.16
C GLU A 554 22.53 -12.72 41.22
N ASN A 555 21.25 -12.55 41.57
CA ASN A 555 20.69 -11.23 41.90
C ASN A 555 19.16 -11.28 41.77
N GLY A 556 18.49 -10.21 42.19
CA GLY A 556 17.04 -10.04 41.98
C GLY A 556 16.72 -8.88 41.03
N ILE A 557 15.43 -8.55 40.86
CA ILE A 557 15.02 -7.59 39.82
C ILE A 557 15.39 -6.13 40.10
N THR A 558 15.50 -5.77 41.37
CA THR A 558 15.83 -4.38 41.69
C THR A 558 17.26 -4.27 42.17
N SER A 559 18.03 -5.34 41.95
CA SER A 559 19.42 -5.46 42.40
C SER A 559 20.30 -4.33 41.90
N PRO A 560 21.51 -4.20 42.46
CA PRO A 560 22.41 -3.18 41.91
C PRO A 560 22.70 -3.45 40.43
N SER A 561 22.83 -4.73 40.10
CA SER A 561 23.14 -5.18 38.75
C SER A 561 22.00 -4.93 37.77
N ALA A 562 20.78 -5.18 38.24
CA ALA A 562 19.57 -5.02 37.44
C ALA A 562 19.21 -3.56 37.21
N ILE A 563 19.16 -2.80 38.31
CA ILE A 563 18.72 -1.41 38.26
C ILE A 563 19.64 -0.58 37.34
N VAL A 564 20.95 -0.85 37.40
CA VAL A 564 21.95 -0.12 36.61
C VAL A 564 21.88 -0.44 35.12
N GLY A 565 21.40 -1.64 34.80
CA GLY A 565 21.20 -2.04 33.41
C GLY A 565 19.99 -1.35 32.81
N LEU A 566 18.83 -1.53 33.43
CA LEU A 566 17.57 -0.93 32.96
C LEU A 566 17.72 0.57 32.78
N GLU A 567 18.31 1.23 33.77
CA GLU A 567 18.47 2.68 33.76
C GLU A 567 19.28 3.16 32.57
N LYS A 568 20.42 2.52 32.34
CA LYS A 568 21.33 2.96 31.29
C LYS A 568 20.92 2.43 29.92
N GLY A 569 19.87 1.60 29.87
CA GLY A 569 19.36 1.06 28.61
C GLY A 569 20.19 -0.08 28.02
N ILE A 570 20.89 -0.81 28.88
CA ILE A 570 21.68 -1.94 28.43
C ILE A 570 20.88 -3.21 28.72
N PRO A 571 20.76 -4.08 27.71
CA PRO A 571 20.12 -5.35 27.97
C PRO A 571 20.98 -6.20 28.91
N THR A 572 20.37 -6.75 29.95
CA THR A 572 21.11 -7.57 30.91
C THR A 572 20.33 -8.82 31.30
N VAL A 573 21.00 -9.77 31.93
CA VAL A 573 20.34 -10.90 32.58
C VAL A 573 21.00 -11.12 33.93
N VAL A 574 20.20 -11.02 34.99
CA VAL A 574 20.65 -11.34 36.34
C VAL A 574 20.24 -12.77 36.68
N GLY A 575 20.77 -13.32 37.76
CA GLY A 575 20.36 -14.66 38.19
C GLY A 575 20.87 -15.80 37.32
N VAL A 576 22.09 -15.65 36.79
CA VAL A 576 22.73 -16.66 35.94
C VAL A 576 23.65 -17.62 36.74
N GLU A 577 23.18 -18.86 36.97
CA GLU A 577 23.97 -19.92 37.64
C GLU A 577 25.47 -19.93 37.31
N LYS A 578 26.31 -19.55 38.27
CA LYS A 578 27.77 -19.64 38.09
C LYS A 578 28.24 -18.99 36.79
N ALA A 579 27.69 -17.82 36.46
CA ALA A 579 27.99 -17.16 35.17
C ALA A 579 29.47 -16.91 34.92
N VAL A 580 30.22 -16.58 35.97
CA VAL A 580 31.65 -16.29 35.83
C VAL A 580 32.47 -17.54 35.48
N LYS A 581 32.14 -18.66 36.14
CA LYS A 581 32.84 -19.94 35.93
C LYS A 581 32.41 -20.62 34.63
N ASN A 582 31.10 -20.63 34.35
CA ASN A 582 30.54 -21.40 33.25
C ASN A 582 30.77 -20.79 31.87
N ILE A 583 30.24 -19.59 31.64
CA ILE A 583 30.38 -18.94 30.33
C ILE A 583 31.85 -18.49 30.12
N SER A 584 32.41 -18.81 28.95
CA SER A 584 33.82 -18.55 28.65
C SER A 584 34.10 -17.08 28.41
N ASN A 585 35.37 -16.71 28.46
CA ASN A 585 35.77 -15.33 28.18
C ASN A 585 36.03 -15.16 26.69
N ASN A 586 35.84 -13.95 26.19
CA ASN A 586 36.19 -13.54 24.82
C ASN A 586 35.33 -14.13 23.69
N VAL A 587 34.71 -15.30 23.92
CA VAL A 587 33.82 -15.91 22.94
C VAL A 587 32.66 -14.96 22.66
N LEU A 588 32.27 -14.85 21.40
CA LEU A 588 31.16 -13.99 21.00
C LEU A 588 29.85 -14.60 21.46
N VAL A 589 28.93 -13.77 21.96
CA VAL A 589 27.68 -14.24 22.56
C VAL A 589 26.53 -13.29 22.22
N THR A 590 25.30 -13.82 22.25
CA THR A 590 24.10 -13.01 22.03
C THR A 590 23.13 -13.15 23.19
N ILE A 591 22.79 -12.04 23.82
CA ILE A 591 21.85 -12.08 24.95
C ILE A 591 20.50 -11.56 24.51
N ASP A 592 19.46 -12.06 25.16
CA ASP A 592 18.10 -11.63 24.90
C ASP A 592 17.44 -11.18 26.20
N ALA A 593 17.17 -9.89 26.32
CA ALA A 593 16.56 -9.34 27.53
C ALA A 593 15.21 -9.99 27.86
N ALA A 594 14.21 -9.89 26.98
CA ALA A 594 12.98 -10.68 27.16
C ALA A 594 13.45 -12.11 27.07
N GLN A 595 12.67 -13.07 27.52
CA GLN A 595 13.12 -14.48 27.63
C GLN A 595 14.13 -14.65 28.78
N GLY A 596 15.19 -13.84 28.76
CA GLY A 596 16.27 -13.96 29.74
C GLY A 596 17.16 -15.11 29.36
N LYS A 597 17.47 -15.23 28.07
CA LYS A 597 18.34 -16.28 27.57
C LYS A 597 19.63 -15.68 27.02
N ILE A 598 20.68 -16.50 27.02
CA ILE A 598 21.97 -16.14 26.43
C ILE A 598 22.38 -17.25 25.47
N PHE A 599 23.02 -16.89 24.35
CA PHE A 599 23.28 -17.85 23.27
C PHE A 599 24.73 -17.87 22.81
N GLU A 600 25.09 -18.99 22.18
CA GLU A 600 26.47 -19.30 21.75
C GLU A 600 27.14 -18.23 20.86
N GLY A 601 26.54 -17.92 19.71
CA GLY A 601 27.10 -16.91 18.79
C GLY A 601 26.05 -15.89 18.41
N TYR A 602 25.79 -15.75 17.11
CA TYR A 602 24.68 -14.93 16.60
C TYR A 602 23.34 -15.65 16.77
N ALA A 603 22.25 -14.91 17.06
CA ALA A 603 20.98 -15.53 17.45
C ALA A 603 19.72 -15.04 16.67
N ASN A 604 18.94 -14.11 17.26
CA ASN A 604 17.71 -13.51 16.65
C ASN A 604 16.63 -13.27 17.74
N MET B 22 -18.32 -12.16 20.96
CA MET B 22 -18.76 -10.83 20.46
C MET B 22 -19.05 -9.99 21.70
N ARG B 23 -17.98 -9.67 22.45
CA ARG B 23 -18.07 -8.81 23.64
C ARG B 23 -16.84 -7.92 23.83
N LYS B 24 -15.66 -8.52 23.78
CA LYS B 24 -14.38 -7.83 23.46
C LYS B 24 -13.77 -6.93 24.52
N THR B 25 -14.45 -5.82 24.83
CA THR B 25 -13.93 -4.81 25.79
C THR B 25 -14.42 -5.10 27.25
N LYS B 26 -13.48 -5.27 28.17
CA LYS B 26 -13.79 -5.82 29.50
C LYS B 26 -14.24 -4.75 30.46
N ILE B 27 -14.93 -5.19 31.51
CA ILE B 27 -15.58 -4.28 32.46
C ILE B 27 -15.03 -4.48 33.87
N VAL B 28 -14.43 -3.45 34.44
CA VAL B 28 -13.98 -3.48 35.84
C VAL B 28 -14.96 -2.70 36.75
N CYS B 29 -15.39 -3.32 37.85
CA CYS B 29 -16.37 -2.70 38.73
C CYS B 29 -15.89 -2.57 40.17
N THR B 30 -15.96 -1.34 40.67
CA THR B 30 -15.53 -1.04 42.02
C THR B 30 -16.63 -1.52 42.96
N ILE B 31 -16.29 -2.51 43.78
CA ILE B 31 -17.21 -3.01 44.79
C ILE B 31 -17.35 -2.00 45.92
N GLY B 32 -18.56 -1.83 46.45
CA GLY B 32 -18.78 -0.93 47.57
C GLY B 32 -20.05 -1.31 48.31
N PRO B 33 -20.43 -0.51 49.32
CA PRO B 33 -21.66 -0.70 50.09
C PRO B 33 -22.83 -1.17 49.23
N ALA B 34 -23.08 -0.45 48.14
CA ALA B 34 -24.19 -0.73 47.23
C ALA B 34 -24.07 -2.06 46.48
N SER B 35 -22.94 -2.76 46.63
CA SER B 35 -22.67 -3.96 45.84
C SER B 35 -21.88 -5.07 46.58
N GLU B 36 -21.88 -5.04 47.91
CA GLU B 36 -21.16 -6.05 48.70
C GLU B 36 -21.87 -7.39 48.70
N SER B 37 -23.20 -7.32 48.59
CA SER B 37 -24.06 -8.46 48.84
C SER B 37 -23.80 -9.57 47.85
N GLU B 38 -23.99 -10.80 48.33
CA GLU B 38 -23.94 -11.99 47.50
C GLU B 38 -24.90 -11.85 46.32
N GLU B 39 -26.08 -11.27 46.58
CA GLU B 39 -27.11 -11.05 45.56
C GLU B 39 -26.61 -10.11 44.45
N MET B 40 -26.15 -8.92 44.83
CA MET B 40 -25.78 -7.88 43.85
C MET B 40 -24.48 -8.20 43.12
N ILE B 41 -23.59 -8.96 43.76
CA ILE B 41 -22.38 -9.46 43.09
C ILE B 41 -22.72 -10.46 42.00
N GLU B 42 -23.73 -11.27 42.24
CA GLU B 42 -24.26 -12.14 41.20
C GLU B 42 -24.79 -11.29 40.04
N LYS B 43 -25.66 -10.35 40.34
CA LYS B 43 -26.30 -9.53 39.31
C LYS B 43 -25.29 -8.74 38.51
N LEU B 44 -24.14 -8.41 39.12
CA LEU B 44 -23.06 -7.69 38.44
C LEU B 44 -22.19 -8.59 37.56
N ILE B 45 -21.93 -9.83 38.00
CA ILE B 45 -21.23 -10.82 37.18
C ILE B 45 -22.05 -11.14 35.95
N ASN B 46 -23.37 -11.22 36.15
CA ASN B 46 -24.30 -11.46 35.05
C ASN B 46 -24.42 -10.27 34.10
N ALA B 47 -24.40 -9.05 34.63
CA ALA B 47 -24.40 -7.84 33.80
C ALA B 47 -23.12 -7.71 32.94
N GLY B 48 -22.07 -8.43 33.32
CA GLY B 48 -20.86 -8.58 32.49
C GLY B 48 -19.53 -8.26 33.16
N MET B 49 -19.45 -8.37 34.48
CA MET B 49 -18.29 -7.90 35.25
C MET B 49 -17.12 -8.86 35.14
N ASN B 50 -16.04 -8.41 34.56
CA ASN B 50 -14.84 -9.25 34.41
C ASN B 50 -13.84 -9.11 35.55
N VAL B 51 -13.84 -7.98 36.23
CA VAL B 51 -12.84 -7.74 37.26
C VAL B 51 -13.40 -6.90 38.39
N ALA B 52 -13.32 -7.43 39.62
CA ALA B 52 -13.76 -6.72 40.79
C ALA B 52 -12.62 -5.85 41.32
N ARG B 53 -12.87 -4.54 41.41
CA ARG B 53 -11.90 -3.59 42.00
C ARG B 53 -12.19 -3.34 43.49
N LEU B 54 -11.12 -3.33 44.29
CA LEU B 54 -11.19 -2.98 45.70
C LEU B 54 -10.33 -1.73 45.93
N ASN B 55 -10.99 -0.64 46.33
CA ASN B 55 -10.29 0.61 46.59
C ASN B 55 -9.81 0.70 48.05
N PHE B 56 -8.49 0.66 48.23
CA PHE B 56 -7.87 0.71 49.55
C PHE B 56 -7.58 2.15 49.99
N SER B 57 -8.08 3.13 49.22
CA SER B 57 -8.12 4.52 49.67
C SER B 57 -8.97 4.62 50.93
N HIS B 58 -10.00 3.77 51.01
CA HIS B 58 -10.91 3.72 52.15
C HIS B 58 -11.14 2.29 52.59
N GLY B 59 -11.73 2.12 53.77
CA GLY B 59 -12.12 0.79 54.26
C GLY B 59 -10.98 -0.03 54.82
N SER B 60 -11.32 -0.97 55.71
CA SER B 60 -10.33 -1.77 56.44
C SER B 60 -10.14 -3.13 55.81
N HIS B 61 -8.98 -3.74 56.08
CA HIS B 61 -8.68 -5.10 55.62
C HIS B 61 -9.80 -6.07 55.92
N GLU B 62 -10.52 -5.81 57.01
CA GLU B 62 -11.68 -6.62 57.40
C GLU B 62 -12.75 -6.58 56.34
N GLU B 63 -13.12 -5.37 55.95
CA GLU B 63 -14.19 -5.16 54.98
C GLU B 63 -13.80 -5.79 53.64
N HIS B 64 -12.53 -5.60 53.26
CA HIS B 64 -12.02 -6.10 52.00
C HIS B 64 -11.94 -7.60 51.98
N LYS B 65 -11.36 -8.21 53.00
CA LYS B 65 -11.34 -9.67 53.10
C LYS B 65 -12.75 -10.28 52.99
N GLY B 66 -13.74 -9.57 53.51
CA GLY B 66 -15.11 -10.03 53.47
C GLY B 66 -15.62 -10.09 52.06
N ARG B 67 -15.37 -9.01 51.32
CA ARG B 67 -15.79 -8.91 49.93
C ARG B 67 -15.03 -9.87 49.03
N ILE B 68 -13.73 -10.07 49.29
CA ILE B 68 -12.94 -11.01 48.50
C ILE B 68 -13.57 -12.41 48.53
N ASP B 69 -14.05 -12.82 49.70
CA ASP B 69 -14.71 -14.12 49.85
C ASP B 69 -16.09 -14.16 49.19
N THR B 70 -16.86 -13.08 49.32
CA THR B 70 -18.18 -13.00 48.66
C THR B 70 -17.95 -13.18 47.17
N ILE B 71 -16.96 -12.49 46.64
CA ILE B 71 -16.64 -12.54 45.22
C ILE B 71 -16.21 -13.96 44.84
N ARG B 72 -15.13 -14.46 45.44
CA ARG B 72 -14.62 -15.81 45.10
C ARG B 72 -15.70 -16.90 45.09
N LYS B 73 -16.64 -16.84 46.02
CA LYS B 73 -17.69 -17.85 46.13
C LYS B 73 -18.77 -17.70 45.06
N VAL B 74 -19.34 -16.51 44.93
CA VAL B 74 -20.32 -16.22 43.87
C VAL B 74 -19.73 -16.58 42.49
N ALA B 75 -18.45 -16.27 42.29
CA ALA B 75 -17.77 -16.53 41.02
C ALA B 75 -17.66 -18.00 40.72
N LYS B 76 -17.32 -18.80 41.73
CA LYS B 76 -17.17 -20.23 41.48
C LYS B 76 -18.51 -20.94 41.46
N ARG B 77 -19.52 -20.34 42.08
CA ARG B 77 -20.88 -20.86 41.95
C ARG B 77 -21.40 -20.67 40.53
N LEU B 78 -21.32 -19.44 40.01
CA LEU B 78 -21.76 -19.18 38.64
C LEU B 78 -20.77 -19.71 37.59
N ASP B 79 -19.61 -20.17 38.05
CA ASP B 79 -18.60 -20.82 37.20
C ASP B 79 -18.03 -19.86 36.15
N LYS B 80 -17.77 -18.62 36.57
CA LYS B 80 -17.23 -17.60 35.68
C LYS B 80 -15.91 -17.10 36.25
N ILE B 81 -14.96 -16.77 35.37
CA ILE B 81 -13.71 -16.16 35.80
C ILE B 81 -13.99 -14.69 36.07
N VAL B 82 -13.76 -14.26 37.32
CA VAL B 82 -13.72 -12.83 37.64
C VAL B 82 -12.46 -12.55 38.48
N ALA B 83 -11.69 -11.54 38.11
CA ALA B 83 -10.40 -11.27 38.75
C ALA B 83 -10.59 -10.26 39.89
N ILE B 84 -9.58 -10.16 40.75
CA ILE B 84 -9.62 -9.18 41.83
C ILE B 84 -8.50 -8.16 41.62
N LEU B 85 -8.88 -6.88 41.64
CA LEU B 85 -7.94 -5.79 41.49
C LEU B 85 -7.97 -4.92 42.74
N LEU B 86 -6.78 -4.67 43.29
CA LEU B 86 -6.59 -3.89 44.52
C LEU B 86 -5.98 -2.55 44.12
N ASP B 87 -6.63 -1.45 44.49
CA ASP B 87 -6.13 -0.13 44.11
C ASP B 87 -5.53 0.55 45.33
N THR B 88 -4.19 0.63 45.34
CA THR B 88 -3.45 1.29 46.44
C THR B 88 -3.88 2.74 46.60
N LYS B 89 -3.81 3.27 47.82
CA LYS B 89 -4.18 4.67 48.04
C LYS B 89 -3.10 5.60 47.49
N GLY B 90 -1.84 5.25 47.78
CA GLY B 90 -0.70 5.93 47.18
C GLY B 90 -0.19 7.06 48.04
N PRO B 91 0.94 7.66 47.63
CA PRO B 91 1.42 8.81 48.34
C PRO B 91 0.55 10.01 48.01
N GLU B 92 0.52 10.98 48.93
CA GLU B 92 -0.23 12.20 48.71
C GLU B 92 0.28 13.37 49.56
N ILE B 93 -0.21 14.56 49.22
CA ILE B 93 0.09 15.80 49.94
C ILE B 93 -1.19 16.39 50.50
N ARG B 94 -1.26 16.51 51.81
CA ARG B 94 -2.46 17.02 52.45
C ARG B 94 -2.21 18.29 53.28
N THR B 95 -3.30 18.90 53.71
CA THR B 95 -3.27 20.07 54.55
C THR B 95 -3.45 19.61 55.99
N HIS B 96 -2.63 20.14 56.88
CA HIS B 96 -2.83 19.92 58.31
C HIS B 96 -4.03 20.71 58.74
N ASN B 97 -4.67 20.26 59.82
CA ASN B 97 -5.93 20.82 60.26
C ASN B 97 -6.01 22.36 60.26
N MET B 98 -7.23 22.86 60.28
CA MET B 98 -7.49 24.29 60.09
C MET B 98 -8.20 24.88 61.31
N LYS B 99 -7.93 26.15 61.60
CA LYS B 99 -8.55 26.81 62.74
C LYS B 99 -10.05 26.97 62.50
N ASP B 100 -10.82 26.49 63.47
CA ASP B 100 -12.28 26.40 63.39
C ASP B 100 -12.79 25.29 62.48
N GLY B 101 -11.88 24.54 61.86
CA GLY B 101 -12.24 23.55 60.85
C GLY B 101 -12.20 24.12 59.45
N ILE B 102 -12.98 25.17 59.21
CA ILE B 102 -13.03 25.86 57.92
C ILE B 102 -12.17 27.14 58.00
N ILE B 103 -11.66 27.60 56.86
CA ILE B 103 -10.92 28.86 56.78
C ILE B 103 -10.96 29.43 55.34
N GLU B 104 -11.10 30.75 55.19
CA GLU B 104 -11.30 31.38 53.88
C GLU B 104 -10.04 32.01 53.32
N LEU B 105 -10.04 32.27 52.00
CA LEU B 105 -8.88 32.86 51.31
C LEU B 105 -9.29 33.81 50.18
N GLU B 106 -8.95 35.10 50.32
CA GLU B 106 -9.34 36.14 49.36
C GLU B 106 -8.64 35.95 48.01
N ARG B 107 -9.25 36.51 46.98
CA ARG B 107 -8.88 36.26 45.59
C ARG B 107 -7.63 36.99 45.08
N GLY B 108 -7.15 38.02 45.78
CA GLY B 108 -5.98 38.78 45.33
C GLY B 108 -4.87 38.86 46.36
N ASN B 109 -5.02 38.06 47.41
CA ASN B 109 -4.22 38.19 48.64
C ASN B 109 -2.96 37.31 48.64
N GLU B 110 -2.39 37.10 49.82
CA GLU B 110 -1.21 36.23 49.99
C GLU B 110 -1.46 35.19 51.09
N VAL B 111 -0.98 33.97 50.85
CA VAL B 111 -0.98 32.91 51.87
C VAL B 111 0.40 32.29 51.98
N ILE B 112 0.73 31.86 53.20
CA ILE B 112 2.04 31.32 53.52
C ILE B 112 1.89 29.82 53.67
N VAL B 113 2.66 29.09 52.85
CA VAL B 113 2.67 27.64 52.91
C VAL B 113 3.88 27.15 53.72
N SER B 114 3.61 26.80 54.97
CA SER B 114 4.65 26.43 55.93
C SER B 114 4.94 24.95 55.83
N MET B 115 6.20 24.60 56.06
CA MET B 115 6.63 23.21 56.08
C MET B 115 6.58 22.61 57.48
N ASN B 116 6.39 23.46 58.49
CA ASN B 116 6.14 23.01 59.84
C ASN B 116 4.65 23.10 60.12
N GLU B 117 4.14 22.10 60.83
CA GLU B 117 2.72 22.01 61.05
C GLU B 117 2.23 23.24 61.82
N VAL B 118 1.08 23.74 61.42
CA VAL B 118 0.45 24.89 62.05
C VAL B 118 -1.07 24.72 61.96
N GLU B 119 -1.74 25.52 62.77
CA GLU B 119 -3.17 25.70 62.59
C GLU B 119 -3.39 26.59 61.37
N GLY B 120 -4.54 26.41 60.76
CA GLY B 120 -4.86 27.13 59.56
C GLY B 120 -5.16 28.57 59.84
N THR B 121 -4.91 29.40 58.84
CA THR B 121 -5.27 30.81 58.90
C THR B 121 -5.22 31.35 57.47
N PRO B 122 -6.06 32.36 57.14
CA PRO B 122 -5.93 33.00 55.82
C PRO B 122 -4.52 33.52 55.51
N GLU B 123 -3.61 33.44 56.49
CA GLU B 123 -2.21 33.78 56.29
C GLU B 123 -1.29 32.54 56.37
N LYS B 124 -1.27 31.88 57.52
CA LYS B 124 -0.36 30.75 57.76
C LYS B 124 -1.10 29.43 57.66
N PHE B 125 -0.40 28.39 57.23
CA PHE B 125 -1.07 27.25 56.62
C PHE B 125 -0.06 26.15 56.28
N SER B 126 -0.30 24.94 56.77
CA SER B 126 0.72 23.89 56.74
C SER B 126 0.36 22.70 55.86
N VAL B 127 1.36 21.95 55.40
CA VAL B 127 1.16 20.75 54.56
C VAL B 127 1.96 19.54 55.07
N THR B 128 1.43 18.34 54.84
CA THR B 128 2.00 17.11 55.42
C THR B 128 3.29 16.71 54.76
N TYR B 129 3.45 17.09 53.50
CA TYR B 129 4.68 16.83 52.76
C TYR B 129 5.58 17.99 53.09
N GLU B 130 6.55 17.74 53.97
CA GLU B 130 7.41 18.82 54.48
C GLU B 130 8.47 19.24 53.48
N ASN B 131 8.73 18.36 52.51
CA ASN B 131 9.75 18.61 51.49
C ASN B 131 9.28 19.38 50.24
N LEU B 132 7.98 19.71 50.20
CA LEU B 132 7.38 20.50 49.12
C LEU B 132 8.31 21.61 48.66
N ILE B 133 8.87 22.34 49.63
CA ILE B 133 9.69 23.53 49.38
C ILE B 133 10.89 23.32 48.46
N ASN B 134 11.44 22.11 48.43
CA ASN B 134 12.54 21.76 47.51
C ASN B 134 12.11 21.39 46.09
N ASP B 135 10.83 21.08 45.92
CA ASP B 135 10.29 20.68 44.62
C ASP B 135 9.82 21.87 43.79
N VAL B 136 9.17 22.85 44.42
CA VAL B 136 8.57 24.01 43.69
C VAL B 136 9.61 25.04 43.30
N GLN B 137 9.18 26.18 42.77
CA GLN B 137 10.04 27.36 42.63
C GLN B 137 9.20 28.60 42.37
N VAL B 138 9.85 29.77 42.28
CA VAL B 138 9.12 31.04 42.15
C VAL B 138 8.32 31.06 40.85
N GLY B 139 6.99 31.19 41.00
CA GLY B 139 6.05 31.15 39.87
C GLY B 139 5.24 29.86 39.72
N SER B 140 5.72 28.76 40.32
CA SER B 140 5.04 27.47 40.22
C SER B 140 3.67 27.52 40.88
N TYR B 141 2.74 26.71 40.38
CA TYR B 141 1.36 26.71 40.87
C TYR B 141 1.15 25.57 41.88
N ILE B 142 0.31 25.83 42.88
CA ILE B 142 -0.07 24.80 43.86
C ILE B 142 -1.58 24.75 43.95
N LEU B 143 -2.15 23.56 43.90
CA LEU B 143 -3.60 23.41 43.86
C LEU B 143 -4.09 22.81 45.17
N LEU B 144 -5.08 23.45 45.78
CA LEU B 144 -5.63 23.00 47.06
C LEU B 144 -7.00 22.34 46.88
N ASP B 145 -7.22 21.23 47.59
CA ASP B 145 -8.51 20.53 47.61
C ASP B 145 -8.96 20.13 46.20
N ASP B 146 -8.13 19.33 45.53
CA ASP B 146 -8.38 18.82 44.17
C ASP B 146 -8.58 19.94 43.15
N GLY B 147 -7.91 21.07 43.34
CA GLY B 147 -8.04 22.22 42.43
C GLY B 147 -9.06 23.28 42.78
N LEU B 148 -9.75 23.13 43.93
CA LEU B 148 -10.77 24.11 44.36
C LEU B 148 -10.24 25.55 44.28
N ILE B 149 -9.07 25.78 44.85
CA ILE B 149 -8.44 27.09 44.83
C ILE B 149 -6.95 26.94 44.48
N GLU B 150 -6.48 27.76 43.56
CA GLU B 150 -5.13 27.63 43.04
C GLU B 150 -4.25 28.79 43.50
N LEU B 151 -3.11 28.43 44.09
CA LEU B 151 -2.10 29.38 44.56
C LEU B 151 -0.97 29.51 43.53
N GLN B 152 -0.07 30.47 43.76
CA GLN B 152 1.12 30.62 42.93
C GLN B 152 2.29 31.20 43.73
N VAL B 153 3.45 30.55 43.63
CA VAL B 153 4.62 30.88 44.44
C VAL B 153 5.21 32.26 44.08
N LYS B 154 5.16 33.15 45.07
CA LYS B 154 5.66 34.52 44.99
C LYS B 154 7.17 34.53 45.31
N ASP B 155 7.53 34.00 46.49
CA ASP B 155 8.94 33.95 46.96
C ASP B 155 9.15 32.70 47.83
N ILE B 156 10.41 32.30 48.01
CA ILE B 156 10.78 31.20 48.89
C ILE B 156 11.91 31.60 49.85
N ASP B 157 11.67 31.40 51.16
CA ASP B 157 12.70 31.53 52.22
C ASP B 157 12.91 30.18 52.87
N HIS B 158 14.07 29.57 52.64
CA HIS B 158 14.45 28.36 53.39
C HIS B 158 14.87 28.69 54.78
N ALA B 159 15.10 29.98 55.02
CA ALA B 159 15.33 30.50 56.34
C ALA B 159 14.20 30.02 57.23
N LYS B 160 13.03 30.64 57.07
CA LYS B 160 11.87 30.26 57.85
C LYS B 160 11.25 28.95 57.33
N LYS B 161 11.73 28.44 56.19
CA LYS B 161 11.13 27.31 55.48
C LYS B 161 9.67 27.63 55.26
N GLU B 162 9.42 28.67 54.49
CA GLU B 162 8.07 29.08 54.17
C GLU B 162 7.96 29.40 52.69
N VAL B 163 6.75 29.20 52.16
CA VAL B 163 6.46 29.54 50.76
C VAL B 163 5.33 30.59 50.69
N LYS B 164 5.73 31.80 50.33
CA LYS B 164 4.79 32.91 50.18
C LYS B 164 4.18 32.75 48.81
N CYS B 165 2.86 32.84 48.74
CA CYS B 165 2.13 32.61 47.50
C CYS B 165 1.01 33.62 47.29
N ASP B 166 0.71 33.91 46.02
CA ASP B 166 -0.45 34.74 45.65
C ASP B 166 -1.67 33.84 45.43
N ILE B 167 -2.70 34.02 46.25
CA ILE B 167 -3.97 33.30 46.06
C ILE B 167 -4.69 33.86 44.82
N LEU B 168 -4.87 33.02 43.79
CA LEU B 168 -5.42 33.44 42.48
C LEU B 168 -6.95 33.33 42.40
N ASN B 169 -7.49 32.18 42.79
CA ASN B 169 -8.93 31.98 42.87
C ASN B 169 -9.35 31.81 44.31
N SER B 170 -10.38 32.54 44.73
CA SER B 170 -10.76 32.59 46.15
C SER B 170 -11.61 31.39 46.50
N GLY B 171 -11.75 31.11 47.79
CA GLY B 171 -12.56 29.99 48.24
C GLY B 171 -12.20 29.49 49.62
N GLU B 172 -13.00 28.55 50.11
CA GLU B 172 -12.85 28.03 51.45
C GLU B 172 -11.85 26.87 51.45
N LEU B 173 -11.58 26.34 52.64
CA LEU B 173 -10.59 25.28 52.85
C LEU B 173 -10.85 24.51 54.15
N LYS B 174 -11.18 23.23 54.01
CA LYS B 174 -11.42 22.36 55.16
C LYS B 174 -10.08 21.83 55.67
N ASN B 175 -10.14 20.94 56.66
CA ASN B 175 -8.95 20.44 57.35
C ASN B 175 -8.06 19.59 56.46
N LYS B 176 -8.18 18.28 56.60
CA LYS B 176 -7.25 17.34 56.00
C LYS B 176 -7.45 17.23 54.49
N LYS B 177 -7.30 18.35 53.78
CA LYS B 177 -7.61 18.39 52.35
C LYS B 177 -6.34 18.27 51.51
N GLY B 178 -6.46 17.75 50.29
CA GLY B 178 -5.32 17.46 49.43
C GLY B 178 -4.68 18.64 48.70
N VAL B 179 -3.46 18.42 48.22
CA VAL B 179 -2.65 19.45 47.56
C VAL B 179 -1.89 18.88 46.33
N ASN B 180 -1.96 19.56 45.19
CA ASN B 180 -1.35 19.03 43.95
C ASN B 180 -0.38 20.00 43.30
N LEU B 181 0.76 19.49 42.84
CA LEU B 181 1.84 20.33 42.29
C LEU B 181 2.12 20.03 40.82
N PRO B 182 1.47 20.77 39.91
CA PRO B 182 1.62 20.60 38.45
C PRO B 182 3.04 20.37 37.98
N GLY B 183 3.35 19.10 37.69
CA GLY B 183 4.73 18.58 37.56
C GLY B 183 5.78 19.57 37.07
N VAL B 184 6.83 19.88 37.84
CA VAL B 184 7.09 19.43 39.24
C VAL B 184 7.34 17.91 39.43
N ARG B 185 8.61 17.55 39.57
CA ARG B 185 8.97 16.17 39.89
C ARG B 185 8.64 15.90 41.32
N VAL B 186 7.36 15.74 41.63
CA VAL B 186 6.98 15.50 43.01
C VAL B 186 7.79 14.30 43.54
N SER B 187 8.43 14.53 44.66
CA SER B 187 9.51 13.68 45.14
C SER B 187 9.07 12.70 46.24
N LEU B 188 7.75 12.50 46.35
CA LEU B 188 7.18 11.49 47.23
C LEU B 188 7.80 10.12 46.90
N PRO B 189 7.69 9.16 47.83
CA PRO B 189 8.16 7.81 47.53
C PRO B 189 7.23 7.11 46.56
N GLY B 190 7.61 5.92 46.10
CA GLY B 190 6.73 5.13 45.25
C GLY B 190 5.44 4.71 45.94
N ILE B 191 5.59 4.30 47.21
CA ILE B 191 4.49 3.73 48.01
C ILE B 191 4.51 4.17 49.47
N THR B 192 3.31 4.35 50.05
CA THR B 192 3.14 4.56 51.50
C THR B 192 3.63 3.32 52.25
N GLU B 193 3.83 3.47 53.55
CA GLU B 193 3.98 2.34 54.44
C GLU B 193 2.67 1.58 54.47
N LYS B 194 1.55 2.32 54.36
CA LYS B 194 0.20 1.74 54.27
C LYS B 194 0.10 0.88 53.04
N ASP B 195 0.51 1.45 51.92
CA ASP B 195 0.51 0.76 50.65
C ASP B 195 1.26 -0.54 50.81
N ALA B 196 2.49 -0.47 51.34
CA ALA B 196 3.27 -1.69 51.58
C ALA B 196 2.48 -2.75 52.36
N GLU B 197 1.73 -2.33 53.38
CA GLU B 197 0.87 -3.26 54.14
C GLU B 197 -0.30 -3.78 53.29
N ASP B 198 -0.95 -2.85 52.58
CA ASP B 198 -2.05 -3.17 51.66
C ASP B 198 -1.62 -4.25 50.69
N ILE B 199 -0.46 -4.08 50.06
CA ILE B 199 -0.04 -4.98 49.01
C ILE B 199 0.43 -6.35 49.55
N ARG B 200 0.84 -6.42 50.82
CA ARG B 200 1.19 -7.71 51.42
C ARG B 200 -0.09 -8.50 51.67
N PHE B 201 -1.15 -7.76 51.98
CA PHE B 201 -2.49 -8.34 52.12
C PHE B 201 -2.92 -8.98 50.81
N GLY B 202 -2.63 -8.25 49.72
CA GLY B 202 -2.89 -8.72 48.36
C GLY B 202 -2.21 -10.06 48.15
N ILE B 203 -0.92 -10.11 48.45
CA ILE B 203 -0.16 -11.33 48.23
C ILE B 203 -0.75 -12.50 49.03
N LYS B 204 -1.31 -12.20 50.21
CA LYS B 204 -1.89 -13.21 51.09
C LYS B 204 -3.19 -13.80 50.52
N GLU B 205 -3.99 -12.98 49.84
CA GLU B 205 -5.24 -13.45 49.19
C GLU B 205 -5.10 -13.85 47.68
N ASN B 206 -3.88 -13.95 47.18
CA ASN B 206 -3.62 -14.27 45.77
C ASN B 206 -4.38 -13.39 44.78
N VAL B 207 -4.58 -12.13 45.16
CA VAL B 207 -5.25 -11.12 44.33
C VAL B 207 -4.50 -11.01 43.00
N ASP B 208 -5.20 -10.61 41.93
CA ASP B 208 -4.69 -10.76 40.56
C ASP B 208 -4.07 -9.51 39.95
N PHE B 209 -4.46 -8.35 40.49
CA PHE B 209 -3.97 -7.07 40.00
C PHE B 209 -3.72 -6.09 41.14
N ILE B 210 -2.69 -5.25 40.99
CA ILE B 210 -2.49 -4.13 41.90
C ILE B 210 -2.36 -2.83 41.11
N ALA B 211 -3.25 -1.88 41.38
CA ALA B 211 -3.29 -0.64 40.63
C ALA B 211 -2.57 0.48 41.41
N ALA B 212 -1.24 0.56 41.21
CA ALA B 212 -0.38 1.53 41.92
C ALA B 212 -0.70 2.99 41.60
N SER B 213 -0.94 3.78 42.65
CA SER B 213 -1.39 5.14 42.50
C SER B 213 -0.23 6.10 42.37
N PHE B 214 -0.54 7.21 41.69
CA PHE B 214 0.37 8.33 41.46
C PHE B 214 1.73 7.84 40.98
N VAL B 215 1.76 6.88 40.06
CA VAL B 215 3.03 6.46 39.50
C VAL B 215 3.55 7.55 38.57
N ARG B 216 4.87 7.67 38.51
CA ARG B 216 5.51 8.71 37.71
C ARG B 216 6.89 8.31 37.19
N ARG B 217 7.56 7.39 37.87
CA ARG B 217 8.80 6.82 37.37
C ARG B 217 8.73 5.31 37.48
N PRO B 218 9.61 4.60 36.74
CA PRO B 218 9.77 3.14 36.83
C PRO B 218 10.06 2.61 38.23
N SER B 219 10.86 3.38 38.98
CA SER B 219 11.16 3.11 40.40
C SER B 219 9.89 2.79 41.17
N ASP B 220 8.88 3.64 40.97
CA ASP B 220 7.66 3.57 41.72
C ASP B 220 6.95 2.25 41.49
N VAL B 221 7.13 1.69 40.31
CA VAL B 221 6.55 0.39 40.05
C VAL B 221 7.44 -0.66 40.67
N LEU B 222 8.75 -0.57 40.42
CA LEU B 222 9.72 -1.52 40.95
C LEU B 222 9.60 -1.72 42.48
N GLU B 223 9.31 -0.63 43.21
CA GLU B 223 9.08 -0.70 44.66
C GLU B 223 8.01 -1.74 45.02
N ILE B 224 7.02 -1.90 44.15
CA ILE B 224 5.99 -2.94 44.36
C ILE B 224 6.47 -4.31 43.86
N ARG B 225 7.30 -4.32 42.82
CA ARG B 225 7.70 -5.58 42.21
C ARG B 225 8.73 -6.30 43.07
N GLU B 226 9.55 -5.54 43.79
CA GLU B 226 10.52 -6.15 44.69
C GLU B 226 9.78 -6.85 45.85
N ILE B 227 8.75 -6.19 46.37
CA ILE B 227 7.88 -6.79 47.40
C ILE B 227 7.25 -8.09 46.92
N LEU B 228 6.80 -8.08 45.67
CA LEU B 228 6.14 -9.22 45.09
C LEU B 228 7.14 -10.36 44.90
N GLU B 229 8.38 -10.03 44.52
CA GLU B 229 9.37 -11.05 44.20
C GLU B 229 9.92 -11.77 45.44
N GLU B 230 9.91 -11.08 46.60
CA GLU B 230 10.20 -11.73 47.87
C GLU B 230 9.26 -12.91 48.04
N GLN B 231 7.98 -12.64 47.82
CA GLN B 231 6.94 -13.65 47.96
C GLN B 231 6.76 -14.53 46.70
N LYS B 232 7.47 -14.21 45.62
CA LYS B 232 7.25 -14.84 44.32
C LYS B 232 5.75 -14.89 44.08
N ALA B 233 5.13 -13.71 44.07
CA ALA B 233 3.68 -13.58 44.19
C ALA B 233 2.92 -13.73 42.87
N ASN B 234 3.54 -13.36 41.75
CA ASN B 234 2.83 -13.30 40.47
C ASN B 234 1.50 -12.56 40.60
N ILE B 235 1.61 -11.24 40.60
CA ILE B 235 0.49 -10.34 40.40
C ILE B 235 0.86 -9.31 39.35
N SER B 236 -0.13 -8.90 38.57
CA SER B 236 0.09 -7.92 37.54
C SER B 236 -0.02 -6.51 38.16
N VAL B 237 0.90 -5.63 37.75
CA VAL B 237 1.04 -4.31 38.34
C VAL B 237 0.66 -3.20 37.34
N PHE B 238 -0.38 -2.46 37.67
CA PHE B 238 -0.94 -1.47 36.76
C PHE B 238 -0.80 -0.05 37.31
N PRO B 239 0.20 0.70 36.85
CA PRO B 239 0.37 2.11 37.14
C PRO B 239 -0.87 2.97 36.89
N LYS B 240 -0.97 4.12 37.57
CA LYS B 240 -2.15 5.00 37.47
C LYS B 240 -1.91 6.40 36.89
N ILE B 241 -0.72 6.64 36.35
CA ILE B 241 -0.41 7.90 35.65
C ILE B 241 -1.43 9.04 35.83
N GLU B 242 -1.16 9.88 36.82
CA GLU B 242 -2.00 11.02 37.21
C GLU B 242 -1.38 12.41 36.90
N ASN B 243 -0.09 12.48 36.57
CA ASN B 243 0.60 13.77 36.39
C ASN B 243 1.62 13.80 35.25
N GLN B 244 2.05 15.00 34.90
CA GLN B 244 2.96 15.19 33.77
C GLN B 244 4.18 14.29 33.81
N GLU B 245 4.84 14.22 34.94
CA GLU B 245 5.99 13.35 35.05
C GLU B 245 5.63 11.95 34.55
N GLY B 246 4.48 11.47 34.97
CA GLY B 246 4.00 10.13 34.57
C GLY B 246 3.80 9.99 33.07
N ILE B 247 3.02 10.92 32.49
CA ILE B 247 2.81 10.98 31.03
C ILE B 247 4.15 10.93 30.31
N ASP B 248 5.06 11.78 30.77
CA ASP B 248 6.36 11.94 30.12
C ASP B 248 7.11 10.60 30.14
N ASN B 249 6.99 9.84 31.24
CA ASN B 249 7.72 8.58 31.39
C ASN B 249 6.91 7.34 30.98
N ILE B 250 5.89 7.54 30.15
CA ILE B 250 4.95 6.48 29.83
C ILE B 250 5.61 5.27 29.22
N GLU B 251 6.59 5.49 28.35
CA GLU B 251 7.25 4.36 27.73
C GLU B 251 8.03 3.60 28.81
N GLU B 252 8.82 4.35 29.58
CA GLU B 252 9.74 3.74 30.53
C GLU B 252 8.97 3.03 31.60
N ILE B 253 7.79 3.53 31.92
CA ILE B 253 6.94 2.88 32.93
C ILE B 253 6.38 1.56 32.44
N LEU B 254 5.92 1.53 31.19
CA LEU B 254 5.38 0.31 30.63
C LEU B 254 6.50 -0.74 30.51
N GLU B 255 7.68 -0.30 30.10
CA GLU B 255 8.84 -1.18 30.08
C GLU B 255 8.83 -2.12 31.29
N VAL B 256 8.45 -1.59 32.47
CA VAL B 256 8.55 -2.28 33.75
C VAL B 256 7.19 -2.65 34.34
N SER B 257 6.13 -2.56 33.57
CA SER B 257 4.79 -2.74 34.13
C SER B 257 3.96 -3.73 33.33
N ASP B 258 2.96 -4.32 33.97
CA ASP B 258 2.22 -5.42 33.38
C ASP B 258 1.01 -4.89 32.66
N GLY B 259 0.65 -3.65 32.90
CA GLY B 259 -0.55 -3.09 32.29
C GLY B 259 -0.55 -1.61 32.60
N LEU B 260 -1.73 -0.99 32.63
CA LEU B 260 -1.87 0.48 32.84
C LEU B 260 -3.31 0.93 33.04
N MET B 261 -3.49 1.86 33.98
CA MET B 261 -4.79 2.48 34.19
C MET B 261 -4.62 3.92 33.79
N VAL B 262 -5.73 4.57 33.47
CA VAL B 262 -5.74 5.96 33.08
C VAL B 262 -6.96 6.48 33.81
N ALA B 263 -6.75 6.97 35.03
CA ALA B 263 -7.78 7.69 35.77
C ALA B 263 -7.74 9.13 35.27
N ARG B 264 -8.87 9.61 34.73
CA ARG B 264 -8.95 10.95 34.12
C ARG B 264 -9.30 12.01 35.15
N GLY B 265 -10.08 11.61 36.16
CA GLY B 265 -10.46 12.51 37.25
C GLY B 265 -9.25 12.96 38.05
N ASP B 266 -8.38 12.00 38.35
CA ASP B 266 -7.14 12.29 39.03
C ASP B 266 -6.25 13.13 38.11
N MET B 267 -6.26 12.78 36.84
CA MET B 267 -5.36 13.37 35.85
C MET B 267 -5.78 14.78 35.48
N GLY B 268 -7.08 15.04 35.59
CA GLY B 268 -7.65 16.32 35.19
C GLY B 268 -7.28 17.44 36.13
N VAL B 269 -7.01 17.07 37.40
CA VAL B 269 -6.58 18.02 38.42
C VAL B 269 -5.27 18.67 37.99
N GLU B 270 -4.21 17.87 37.92
CA GLU B 270 -2.86 18.39 37.63
C GLU B 270 -2.66 18.83 36.18
N ILE B 271 -3.53 18.41 35.26
CA ILE B 271 -3.42 18.88 33.86
C ILE B 271 -4.77 19.30 33.27
N PRO B 272 -4.73 20.30 32.35
CA PRO B 272 -5.97 20.92 31.90
C PRO B 272 -6.88 19.90 31.26
N PRO B 273 -8.18 19.89 31.63
CA PRO B 273 -9.20 19.05 30.97
C PRO B 273 -9.24 19.16 29.42
N GLU B 274 -8.99 20.33 28.87
CA GLU B 274 -8.93 20.50 27.41
C GLU B 274 -7.88 19.58 26.79
N LYS B 275 -6.79 19.34 27.52
CA LYS B 275 -5.64 18.56 27.05
C LYS B 275 -5.78 17.07 27.36
N VAL B 276 -6.75 16.71 28.20
CA VAL B 276 -6.85 15.34 28.79
C VAL B 276 -7.08 14.20 27.78
N PRO B 277 -8.13 14.33 26.94
CA PRO B 277 -8.47 13.27 26.00
C PRO B 277 -7.33 13.06 25.06
N MET B 278 -6.68 14.13 24.63
CA MET B 278 -5.51 14.02 23.75
C MET B 278 -4.48 13.08 24.37
N VAL B 279 -4.29 13.20 25.68
CA VAL B 279 -3.33 12.38 26.40
C VAL B 279 -3.88 10.95 26.56
N GLN B 280 -5.15 10.84 26.96
CA GLN B 280 -5.79 9.52 27.08
C GLN B 280 -5.50 8.66 25.84
N LYS B 281 -5.76 9.25 24.68
CA LYS B 281 -5.56 8.59 23.39
C LYS B 281 -4.12 8.14 23.26
N ASP B 282 -3.21 9.06 23.52
CA ASP B 282 -1.80 8.80 23.34
C ASP B 282 -1.28 7.69 24.27
N LEU B 283 -1.82 7.62 25.49
CA LEU B 283 -1.38 6.59 26.44
C LEU B 283 -1.83 5.22 25.96
N ILE B 284 -3.15 5.11 25.74
CA ILE B 284 -3.77 3.84 25.29
C ILE B 284 -3.05 3.31 24.07
N ARG B 285 -2.84 4.20 23.11
CA ARG B 285 -2.03 3.88 21.96
C ARG B 285 -0.73 3.24 22.44
N GLN B 286 -0.04 3.91 23.34
CA GLN B 286 1.29 3.49 23.73
C GLN B 286 1.28 2.13 24.46
N CYS B 287 0.13 1.79 25.05
CA CYS B 287 -0.11 0.46 25.61
C CYS B 287 -0.27 -0.56 24.52
N ASN B 288 -1.18 -0.27 23.62
CA ASN B 288 -1.44 -1.17 22.52
C ASN B 288 -0.15 -1.46 21.77
N LYS B 289 0.72 -0.47 21.62
CA LYS B 289 1.98 -0.69 20.93
C LYS B 289 2.84 -1.80 21.55
N LEU B 290 2.71 -2.00 22.87
CA LEU B 290 3.52 -2.98 23.61
C LEU B 290 2.63 -4.14 24.13
N GLY B 291 1.34 -4.03 23.87
CA GLY B 291 0.43 -5.11 24.14
C GLY B 291 0.14 -5.24 25.60
N LYS B 292 0.35 -4.14 26.32
CA LYS B 292 -0.02 -4.06 27.72
C LYS B 292 -1.49 -3.64 27.71
N PRO B 293 -2.31 -4.33 28.48
CA PRO B 293 -3.71 -4.02 28.64
C PRO B 293 -3.88 -2.64 29.23
N VAL B 294 -4.90 -1.91 28.83
CA VAL B 294 -5.13 -0.61 29.42
C VAL B 294 -6.57 -0.49 29.95
N ILE B 295 -6.71 0.04 31.17
CA ILE B 295 -8.03 0.35 31.70
C ILE B 295 -8.27 1.83 31.57
N THR B 296 -9.41 2.24 31.05
CA THR B 296 -9.79 3.63 31.10
C THR B 296 -10.70 3.71 32.30
N ALA B 297 -10.50 4.73 33.15
CA ALA B 297 -11.09 4.77 34.50
C ALA B 297 -11.70 6.11 34.83
N THR B 298 -12.60 6.12 35.81
CA THR B 298 -13.07 7.37 36.43
C THR B 298 -13.98 8.19 35.50
N GLN B 299 -14.96 8.87 36.11
CA GLN B 299 -15.81 9.81 35.37
C GLN B 299 -16.45 9.18 34.15
N MET B 300 -16.70 7.88 34.20
CA MET B 300 -17.27 7.19 33.04
C MET B 300 -18.76 7.48 32.94
N LEU B 301 -19.54 6.86 33.85
CA LEU B 301 -20.98 7.03 33.88
C LEU B 301 -21.42 7.54 35.27
N ASP B 302 -20.76 8.62 35.72
CA ASP B 302 -20.98 9.13 37.07
C ASP B 302 -22.39 9.70 37.29
N SER B 303 -23.14 9.94 36.20
CA SER B 303 -24.57 10.27 36.31
C SER B 303 -25.42 9.09 36.81
N MET B 304 -24.96 7.87 36.55
CA MET B 304 -25.73 6.67 36.91
C MET B 304 -25.68 6.30 38.39
N GLN B 305 -24.94 7.07 39.20
CA GLN B 305 -25.00 6.91 40.65
C GLN B 305 -26.41 7.30 41.10
N ARG B 306 -26.92 8.42 40.57
CA ARG B 306 -28.23 8.95 40.93
C ARG B 306 -29.34 8.50 39.99
N ASN B 307 -29.03 8.46 38.70
CA ASN B 307 -30.02 8.14 37.67
C ASN B 307 -29.94 6.68 37.23
N PRO B 308 -30.97 6.19 36.50
CA PRO B 308 -30.99 4.82 35.99
C PRO B 308 -30.51 4.67 34.54
N ARG B 309 -30.22 5.77 33.87
CA ARG B 309 -29.71 5.73 32.50
C ARG B 309 -28.71 6.88 32.24
N ALA B 310 -27.62 6.59 31.54
CA ALA B 310 -26.56 7.58 31.33
C ALA B 310 -26.92 8.61 30.27
N THR B 311 -26.20 9.74 30.32
CA THR B 311 -26.40 10.81 29.37
C THR B 311 -25.83 10.39 28.03
N ARG B 312 -26.01 11.24 27.04
CA ARG B 312 -25.44 11.04 25.73
C ARG B 312 -23.93 11.25 25.76
N ALA B 313 -23.47 12.34 26.38
CA ALA B 313 -22.01 12.67 26.45
C ALA B 313 -21.18 11.65 27.24
N GLU B 314 -21.84 10.93 28.16
CA GLU B 314 -21.23 9.81 28.86
C GLU B 314 -21.17 8.63 27.91
N ALA B 315 -22.30 8.29 27.32
CA ALA B 315 -22.33 7.24 26.31
C ALA B 315 -21.24 7.53 25.26
N SER B 316 -21.09 8.79 24.84
CA SER B 316 -20.06 9.21 23.84
C SER B 316 -18.64 8.99 24.31
N ASP B 317 -18.37 9.45 25.52
CA ASP B 317 -17.06 9.27 26.12
C ASP B 317 -16.70 7.78 26.33
N VAL B 318 -17.66 6.95 26.73
CA VAL B 318 -17.36 5.53 26.97
C VAL B 318 -16.88 4.96 25.66
N ALA B 319 -17.71 5.15 24.64
CA ALA B 319 -17.42 4.65 23.32
C ALA B 319 -16.04 5.11 22.86
N ASN B 320 -15.80 6.43 22.90
CA ASN B 320 -14.50 7.01 22.45
C ASN B 320 -13.30 6.45 23.20
N ALA B 321 -13.52 5.90 24.38
CA ALA B 321 -12.50 5.12 25.08
C ALA B 321 -12.18 3.93 24.24
N ILE B 322 -13.23 3.24 23.82
CA ILE B 322 -13.11 1.99 23.07
C ILE B 322 -12.56 2.21 21.70
N TYR B 323 -12.96 3.31 21.07
CA TYR B 323 -12.34 3.70 19.83
C TYR B 323 -10.86 4.06 19.99
N ASP B 324 -10.47 4.64 21.14
CA ASP B 324 -9.06 4.99 21.41
C ASP B 324 -8.20 3.72 21.53
N GLY B 325 -8.82 2.62 21.98
CA GLY B 325 -8.18 1.31 21.92
C GLY B 325 -8.03 0.62 23.26
N THR B 326 -9.06 0.75 24.09
CA THR B 326 -8.91 0.43 25.50
C THR B 326 -9.23 -1.02 25.73
N ASP B 327 -8.34 -1.77 26.39
CA ASP B 327 -8.64 -3.17 26.70
C ASP B 327 -9.81 -3.28 27.65
N ALA B 328 -10.11 -2.26 28.45
CA ALA B 328 -11.15 -2.42 29.46
C ALA B 328 -11.71 -1.09 29.94
N VAL B 329 -12.80 -1.16 30.70
CA VAL B 329 -13.49 0.02 31.16
C VAL B 329 -14.00 -0.15 32.57
N MET B 330 -13.76 0.86 33.39
CA MET B 330 -13.99 0.79 34.83
C MET B 330 -15.17 1.64 35.33
N LEU B 331 -15.74 1.21 36.45
CA LEU B 331 -16.82 1.93 37.08
C LEU B 331 -16.47 2.17 38.55
N SER B 332 -16.41 3.43 38.95
CA SER B 332 -16.09 3.76 40.33
C SER B 332 -17.37 3.74 41.16
N GLY B 333 -17.88 4.93 41.48
CA GLY B 333 -19.04 5.06 42.37
C GLY B 333 -20.29 4.42 41.82
N GLU B 334 -20.37 4.28 40.50
CA GLU B 334 -21.58 3.80 39.83
C GLU B 334 -22.01 2.44 40.35
N THR B 335 -21.03 1.57 40.63
CA THR B 335 -21.27 0.23 41.18
C THR B 335 -20.96 0.13 42.67
N ALA B 336 -20.12 1.04 43.18
CA ALA B 336 -19.68 0.99 44.57
C ALA B 336 -20.77 1.46 45.54
N ALA B 337 -21.08 2.74 45.51
CA ALA B 337 -22.04 3.30 46.44
C ALA B 337 -23.25 3.91 45.73
N GLY B 338 -23.33 3.72 44.42
CA GLY B 338 -24.42 4.32 43.64
C GLY B 338 -25.75 3.64 43.90
N LEU B 339 -26.82 4.29 43.43
CA LEU B 339 -28.19 3.78 43.62
C LEU B 339 -28.49 2.64 42.65
N TYR B 340 -27.89 2.70 41.47
CA TYR B 340 -28.18 1.76 40.40
C TYR B 340 -26.89 1.07 39.96
N PRO B 341 -26.57 -0.07 40.58
CA PRO B 341 -25.33 -0.74 40.23
C PRO B 341 -25.49 -1.66 39.01
N GLU B 342 -26.49 -2.53 39.06
CA GLU B 342 -26.73 -3.48 37.99
C GLU B 342 -26.95 -2.75 36.64
N GLU B 343 -27.67 -1.65 36.68
CA GLU B 343 -28.04 -0.92 35.47
C GLU B 343 -26.81 -0.30 34.83
N ALA B 344 -25.91 0.20 35.67
CA ALA B 344 -24.68 0.81 35.21
C ALA B 344 -23.77 -0.21 34.55
N VAL B 345 -23.81 -1.46 35.01
CA VAL B 345 -23.01 -2.53 34.41
C VAL B 345 -23.63 -2.97 33.10
N LYS B 346 -24.94 -3.15 33.14
CA LYS B 346 -25.67 -3.52 31.94
C LYS B 346 -25.36 -2.49 30.86
N THR B 347 -25.61 -1.22 31.17
CA THR B 347 -25.46 -0.15 30.19
C THR B 347 -24.01 0.03 29.71
N MET B 348 -23.05 -0.42 30.52
CA MET B 348 -21.63 -0.33 30.16
C MET B 348 -21.38 -1.33 29.06
N ARG B 349 -21.88 -2.54 29.27
CA ARG B 349 -21.75 -3.60 28.29
C ARG B 349 -22.44 -3.20 26.96
N ASN B 350 -23.61 -2.62 27.08
CA ASN B 350 -24.34 -2.20 25.90
C ASN B 350 -23.51 -1.26 25.03
N ILE B 351 -23.05 -0.15 25.62
CA ILE B 351 -22.31 0.87 24.88
C ILE B 351 -21.07 0.25 24.24
N ALA B 352 -20.47 -0.72 24.93
CA ALA B 352 -19.33 -1.45 24.41
C ALA B 352 -19.71 -2.20 23.13
N VAL B 353 -20.72 -3.06 23.25
CA VAL B 353 -21.13 -3.87 22.11
C VAL B 353 -21.52 -2.98 20.93
N SER B 354 -22.24 -1.90 21.22
CA SER B 354 -22.64 -0.92 20.19
C SER B 354 -21.44 -0.38 19.44
N ALA B 355 -20.55 0.31 20.12
CA ALA B 355 -19.42 1.00 19.46
C ALA B 355 -18.28 0.07 19.03
N GLU B 356 -18.39 -1.23 19.31
CA GLU B 356 -17.52 -2.23 18.69
C GLU B 356 -18.18 -2.71 17.41
N ALA B 357 -19.48 -3.01 17.52
CA ALA B 357 -20.30 -3.41 16.39
C ALA B 357 -19.93 -2.53 15.22
N ALA B 358 -19.91 -1.22 15.47
CA ALA B 358 -19.72 -0.24 14.41
C ALA B 358 -18.26 0.14 14.17
N GLN B 359 -17.33 -0.83 14.10
CA GLN B 359 -15.92 -0.49 13.85
C GLN B 359 -15.09 -1.44 13.00
N ASP B 360 -14.33 -0.85 12.10
CA ASP B 360 -13.77 -1.52 10.93
C ASP B 360 -12.49 -2.30 11.23
N TYR B 361 -12.62 -3.60 11.44
CA TYR B 361 -11.47 -4.41 11.88
C TYR B 361 -10.35 -4.48 10.87
N LYS B 362 -10.63 -4.13 9.62
CA LYS B 362 -9.62 -4.09 8.58
C LYS B 362 -8.67 -2.93 8.86
N LYS B 363 -9.24 -1.73 9.02
CA LYS B 363 -8.43 -0.54 9.32
C LYS B 363 -7.69 -0.85 10.59
N LEU B 364 -8.46 -1.22 11.61
CA LEU B 364 -7.96 -1.57 12.95
C LEU B 364 -6.71 -2.45 12.91
N LEU B 365 -6.78 -3.56 12.16
CA LEU B 365 -5.64 -4.49 12.03
C LEU B 365 -4.46 -3.84 11.29
N SER B 366 -4.80 -3.15 10.20
CA SER B 366 -3.82 -2.48 9.35
C SER B 366 -3.06 -1.50 10.21
N ASP B 367 -3.85 -0.84 11.06
CA ASP B 367 -3.38 0.17 12.00
C ASP B 367 -2.36 -0.41 12.96
N ARG B 368 -2.75 -1.46 13.67
CA ARG B 368 -1.84 -2.15 14.58
C ARG B 368 -0.66 -2.83 13.87
N THR B 369 -0.80 -3.20 12.59
CA THR B 369 0.29 -3.85 11.87
C THR B 369 1.47 -2.90 11.66
N LYS B 370 1.16 -1.65 11.33
CA LYS B 370 2.16 -0.58 11.30
C LYS B 370 2.64 -0.19 12.72
N LEU B 371 1.68 0.06 13.62
CA LEU B 371 1.91 0.56 15.01
C LEU B 371 2.85 -0.30 15.84
N VAL B 372 2.49 -1.57 16.05
CA VAL B 372 3.37 -2.50 16.79
C VAL B 372 4.56 -2.97 15.94
N GLU B 373 5.64 -3.30 16.64
CA GLU B 373 6.91 -3.56 16.02
C GLU B 373 6.83 -4.87 15.26
N THR B 374 7.69 -4.99 14.27
CA THR B 374 7.76 -6.16 13.41
C THR B 374 8.97 -7.03 13.84
N SER B 375 8.70 -8.04 14.66
CA SER B 375 9.75 -8.81 15.33
C SER B 375 9.41 -10.27 15.58
N LEU B 376 10.46 -11.09 15.72
CA LEU B 376 10.35 -12.54 15.98
C LEU B 376 9.29 -12.91 17.00
N VAL B 377 9.11 -12.05 18.00
CA VAL B 377 8.10 -12.25 19.05
C VAL B 377 6.65 -12.10 18.54
N ASN B 378 6.49 -11.17 17.60
CA ASN B 378 5.19 -10.82 17.08
C ASN B 378 4.78 -11.54 15.80
N ALA B 379 5.75 -12.16 15.12
CA ALA B 379 5.48 -12.71 13.78
C ALA B 379 4.12 -13.38 13.71
N ILE B 380 3.81 -14.14 14.74
CA ILE B 380 2.66 -15.01 14.68
C ILE B 380 1.40 -14.26 14.94
N GLY B 381 1.49 -13.27 15.81
CA GLY B 381 0.36 -12.41 16.06
C GLY B 381 -0.12 -11.74 14.77
N ILE B 382 0.85 -11.38 13.93
CA ILE B 382 0.57 -10.69 12.65
C ILE B 382 -0.16 -11.66 11.71
N SER B 383 0.49 -12.82 11.49
CA SER B 383 -0.06 -13.84 10.60
C SER B 383 -1.46 -14.21 11.09
N VAL B 384 -1.59 -14.51 12.37
CA VAL B 384 -2.90 -14.92 12.88
C VAL B 384 -3.93 -13.85 12.58
N ALA B 385 -3.60 -12.58 12.78
CA ALA B 385 -4.61 -11.52 12.72
C ALA B 385 -5.12 -11.35 11.32
N HIS B 386 -4.20 -11.41 10.36
CA HIS B 386 -4.55 -11.34 8.95
C HIS B 386 -5.33 -12.56 8.48
N THR B 387 -4.73 -13.74 8.70
CA THR B 387 -5.37 -15.01 8.40
C THR B 387 -6.79 -15.03 8.93
N ALA B 388 -6.99 -14.55 10.16
CA ALA B 388 -8.30 -14.48 10.78
C ALA B 388 -9.25 -13.54 10.06
N LEU B 389 -8.76 -12.38 9.64
CA LEU B 389 -9.62 -11.42 8.95
C LEU B 389 -10.04 -11.90 7.56
N ASN B 390 -9.06 -12.39 6.80
CA ASN B 390 -9.26 -12.80 5.40
C ASN B 390 -10.06 -14.09 5.19
N LEU B 391 -9.89 -15.06 6.09
CA LEU B 391 -10.61 -16.28 5.95
C LEU B 391 -11.90 -16.28 6.76
N ASN B 392 -12.13 -15.23 7.53
CA ASN B 392 -13.32 -15.13 8.41
C ASN B 392 -13.46 -16.32 9.41
N VAL B 393 -12.41 -16.55 10.19
CA VAL B 393 -12.39 -17.64 11.19
C VAL B 393 -13.23 -17.29 12.44
N LYS B 394 -13.98 -18.25 12.95
CA LYS B 394 -14.90 -17.99 14.07
C LYS B 394 -14.17 -17.73 15.40
N ALA B 395 -13.08 -18.45 15.63
CA ALA B 395 -12.38 -18.31 16.89
C ALA B 395 -10.90 -18.63 16.78
N ILE B 396 -10.09 -17.77 17.43
CA ILE B 396 -8.67 -18.00 17.61
C ILE B 396 -8.46 -18.59 18.99
N VAL B 397 -8.20 -19.88 19.08
CA VAL B 397 -7.96 -20.48 20.38
C VAL B 397 -6.46 -20.39 20.75
N ALA B 398 -6.18 -19.63 21.81
CA ALA B 398 -4.82 -19.28 22.21
C ALA B 398 -4.38 -20.07 23.44
N ALA B 399 -3.38 -20.93 23.28
CA ALA B 399 -2.92 -21.77 24.37
C ALA B 399 -1.77 -21.13 25.14
N THR B 400 -2.03 -20.83 26.42
CA THR B 400 -1.09 -20.07 27.29
C THR B 400 -0.86 -20.63 28.68
N GLU B 401 0.39 -20.59 29.12
CA GLU B 401 0.76 -20.86 30.49
C GLU B 401 0.64 -19.55 31.25
N SER B 402 1.36 -18.54 30.77
CA SER B 402 1.41 -17.21 31.38
C SER B 402 0.28 -16.32 30.90
N GLY B 403 0.04 -16.32 29.61
CA GLY B 403 -0.94 -15.43 28.98
C GLY B 403 -0.36 -14.55 27.89
N SER B 404 0.97 -14.56 27.74
CA SER B 404 1.61 -13.72 26.73
C SER B 404 1.01 -14.01 25.35
N THR B 405 0.78 -15.28 25.02
CA THR B 405 0.16 -15.61 23.74
C THR B 405 -1.25 -15.04 23.57
N ALA B 406 -2.04 -15.02 24.63
CA ALA B 406 -3.36 -14.41 24.53
C ALA B 406 -3.24 -12.89 24.32
N ARG B 407 -2.19 -12.30 24.90
CA ARG B 407 -1.98 -10.87 24.75
C ARG B 407 -1.29 -10.56 23.43
N THR B 408 -0.50 -11.49 22.91
CA THR B 408 0.16 -11.25 21.64
C THR B 408 -0.89 -11.28 20.58
N ILE B 409 -1.94 -12.08 20.77
CA ILE B 409 -3.05 -12.10 19.81
C ILE B 409 -3.98 -10.94 20.01
N SER B 410 -4.35 -10.66 21.26
CA SER B 410 -5.24 -9.54 21.55
C SER B 410 -4.76 -8.22 20.91
N LYS B 411 -3.44 -7.96 20.95
CA LYS B 411 -2.91 -6.62 20.65
C LYS B 411 -3.14 -6.23 19.19
N TYR B 412 -3.30 -7.25 18.35
CA TYR B 412 -3.59 -7.03 16.95
C TYR B 412 -5.07 -7.06 16.64
N ARG B 413 -5.90 -7.07 17.68
CA ARG B 413 -7.32 -6.73 17.53
C ARG B 413 -8.10 -7.41 16.37
N PRO B 414 -8.22 -8.73 16.39
CA PRO B 414 -8.96 -9.38 15.32
C PRO B 414 -10.43 -9.56 15.65
N HIS B 415 -11.32 -9.50 14.63
CA HIS B 415 -12.75 -9.70 14.82
C HIS B 415 -13.00 -10.99 15.55
N SER B 416 -12.25 -12.02 15.21
CA SER B 416 -12.41 -13.35 15.80
C SER B 416 -12.35 -13.33 17.33
N ASP B 417 -13.17 -14.15 17.96
CA ASP B 417 -13.20 -14.23 19.41
C ASP B 417 -11.97 -14.98 19.81
N ILE B 418 -11.22 -14.42 20.73
CA ILE B 418 -10.02 -15.08 21.19
C ILE B 418 -10.48 -15.98 22.32
N ILE B 419 -9.91 -17.18 22.41
CA ILE B 419 -10.17 -18.10 23.53
C ILE B 419 -8.81 -18.48 24.12
N ALA B 420 -8.63 -18.22 25.42
CA ALA B 420 -7.37 -18.57 26.10
C ALA B 420 -7.52 -19.85 26.92
N VAL B 421 -6.99 -20.97 26.40
CA VAL B 421 -7.01 -22.25 27.12
C VAL B 421 -5.78 -22.31 27.99
N THR B 422 -6.00 -22.25 29.31
CA THR B 422 -4.92 -22.18 30.27
C THR B 422 -5.00 -23.23 31.43
N PRO B 423 -3.86 -23.92 31.71
CA PRO B 423 -3.82 -24.82 32.84
C PRO B 423 -3.84 -24.06 34.15
N SER B 424 -3.19 -22.89 34.17
CA SER B 424 -3.16 -22.04 35.35
C SER B 424 -4.47 -21.29 35.56
N GLU B 425 -5.10 -21.54 36.70
CA GLU B 425 -6.32 -20.85 37.08
C GLU B 425 -6.08 -19.35 37.21
N GLU B 426 -4.93 -18.99 37.79
CA GLU B 426 -4.62 -17.59 38.05
C GLU B 426 -4.32 -16.82 36.77
N THR B 427 -3.58 -17.44 35.84
CA THR B 427 -3.30 -16.76 34.57
C THR B 427 -4.62 -16.61 33.79
N ALA B 428 -5.55 -17.50 34.02
CA ALA B 428 -6.88 -17.32 33.49
C ALA B 428 -7.51 -16.07 34.02
N ARG B 429 -7.37 -15.77 35.31
CA ARG B 429 -7.95 -14.52 35.83
C ARG B 429 -7.21 -13.28 35.32
N GLN B 430 -5.91 -13.40 35.08
CA GLN B 430 -5.18 -12.29 34.53
C GLN B 430 -5.67 -11.98 33.11
N CYS B 431 -6.14 -13.02 32.40
CA CYS B 431 -6.61 -12.87 31.04
C CYS B 431 -7.89 -12.11 31.00
N SER B 432 -8.75 -12.32 31.99
CA SER B 432 -10.06 -11.68 32.03
C SER B 432 -10.07 -10.16 31.79
N ILE B 433 -8.91 -9.52 31.78
CA ILE B 433 -8.88 -8.08 31.50
C ILE B 433 -8.41 -7.73 30.11
N VAL B 434 -7.71 -8.66 29.42
CA VAL B 434 -7.14 -8.32 28.12
C VAL B 434 -8.25 -8.35 27.10
N TRP B 435 -8.03 -7.56 26.05
CA TRP B 435 -9.08 -7.24 25.10
C TRP B 435 -9.43 -8.44 24.34
N GLY B 436 -10.72 -8.68 24.22
CA GLY B 436 -11.25 -9.77 23.37
C GLY B 436 -11.05 -11.22 23.79
N VAL B 437 -10.38 -11.45 24.92
CA VAL B 437 -9.99 -12.79 25.33
C VAL B 437 -10.97 -13.37 26.32
N GLN B 438 -11.61 -14.47 25.93
CA GLN B 438 -12.55 -15.21 26.78
C GLN B 438 -11.81 -16.49 27.21
N PRO B 439 -11.33 -16.53 28.46
CA PRO B 439 -10.45 -17.58 28.93
C PRO B 439 -11.17 -18.80 29.46
N VAL B 440 -10.55 -19.96 29.31
CA VAL B 440 -11.06 -21.19 29.91
C VAL B 440 -9.90 -21.97 30.52
N VAL B 441 -10.20 -22.77 31.55
CA VAL B 441 -9.18 -23.58 32.19
C VAL B 441 -9.35 -25.04 31.86
N LYS B 442 -8.50 -25.52 30.96
CA LYS B 442 -8.38 -26.94 30.67
C LYS B 442 -7.01 -27.37 31.15
N LYS B 443 -6.88 -28.65 31.43
CA LYS B 443 -5.72 -29.21 32.12
C LYS B 443 -4.57 -29.52 31.17
N GLY B 444 -3.36 -29.43 31.69
CA GLY B 444 -2.15 -29.45 30.88
C GLY B 444 -1.93 -30.68 30.03
N ARG B 445 -1.73 -30.47 28.73
CA ARG B 445 -1.33 -31.51 27.80
C ARG B 445 0.15 -31.34 27.62
N LYS B 446 0.86 -32.43 27.39
CA LYS B 446 2.30 -32.30 27.18
C LYS B 446 2.62 -32.12 25.70
N SER B 447 2.16 -33.05 24.86
CA SER B 447 2.55 -33.06 23.45
C SER B 447 1.78 -32.04 22.61
N THR B 448 2.48 -31.43 21.65
CA THR B 448 1.87 -30.51 20.69
C THR B 448 0.53 -31.08 20.19
N ASP B 449 0.53 -32.37 19.87
CA ASP B 449 -0.68 -33.03 19.35
C ASP B 449 -1.86 -32.91 20.30
N ALA B 450 -1.62 -33.17 21.58
CA ALA B 450 -2.66 -33.06 22.59
C ALA B 450 -3.17 -31.63 22.65
N LEU B 451 -2.21 -30.71 22.56
CA LEU B 451 -2.48 -29.28 22.65
C LEU B 451 -3.44 -28.86 21.55
N LEU B 452 -3.23 -29.44 20.36
CA LEU B 452 -4.02 -29.09 19.19
C LEU B 452 -5.42 -29.68 19.29
N ASN B 453 -5.49 -30.97 19.60
CA ASN B 453 -6.78 -31.64 19.67
C ASN B 453 -7.62 -31.07 20.80
N ASN B 454 -6.98 -30.79 21.94
CA ASN B 454 -7.70 -30.19 23.04
C ASN B 454 -8.33 -28.90 22.55
N ALA B 455 -7.47 -27.98 22.12
CA ALA B 455 -7.90 -26.70 21.63
C ALA B 455 -9.22 -26.83 20.88
N VAL B 456 -9.21 -27.66 19.83
CA VAL B 456 -10.36 -27.83 18.95
C VAL B 456 -11.60 -28.26 19.75
N ALA B 457 -11.37 -29.16 20.70
CA ALA B 457 -12.41 -29.59 21.61
C ALA B 457 -12.91 -28.41 22.41
N THR B 458 -11.97 -27.68 23.01
CA THR B 458 -12.32 -26.57 23.92
C THR B 458 -13.11 -25.50 23.20
N ALA B 459 -12.79 -25.29 21.92
CA ALA B 459 -13.47 -24.26 21.15
C ALA B 459 -14.91 -24.62 20.90
N VAL B 460 -15.15 -25.91 20.71
CA VAL B 460 -16.50 -26.37 20.41
C VAL B 460 -17.33 -26.41 21.66
N GLU B 461 -16.69 -26.74 22.79
CA GLU B 461 -17.39 -26.86 24.07
C GLU B 461 -17.75 -25.50 24.67
N THR B 462 -17.08 -24.45 24.23
CA THR B 462 -17.57 -23.12 24.53
C THR B 462 -18.92 -22.92 23.86
N GLY B 463 -19.11 -23.52 22.69
CA GLY B 463 -20.36 -23.37 21.96
C GLY B 463 -20.29 -22.30 20.90
N ARG B 464 -19.27 -21.44 20.97
CA ARG B 464 -19.13 -20.36 20.00
C ARG B 464 -18.79 -20.88 18.58
N VAL B 465 -18.11 -22.03 18.51
CA VAL B 465 -17.81 -22.69 17.22
C VAL B 465 -18.57 -24.00 17.08
N THR B 466 -19.07 -24.27 15.88
CA THR B 466 -19.67 -25.58 15.54
C THR B 466 -18.96 -26.16 14.31
N ASN B 467 -19.61 -27.07 13.58
CA ASN B 467 -18.93 -27.88 12.56
C ASN B 467 -18.53 -27.17 11.28
N GLY B 468 -19.29 -26.16 10.89
CA GLY B 468 -18.92 -25.40 9.71
C GLY B 468 -17.64 -24.57 9.83
N ASP B 469 -17.34 -24.15 11.06
CA ASP B 469 -16.46 -23.01 11.31
C ASP B 469 -14.93 -23.23 11.15
N LEU B 470 -14.24 -22.15 10.83
CA LEU B 470 -12.78 -22.14 10.79
C LEU B 470 -12.17 -21.64 12.14
N ILE B 471 -11.05 -22.25 12.53
CA ILE B 471 -10.45 -22.01 13.85
C ILE B 471 -8.95 -21.86 13.69
N ILE B 472 -8.37 -20.86 14.35
CA ILE B 472 -6.89 -20.71 14.37
C ILE B 472 -6.39 -21.10 15.76
N ILE B 473 -5.54 -22.10 15.79
CA ILE B 473 -4.99 -22.60 17.03
C ILE B 473 -3.60 -22.03 17.08
N THR B 474 -3.29 -21.29 18.14
CA THR B 474 -1.96 -20.74 18.33
C THR B 474 -1.47 -20.95 19.75
N ALA B 475 -0.17 -21.19 19.86
CA ALA B 475 0.51 -21.43 21.13
C ALA B 475 2.00 -21.30 20.94
N GLY B 476 2.74 -21.29 22.03
CA GLY B 476 4.19 -21.41 21.98
C GLY B 476 4.53 -22.86 22.19
N VAL B 477 5.19 -23.50 21.23
CA VAL B 477 5.63 -24.88 21.43
C VAL B 477 7.12 -25.03 21.17
N PRO B 478 7.74 -26.04 21.80
CA PRO B 478 7.13 -26.97 22.77
C PRO B 478 6.78 -26.25 24.09
N THR B 479 5.71 -26.68 24.77
CA THR B 479 5.17 -25.90 25.89
C THR B 479 6.18 -25.69 27.03
N GLY B 480 7.17 -26.58 27.12
CA GLY B 480 8.33 -26.36 27.98
C GLY B 480 9.05 -25.06 27.65
N GLU B 481 9.89 -25.08 26.61
CA GLU B 481 10.73 -23.93 26.24
C GLU B 481 9.91 -22.79 25.64
N THR B 482 8.66 -22.64 26.08
CA THR B 482 7.78 -21.56 25.65
C THR B 482 8.26 -20.24 26.20
N GLY B 483 8.74 -19.39 25.32
CA GLY B 483 9.00 -18.01 25.65
C GLY B 483 7.89 -17.18 25.06
N THR B 484 7.79 -17.27 23.74
CA THR B 484 6.84 -16.48 22.97
C THR B 484 6.02 -17.41 22.12
N THR B 485 4.89 -16.93 21.63
CA THR B 485 4.07 -17.71 20.72
C THR B 485 4.81 -17.92 19.40
N ASN B 486 4.82 -19.15 18.89
CA ASN B 486 5.61 -19.46 17.71
C ASN B 486 4.99 -20.46 16.71
N MET B 487 3.73 -20.81 16.86
CA MET B 487 3.08 -21.62 15.83
C MET B 487 1.56 -21.39 15.75
N MET B 488 1.04 -21.58 14.55
CA MET B 488 -0.38 -21.49 14.34
C MET B 488 -0.78 -22.66 13.48
N LYS B 489 -2.06 -23.06 13.59
CA LYS B 489 -2.71 -24.08 12.76
C LYS B 489 -4.09 -23.53 12.42
N ILE B 490 -4.46 -23.61 11.16
CA ILE B 490 -5.80 -23.25 10.73
C ILE B 490 -6.48 -24.60 10.72
N HIS B 491 -7.76 -24.66 11.12
CA HIS B 491 -8.45 -25.95 11.27
C HIS B 491 -9.93 -25.84 11.06
N LEU B 492 -10.48 -26.62 10.12
CA LEU B 492 -11.92 -26.71 9.94
C LEU B 492 -12.45 -27.64 11.02
N VAL B 493 -13.51 -27.21 11.71
CA VAL B 493 -14.03 -27.97 12.85
C VAL B 493 -14.75 -29.22 12.35
N GLY B 494 -13.99 -30.15 11.77
CA GLY B 494 -14.54 -31.38 11.20
C GLY B 494 -15.67 -31.12 10.24
N ASP B 495 -16.27 -32.15 9.64
CA ASP B 495 -15.73 -33.50 9.60
C ASP B 495 -16.42 -34.24 8.45
N GLU B 496 -15.87 -34.07 7.26
CA GLU B 496 -16.34 -34.68 5.99
C GLU B 496 -17.35 -35.83 6.13
N ILE B 497 -18.63 -35.59 5.84
CA ILE B 497 -19.63 -36.66 5.94
C ILE B 497 -19.45 -37.70 4.84
N ALA B 498 -19.04 -37.26 3.65
CA ALA B 498 -18.74 -38.16 2.53
C ALA B 498 -17.46 -37.68 1.89
N ASN B 499 -16.85 -38.55 1.10
CA ASN B 499 -15.70 -38.12 0.29
C ASN B 499 -15.43 -39.04 -0.92
N GLY B 500 -14.46 -38.65 -1.73
CA GLY B 500 -14.09 -39.39 -2.92
C GLY B 500 -13.18 -38.57 -3.82
N GLN B 501 -13.18 -38.91 -5.11
CA GLN B 501 -12.36 -38.27 -6.13
C GLN B 501 -13.02 -36.97 -6.60
N GLY B 502 -12.46 -35.84 -6.20
CA GLY B 502 -13.03 -34.56 -6.60
C GLY B 502 -12.59 -34.16 -7.98
N ILE B 503 -13.51 -33.59 -8.76
CA ILE B 503 -13.21 -33.09 -10.10
C ILE B 503 -13.57 -31.61 -10.18
N GLY B 504 -12.72 -30.84 -10.82
CA GLY B 504 -12.77 -29.40 -10.69
C GLY B 504 -11.96 -29.06 -9.46
N ARG B 505 -12.00 -27.79 -9.07
CA ARG B 505 -11.27 -27.31 -7.90
C ARG B 505 -12.10 -26.36 -7.04
N GLY B 506 -13.34 -26.07 -7.42
CA GLY B 506 -14.15 -25.07 -6.72
C GLY B 506 -14.86 -25.63 -5.51
N SER B 507 -16.03 -25.07 -5.21
CA SER B 507 -16.87 -25.49 -4.08
C SER B 507 -18.16 -24.68 -4.03
N VAL B 508 -19.21 -25.27 -3.46
CA VAL B 508 -20.47 -24.55 -3.27
C VAL B 508 -21.24 -25.12 -2.07
N VAL B 509 -22.23 -24.33 -1.65
CA VAL B 509 -23.22 -24.78 -0.67
C VAL B 509 -24.55 -24.93 -1.41
N GLY B 510 -25.33 -25.91 -1.00
CA GLY B 510 -26.58 -26.21 -1.68
C GLY B 510 -27.25 -27.44 -1.11
N THR B 511 -28.58 -27.48 -1.25
CA THR B 511 -29.41 -28.54 -0.71
C THR B 511 -29.43 -29.75 -1.67
N THR B 512 -29.28 -30.96 -1.13
CA THR B 512 -29.16 -32.15 -2.00
C THR B 512 -30.49 -32.54 -2.65
N LEU B 513 -30.36 -33.39 -3.68
CA LEU B 513 -31.49 -33.96 -4.41
C LEU B 513 -31.04 -35.34 -4.96
N VAL B 514 -31.09 -36.37 -4.10
CA VAL B 514 -30.69 -37.74 -4.48
C VAL B 514 -31.63 -38.22 -5.58
N ALA B 515 -31.06 -38.50 -6.76
CA ALA B 515 -31.85 -38.90 -7.94
C ALA B 515 -31.58 -40.35 -8.29
N GLU B 516 -32.63 -41.17 -8.20
CA GLU B 516 -32.53 -42.57 -8.60
C GLU B 516 -32.69 -42.68 -10.12
N THR B 517 -33.60 -41.88 -10.68
CA THR B 517 -33.87 -41.86 -12.12
C THR B 517 -33.69 -40.47 -12.70
N VAL B 518 -33.51 -40.42 -14.02
CA VAL B 518 -33.52 -39.17 -14.77
C VAL B 518 -34.85 -38.41 -14.57
N LYS B 519 -35.92 -39.18 -14.38
CA LYS B 519 -37.26 -38.66 -14.13
C LYS B 519 -37.45 -38.31 -12.67
N ASP B 520 -36.50 -38.72 -11.83
CA ASP B 520 -36.50 -38.40 -10.39
C ASP B 520 -35.95 -36.99 -10.12
N LEU B 521 -35.95 -36.16 -11.16
CA LEU B 521 -35.61 -34.75 -11.04
C LEU B 521 -36.14 -33.93 -12.24
N GLU B 522 -37.21 -34.41 -12.88
CA GLU B 522 -37.63 -33.88 -14.18
C GLU B 522 -38.41 -32.57 -14.05
N GLY B 523 -39.66 -32.66 -13.63
CA GLY B 523 -40.55 -31.49 -13.59
C GLY B 523 -40.55 -30.80 -12.24
N LYS B 524 -39.42 -30.88 -11.54
CA LYS B 524 -39.30 -30.37 -10.19
C LYS B 524 -37.86 -29.94 -9.96
N ASP B 525 -37.41 -28.95 -10.74
CA ASP B 525 -36.01 -28.56 -10.70
C ASP B 525 -35.74 -27.06 -10.86
N LEU B 526 -35.46 -26.40 -9.74
CA LEU B 526 -34.77 -25.12 -9.76
C LEU B 526 -33.28 -25.43 -9.90
N SER B 527 -32.46 -24.39 -9.81
CA SER B 527 -31.01 -24.52 -9.72
C SER B 527 -30.62 -24.91 -8.30
N ASP B 528 -29.67 -24.17 -7.71
CA ASP B 528 -29.36 -24.16 -6.27
C ASP B 528 -29.36 -25.51 -5.50
N LYS B 529 -29.10 -26.62 -6.18
CA LYS B 529 -29.08 -27.93 -5.53
C LYS B 529 -27.92 -28.78 -6.00
N VAL B 530 -27.51 -29.76 -5.19
CA VAL B 530 -26.42 -30.65 -5.55
C VAL B 530 -26.93 -32.07 -5.70
N ILE B 531 -26.91 -32.58 -6.94
CA ILE B 531 -27.57 -33.84 -7.30
C ILE B 531 -26.70 -35.07 -6.99
N VAL B 532 -27.33 -36.13 -6.51
CA VAL B 532 -26.62 -37.36 -6.11
C VAL B 532 -27.17 -38.64 -6.77
N THR B 533 -26.53 -39.07 -7.86
CA THR B 533 -26.99 -40.20 -8.64
C THR B 533 -25.94 -41.30 -8.60
N ASN B 534 -26.18 -42.43 -9.29
CA ASN B 534 -25.14 -43.44 -9.45
C ASN B 534 -24.09 -43.00 -10.46
N SER B 535 -24.52 -42.83 -11.71
CA SER B 535 -23.64 -42.27 -12.74
C SER B 535 -24.44 -41.30 -13.59
N ILE B 536 -23.77 -40.74 -14.60
CA ILE B 536 -24.44 -39.90 -15.60
C ILE B 536 -24.59 -40.63 -16.95
N ASP B 537 -25.82 -40.62 -17.46
CA ASP B 537 -26.16 -41.09 -18.79
C ASP B 537 -26.20 -39.89 -19.72
N GLU B 538 -26.60 -40.13 -20.96
CA GLU B 538 -26.97 -39.07 -21.90
C GLU B 538 -28.22 -38.30 -21.41
N THR B 539 -29.07 -39.01 -20.64
CA THR B 539 -30.34 -38.49 -20.12
C THR B 539 -30.20 -37.67 -18.84
N PHE B 540 -29.06 -37.83 -18.16
CA PHE B 540 -28.73 -36.99 -17.00
C PHE B 540 -28.08 -35.66 -17.42
N VAL B 541 -27.23 -35.71 -18.45
CA VAL B 541 -26.45 -34.55 -18.89
C VAL B 541 -27.25 -33.29 -19.26
N PRO B 542 -28.54 -33.40 -19.59
CA PRO B 542 -29.29 -32.15 -19.71
C PRO B 542 -29.57 -31.48 -18.36
N TYR B 543 -29.79 -32.30 -17.32
CA TYR B 543 -30.20 -31.79 -16.00
C TYR B 543 -29.04 -31.31 -15.13
N VAL B 544 -27.86 -31.91 -15.30
CA VAL B 544 -26.67 -31.58 -14.50
C VAL B 544 -26.24 -30.12 -14.63
N GLU B 545 -26.14 -29.62 -15.87
CA GLU B 545 -25.75 -28.23 -16.18
C GLU B 545 -26.61 -27.15 -15.49
N LYS B 546 -27.86 -27.49 -15.19
CA LYS B 546 -28.79 -26.56 -14.55
C LYS B 546 -28.54 -26.46 -13.03
N ALA B 547 -27.77 -27.42 -12.48
CA ALA B 547 -27.60 -27.58 -11.04
C ALA B 547 -26.34 -26.88 -10.51
N LEU B 548 -26.16 -26.97 -9.19
CA LEU B 548 -25.05 -26.32 -8.48
C LEU B 548 -23.84 -27.22 -8.35
N GLY B 549 -24.06 -28.47 -7.94
CA GLY B 549 -22.98 -29.43 -7.73
C GLY B 549 -23.41 -30.84 -8.07
N LEU B 550 -22.47 -31.78 -8.01
CA LEU B 550 -22.78 -33.16 -8.38
C LEU B 550 -21.95 -34.13 -7.55
N ILE B 551 -22.60 -35.19 -7.07
CA ILE B 551 -21.93 -36.28 -6.37
C ILE B 551 -22.37 -37.62 -6.96
N THR B 552 -21.51 -38.23 -7.76
CA THR B 552 -21.82 -39.50 -8.40
C THR B 552 -21.17 -40.63 -7.61
N GLU B 553 -21.74 -41.84 -7.70
CA GLU B 553 -21.47 -42.88 -6.70
C GLU B 553 -20.09 -43.49 -6.86
N GLU B 554 -19.91 -44.15 -7.98
CA GLU B 554 -18.65 -44.75 -8.32
C GLU B 554 -18.32 -43.99 -9.58
N ASN B 555 -17.06 -44.06 -10.02
CA ASN B 555 -16.66 -43.59 -11.34
C ASN B 555 -15.15 -43.35 -11.35
N GLY B 556 -14.59 -43.03 -12.51
CA GLY B 556 -13.18 -42.57 -12.66
C GLY B 556 -13.06 -41.13 -13.17
N ILE B 557 -11.83 -40.66 -13.42
CA ILE B 557 -11.62 -39.22 -13.70
C ILE B 557 -12.16 -38.73 -15.02
N THR B 558 -12.22 -39.61 -16.01
CA THR B 558 -12.69 -39.21 -17.33
C THR B 558 -14.10 -39.74 -17.57
N SER B 559 -14.74 -40.22 -16.49
CA SER B 559 -16.06 -40.81 -16.56
C SER B 559 -17.12 -39.89 -17.18
N PRO B 560 -18.31 -40.43 -17.49
CA PRO B 560 -19.35 -39.53 -18.01
C PRO B 560 -19.67 -38.47 -16.99
N SER B 561 -19.67 -38.87 -15.71
CA SER B 561 -20.01 -38.00 -14.58
C SER B 561 -18.96 -36.91 -14.36
N ALA B 562 -17.69 -37.29 -14.46
CA ALA B 562 -16.56 -36.39 -14.25
C ALA B 562 -16.40 -35.40 -15.40
N ILE B 563 -16.39 -35.91 -16.61
CA ILE B 563 -16.14 -35.09 -17.79
C ILE B 563 -17.23 -34.00 -17.90
N VAL B 564 -18.48 -34.35 -17.63
CA VAL B 564 -19.62 -33.41 -17.76
C VAL B 564 -19.60 -32.33 -16.70
N GLY B 565 -18.99 -32.62 -15.56
CA GLY B 565 -18.82 -31.64 -14.49
C GLY B 565 -17.74 -30.62 -14.84
N LEU B 566 -16.52 -31.11 -15.09
CA LEU B 566 -15.38 -30.26 -15.43
C LEU B 566 -15.73 -29.33 -16.60
N GLU B 567 -16.35 -29.88 -17.64
CA GLU B 567 -16.68 -29.12 -18.84
C GLU B 567 -17.64 -27.97 -18.57
N LYS B 568 -18.69 -28.23 -17.80
CA LYS B 568 -19.72 -27.22 -17.53
C LYS B 568 -19.35 -26.30 -16.36
N GLY B 569 -18.21 -26.57 -15.71
CA GLY B 569 -17.71 -25.74 -14.64
C GLY B 569 -18.43 -25.95 -13.31
N ILE B 570 -18.94 -27.14 -13.10
CA ILE B 570 -19.62 -27.46 -11.86
C ILE B 570 -18.65 -28.26 -11.01
N PRO B 571 -18.53 -27.87 -9.73
CA PRO B 571 -17.72 -28.69 -8.85
C PRO B 571 -18.39 -30.03 -8.59
N THR B 572 -17.65 -31.13 -8.72
CA THR B 572 -18.22 -32.44 -8.49
C THR B 572 -17.27 -33.33 -7.70
N VAL B 573 -17.79 -34.44 -7.19
CA VAL B 573 -16.93 -35.51 -6.66
C VAL B 573 -17.48 -36.84 -7.15
N VAL B 574 -16.65 -37.58 -7.87
CA VAL B 574 -16.98 -38.94 -8.29
C VAL B 574 -16.39 -39.94 -7.29
N GLY B 575 -16.76 -41.21 -7.36
CA GLY B 575 -16.15 -42.22 -6.50
C GLY B 575 -16.58 -42.18 -5.05
N VAL B 576 -17.83 -41.77 -4.79
CA VAL B 576 -18.37 -41.66 -3.43
C VAL B 576 -19.12 -42.95 -2.98
N GLU B 577 -18.49 -43.74 -2.11
CA GLU B 577 -19.12 -44.95 -1.55
C GLU B 577 -20.61 -44.85 -1.26
N LYS B 578 -21.44 -45.55 -2.03
CA LYS B 578 -22.88 -45.63 -1.74
C LYS B 578 -23.53 -44.26 -1.55
N ALA B 579 -23.12 -43.28 -2.36
CA ALA B 579 -23.58 -41.90 -2.19
C ALA B 579 -25.11 -41.77 -2.18
N VAL B 580 -25.81 -42.56 -2.99
CA VAL B 580 -27.28 -42.44 -3.07
C VAL B 580 -27.96 -42.90 -1.78
N LYS B 581 -27.45 -44.00 -1.22
CA LYS B 581 -27.99 -44.58 0.02
C LYS B 581 -27.57 -43.80 1.27
N ASN B 582 -26.29 -43.41 1.32
CA ASN B 582 -25.71 -42.83 2.54
C ASN B 582 -26.07 -41.37 2.79
N ILE B 583 -25.72 -40.48 1.87
CA ILE B 583 -26.04 -39.05 2.03
C ILE B 583 -27.58 -38.79 1.84
N SER B 584 -28.17 -38.03 2.77
CA SER B 584 -29.62 -37.81 2.81
C SER B 584 -30.09 -36.85 1.74
N ASN B 585 -31.39 -36.86 1.47
CA ASN B 585 -31.96 -35.96 0.50
C ASN B 585 -32.33 -34.65 1.17
N ASN B 586 -32.32 -33.57 0.39
CA ASN B 586 -32.82 -32.26 0.83
C ASN B 586 -31.98 -31.52 1.89
N VAL B 587 -31.19 -32.27 2.69
CA VAL B 587 -30.29 -31.66 3.66
C VAL B 587 -29.27 -30.78 2.92
N LEU B 588 -28.99 -29.60 3.49
CA LEU B 588 -28.03 -28.66 2.91
C LEU B 588 -26.61 -29.22 3.10
N VAL B 589 -25.78 -29.09 2.07
CA VAL B 589 -24.44 -29.70 2.06
C VAL B 589 -23.44 -28.76 1.37
N THR B 590 -22.16 -28.92 1.70
CA THR B 590 -21.08 -28.17 1.04
C THR B 590 -20.01 -29.10 0.46
N ILE B 591 -19.78 -28.99 -0.84
CA ILE B 591 -18.79 -29.86 -1.49
C ILE B 591 -17.54 -29.07 -1.82
N ASP B 592 -16.40 -29.76 -1.80
CA ASP B 592 -15.13 -29.15 -2.10
C ASP B 592 -14.46 -29.95 -3.22
N ALA B 593 -14.32 -29.32 -4.38
CA ALA B 593 -13.72 -29.98 -5.52
C ALA B 593 -12.29 -30.45 -5.24
N ALA B 594 -11.38 -29.54 -4.90
CA ALA B 594 -10.06 -29.95 -4.42
C ALA B 594 -10.35 -30.70 -3.16
N GLN B 595 -9.40 -31.47 -2.63
CA GLN B 595 -9.68 -32.36 -1.48
C GLN B 595 -10.60 -33.53 -1.85
N GLY B 596 -11.73 -33.22 -2.48
CA GLY B 596 -12.71 -34.23 -2.83
C GLY B 596 -13.49 -34.63 -1.60
N LYS B 597 -13.85 -33.64 -0.79
CA LYS B 597 -14.63 -33.87 0.41
C LYS B 597 -16.01 -33.21 0.30
N ILE B 598 -16.95 -33.74 1.07
CA ILE B 598 -18.31 -33.22 1.16
C ILE B 598 -18.63 -33.06 2.64
N PHE B 599 -19.39 -32.01 2.98
CA PHE B 599 -19.61 -31.65 4.38
C PHE B 599 -21.08 -31.44 4.76
N GLU B 600 -21.33 -31.56 6.06
CA GLU B 600 -22.68 -31.53 6.65
C GLU B 600 -23.52 -30.30 6.28
N GLY B 601 -23.04 -29.10 6.60
CA GLY B 601 -23.77 -27.86 6.27
C GLY B 601 -22.88 -26.86 5.55
N TYR B 602 -22.73 -25.67 6.11
CA TYR B 602 -21.77 -24.68 5.61
C TYR B 602 -20.34 -25.08 6.00
N ALA B 603 -19.34 -24.79 5.18
CA ALA B 603 -17.98 -25.29 5.42
C ALA B 603 -16.87 -24.21 5.33
N ASN B 604 -16.16 -24.12 4.19
CA ASN B 604 -15.04 -23.15 3.92
C ASN B 604 -13.94 -23.79 3.04
N MET C 22 -3.77 27.98 10.72
CA MET C 22 -3.70 26.93 11.74
C MET C 22 -4.88 27.14 12.66
N ARG C 23 -6.08 26.92 12.10
CA ARG C 23 -7.35 27.03 12.86
C ARG C 23 -8.38 26.02 12.41
N LYS C 24 -8.62 25.94 11.10
CA LYS C 24 -9.21 24.75 10.43
C LYS C 24 -10.70 24.46 10.63
N THR C 25 -11.10 24.12 11.87
CA THR C 25 -12.49 23.75 12.20
C THR C 25 -13.32 25.00 12.64
N LYS C 26 -14.43 25.25 11.96
CA LYS C 26 -15.15 26.54 12.08
C LYS C 26 -16.14 26.53 13.22
N ILE C 27 -16.51 27.73 13.66
CA ILE C 27 -17.33 27.88 14.85
C ILE C 27 -18.62 28.62 14.53
N VAL C 28 -19.77 27.96 14.72
CA VAL C 28 -21.08 28.60 14.57
C VAL C 28 -21.66 28.96 15.94
N CYS C 29 -22.12 30.19 16.09
CA CYS C 29 -22.67 30.65 17.37
C CYS C 29 -24.09 31.18 17.28
N THR C 30 -24.95 30.63 18.13
CA THR C 30 -26.35 31.01 18.16
C THR C 30 -26.45 32.32 18.91
N ILE C 31 -26.85 33.36 18.20
CA ILE C 31 -27.05 34.67 18.80
C ILE C 31 -28.30 34.65 19.66
N GLY C 32 -28.25 35.32 20.81
CA GLY C 32 -29.42 35.43 21.68
C GLY C 32 -29.31 36.64 22.60
N PRO C 33 -30.27 36.80 23.53
CA PRO C 33 -30.27 37.88 24.51
C PRO C 33 -28.85 38.20 25.04
N ALA C 34 -28.16 37.16 25.51
CA ALA C 34 -26.83 37.30 26.10
C ALA C 34 -25.74 37.75 25.11
N SER C 35 -26.09 37.88 23.83
CA SER C 35 -25.10 38.18 22.78
C SER C 35 -25.60 39.07 21.62
N GLU C 36 -26.69 39.81 21.84
CA GLU C 36 -27.24 40.69 20.80
C GLU C 36 -26.39 41.94 20.61
N SER C 37 -25.77 42.37 21.70
CA SER C 37 -25.13 43.67 21.76
C SER C 37 -24.01 43.78 20.75
N GLU C 38 -23.82 45.00 20.26
CA GLU C 38 -22.69 45.36 19.40
C GLU C 38 -21.37 44.96 20.07
N GLU C 39 -21.29 45.17 21.40
CA GLU C 39 -20.10 44.85 22.20
C GLU C 39 -19.79 43.36 22.20
N MET C 40 -20.78 42.55 22.57
CA MET C 40 -20.57 41.09 22.71
C MET C 40 -20.43 40.36 21.36
N ILE C 41 -21.02 40.92 20.30
CA ILE C 41 -20.83 40.39 18.94
C ILE C 41 -19.40 40.61 18.48
N GLU C 42 -18.83 41.75 18.84
CA GLU C 42 -17.42 41.98 18.60
C GLU C 42 -16.60 40.93 19.33
N LYS C 43 -16.83 40.78 20.63
CA LYS C 43 -16.05 39.87 21.47
C LYS C 43 -16.15 38.42 21.01
N LEU C 44 -17.28 38.08 20.36
CA LEU C 44 -17.49 36.74 19.81
C LEU C 44 -16.79 36.54 18.46
N ILE C 45 -16.80 37.55 17.60
CA ILE C 45 -16.06 37.49 16.33
C ILE C 45 -14.59 37.34 16.62
N ASN C 46 -14.12 38.05 17.64
CA ASN C 46 -12.73 37.99 18.09
C ASN C 46 -12.40 36.64 18.74
N ALA C 47 -13.31 36.08 19.50
CA ALA C 47 -13.10 34.74 20.07
C ALA C 47 -13.04 33.64 18.99
N GLY C 48 -13.53 33.95 17.78
CA GLY C 48 -13.34 33.08 16.61
C GLY C 48 -14.61 32.68 15.85
N MET C 49 -15.65 33.50 15.91
CA MET C 49 -16.98 33.12 15.37
C MET C 49 -17.02 33.29 13.86
N ASN C 50 -17.20 32.19 13.15
CA ASN C 50 -17.27 32.22 11.69
C ASN C 50 -18.67 32.41 11.16
N VAL C 51 -19.68 31.95 11.90
CA VAL C 51 -21.05 31.97 11.40
C VAL C 51 -22.04 32.25 12.53
N ALA C 52 -22.86 33.28 12.35
CA ALA C 52 -23.90 33.64 13.30
C ALA C 52 -25.17 32.86 12.97
N ARG C 53 -25.66 32.07 13.94
CA ARG C 53 -26.93 31.35 13.79
C ARG C 53 -28.09 32.13 14.39
N LEU C 54 -29.20 32.16 13.66
CA LEU C 54 -30.46 32.75 14.13
C LEU C 54 -31.52 31.64 14.21
N ASN C 55 -32.00 31.36 15.42
CA ASN C 55 -33.01 30.34 15.63
C ASN C 55 -34.40 30.92 15.52
N PHE C 56 -35.12 30.51 14.48
CA PHE C 56 -36.48 30.98 14.22
C PHE C 56 -37.53 30.08 14.87
N SER C 57 -37.08 29.15 15.72
CA SER C 57 -37.97 28.43 16.63
C SER C 57 -38.65 29.43 17.57
N HIS C 58 -37.92 30.49 17.92
CA HIS C 58 -38.42 31.56 18.80
C HIS C 58 -38.11 32.93 18.23
N GLY C 59 -38.74 33.95 18.78
CA GLY C 59 -38.46 35.33 18.39
C GLY C 59 -39.10 35.79 17.08
N SER C 60 -39.27 37.10 16.95
CA SER C 60 -39.96 37.70 15.81
C SER C 60 -39.00 38.23 14.77
N HIS C 61 -39.48 38.33 13.53
CA HIS C 61 -38.71 38.92 12.43
C HIS C 61 -38.08 40.23 12.82
N GLU C 62 -38.74 40.97 13.71
CA GLU C 62 -38.22 42.25 14.24
C GLU C 62 -36.90 42.05 14.96
N GLU C 63 -36.91 41.10 15.90
CA GLU C 63 -35.73 40.83 16.72
C GLU C 63 -34.59 40.34 15.84
N HIS C 64 -34.93 39.49 14.87
CA HIS C 64 -33.94 38.90 13.96
C HIS C 64 -33.36 39.92 13.01
N LYS C 65 -34.21 40.72 12.36
CA LYS C 65 -33.71 41.82 11.52
C LYS C 65 -32.75 42.76 12.28
N GLY C 66 -33.01 42.96 13.57
CA GLY C 66 -32.17 43.83 14.39
C GLY C 66 -30.77 43.25 14.56
N ARG C 67 -30.72 41.96 14.87
CA ARG C 67 -29.47 41.27 15.05
C ARG C 67 -28.71 41.13 13.74
N ILE C 68 -29.40 40.89 12.63
CA ILE C 68 -28.73 40.78 11.32
C ILE C 68 -27.95 42.05 11.01
N ASP C 69 -28.51 43.21 11.36
CA ASP C 69 -27.83 44.49 11.16
C ASP C 69 -26.67 44.71 12.13
N THR C 70 -26.87 44.33 13.40
CA THR C 70 -25.79 44.43 14.40
C THR C 70 -24.59 43.61 13.91
N ILE C 71 -24.87 42.39 13.41
CA ILE C 71 -23.85 41.48 12.89
C ILE C 71 -23.18 42.08 11.65
N ARG C 72 -23.94 42.36 10.60
CA ARG C 72 -23.37 42.93 9.37
C ARG C 72 -22.44 44.14 9.60
N LYS C 73 -22.81 45.01 10.53
CA LYS C 73 -22.03 46.22 10.80
C LYS C 73 -20.75 45.91 11.58
N VAL C 74 -20.88 45.22 12.71
CA VAL C 74 -19.71 44.83 13.50
C VAL C 74 -18.73 44.05 12.61
N ALA C 75 -19.24 43.18 11.73
CA ALA C 75 -18.41 42.37 10.85
C ALA C 75 -17.63 43.18 9.85
N LYS C 76 -18.28 44.19 9.26
CA LYS C 76 -17.58 45.01 8.28
C LYS C 76 -16.68 46.06 8.94
N ARG C 77 -16.97 46.40 10.20
CA ARG C 77 -16.07 47.24 10.97
C ARG C 77 -14.77 46.49 11.27
N LEU C 78 -14.87 45.30 11.84
CA LEU C 78 -13.67 44.50 12.14
C LEU C 78 -13.06 43.88 10.87
N ASP C 79 -13.77 44.01 9.74
CA ASP C 79 -13.28 43.59 8.43
C ASP C 79 -13.07 42.08 8.36
N LYS C 80 -14.01 41.33 8.93
CA LYS C 80 -13.95 39.87 8.97
C LYS C 80 -15.18 39.30 8.28
N ILE C 81 -15.02 38.19 7.57
CA ILE C 81 -16.16 37.49 6.98
C ILE C 81 -16.86 36.69 8.08
N VAL C 82 -18.12 37.02 8.36
CA VAL C 82 -18.96 36.18 9.20
C VAL C 82 -20.29 35.97 8.47
N ALA C 83 -20.73 34.72 8.39
CA ALA C 83 -21.93 34.36 7.62
C ALA C 83 -23.15 34.36 8.54
N ILE C 84 -24.34 34.39 7.94
CA ILE C 84 -25.57 34.32 8.71
C ILE C 84 -26.32 33.03 8.35
N LEU C 85 -26.66 32.26 9.39
CA LEU C 85 -27.40 31.01 9.24
C LEU C 85 -28.74 31.11 9.96
N LEU C 86 -29.81 30.77 9.24
CA LEU C 86 -31.18 30.85 9.74
C LEU C 86 -31.65 29.42 9.97
N ASP C 87 -32.09 29.11 11.20
CA ASP C 87 -32.55 27.77 11.52
C ASP C 87 -34.08 27.72 11.63
N THR C 88 -34.71 27.14 10.60
CA THR C 88 -36.17 27.01 10.55
C THR C 88 -36.66 26.24 11.77
N LYS C 89 -37.88 26.54 12.21
CA LYS C 89 -38.46 25.80 13.34
C LYS C 89 -38.87 24.39 12.91
N GLY C 90 -39.50 24.29 11.74
CA GLY C 90 -39.81 23.00 11.13
C GLY C 90 -41.18 22.48 11.50
N PRO C 91 -41.59 21.38 10.87
CA PRO C 91 -42.84 20.76 11.28
C PRO C 91 -42.68 20.06 12.61
N GLU C 92 -43.78 19.91 13.35
CA GLU C 92 -43.74 19.22 14.63
C GLU C 92 -45.10 18.65 15.04
N ILE C 93 -45.10 17.82 16.07
CA ILE C 93 -46.30 17.23 16.65
C ILE C 93 -46.42 17.66 18.09
N ARG C 94 -47.50 18.34 18.43
CA ARG C 94 -47.68 18.83 19.79
C ARG C 94 -48.98 18.30 20.43
N THR C 95 -49.07 18.54 21.73
CA THR C 95 -50.22 18.18 22.52
C THR C 95 -51.09 19.40 22.61
N HIS C 96 -52.40 19.22 22.41
CA HIS C 96 -53.39 20.25 22.69
C HIS C 96 -53.59 20.41 24.17
N ASN C 97 -53.94 21.63 24.57
CA ASN C 97 -53.93 22.02 25.97
C ASN C 97 -54.48 20.94 26.91
N MET C 98 -54.17 21.07 28.19
CA MET C 98 -54.47 20.06 29.21
C MET C 98 -55.39 20.62 30.31
N LYS C 99 -56.24 19.76 30.88
CA LYS C 99 -57.14 20.21 31.93
C LYS C 99 -56.35 20.56 33.19
N ASP C 100 -56.59 21.78 33.67
CA ASP C 100 -55.85 22.40 34.79
C ASP C 100 -54.46 22.89 34.40
N GLY C 101 -54.07 22.69 33.14
CA GLY C 101 -52.70 22.96 32.71
C GLY C 101 -51.82 21.72 32.79
N ILE C 102 -51.69 21.16 33.99
CA ILE C 102 -50.90 19.95 34.22
C ILE C 102 -51.85 18.74 34.30
N ILE C 103 -51.34 17.56 33.97
CA ILE C 103 -52.11 16.30 34.09
C ILE C 103 -51.17 15.10 34.21
N GLU C 104 -51.53 14.13 35.07
CA GLU C 104 -50.61 13.00 35.40
C GLU C 104 -50.96 11.71 34.68
N LEU C 105 -50.01 10.79 34.63
CA LEU C 105 -50.20 9.51 33.94
C LEU C 105 -49.49 8.33 34.65
N GLU C 106 -50.26 7.36 35.13
CA GLU C 106 -49.73 6.23 35.90
C GLU C 106 -48.89 5.29 35.03
N ARG C 107 -48.00 4.56 35.68
CA ARG C 107 -46.95 3.80 35.01
C ARG C 107 -47.39 2.48 34.36
N GLY C 108 -48.57 1.97 34.68
CA GLY C 108 -49.01 0.68 34.12
C GLY C 108 -50.37 0.76 33.47
N ASN C 109 -50.85 1.99 33.27
CA ASN C 109 -52.22 2.28 32.87
C ASN C 109 -52.42 2.41 31.35
N GLU C 110 -53.55 3.01 30.95
CA GLU C 110 -53.85 3.24 29.53
C GLU C 110 -54.22 4.70 29.30
N VAL C 111 -53.77 5.24 28.17
CA VAL C 111 -54.17 6.59 27.73
C VAL C 111 -54.65 6.52 26.29
N ILE C 112 -55.57 7.41 25.96
CA ILE C 112 -56.19 7.46 24.65
C ILE C 112 -55.64 8.67 23.90
N VAL C 113 -55.05 8.40 22.73
CA VAL C 113 -54.52 9.46 21.88
C VAL C 113 -55.54 9.78 20.77
N SER C 114 -56.28 10.85 20.98
CA SER C 114 -57.37 11.22 20.09
C SER C 114 -56.83 12.09 19.00
N MET C 115 -57.44 11.98 17.82
CA MET C 115 -57.09 12.80 16.67
C MET C 115 -57.94 14.07 16.61
N ASN C 116 -59.01 14.11 17.40
CA ASN C 116 -59.82 15.31 17.53
C ASN C 116 -59.46 16.02 18.81
N GLU C 117 -59.39 17.33 18.74
CA GLU C 117 -58.88 18.11 19.86
C GLU C 117 -59.76 17.85 21.08
N VAL C 118 -59.12 17.75 22.24
CA VAL C 118 -59.81 17.54 23.48
C VAL C 118 -59.02 18.22 24.60
N GLU C 119 -59.69 18.40 25.74
CA GLU C 119 -58.99 18.73 26.96
C GLU C 119 -58.28 17.50 27.48
N GLY C 120 -57.18 17.75 28.17
CA GLY C 120 -56.36 16.68 28.67
C GLY C 120 -57.02 15.94 29.80
N THR C 121 -56.66 14.68 29.93
CA THR C 121 -57.09 13.86 31.04
C THR C 121 -56.21 12.61 31.09
N PRO C 122 -55.99 12.05 32.29
CA PRO C 122 -55.20 10.80 32.34
C PRO C 122 -55.77 9.68 31.46
N GLU C 123 -56.93 9.93 30.84
CA GLU C 123 -57.52 9.00 29.89
C GLU C 123 -57.51 9.54 28.45
N LYS C 124 -58.15 10.68 28.23
CA LYS C 124 -58.30 11.25 26.87
C LYS C 124 -57.38 12.44 26.69
N PHE C 125 -56.91 12.64 25.48
CA PHE C 125 -55.68 13.38 25.26
C PHE C 125 -55.42 13.55 23.74
N SER C 126 -55.25 14.78 23.30
CA SER C 126 -55.26 15.10 21.86
C SER C 126 -53.91 15.61 21.34
N VAL C 127 -53.69 15.47 20.04
CA VAL C 127 -52.43 15.91 19.37
C VAL C 127 -52.68 16.73 18.11
N THR C 128 -51.80 17.70 17.82
CA THR C 128 -52.06 18.66 16.74
C THR C 128 -51.95 18.02 15.36
N TYR C 129 -51.15 16.97 15.26
CA TYR C 129 -51.01 16.24 14.01
C TYR C 129 -52.10 15.24 14.00
N GLU C 130 -53.15 15.54 13.24
CA GLU C 130 -54.36 14.72 13.24
C GLU C 130 -54.14 13.40 12.50
N ASN C 131 -53.16 13.37 11.63
CA ASN C 131 -52.95 12.22 10.80
C ASN C 131 -52.12 11.13 11.45
N LEU C 132 -51.62 11.41 12.67
CA LEU C 132 -50.79 10.46 13.45
C LEU C 132 -51.24 9.01 13.29
N ILE C 133 -52.54 8.83 13.39
CA ILE C 133 -53.15 7.51 13.39
C ILE C 133 -52.84 6.64 12.15
N ASN C 134 -52.58 7.27 11.00
CA ASN C 134 -52.21 6.54 9.79
C ASN C 134 -50.74 6.15 9.72
N ASP C 135 -49.90 6.80 10.52
CA ASP C 135 -48.46 6.58 10.51
C ASP C 135 -48.07 5.45 11.44
N VAL C 136 -48.68 5.38 12.63
CA VAL C 136 -48.28 4.37 13.66
C VAL C 136 -48.80 2.98 13.36
N GLN C 137 -48.64 2.05 14.31
CA GLN C 137 -49.39 0.78 14.26
C GLN C 137 -49.30 0.09 15.62
N VAL C 138 -49.96 -1.07 15.76
CA VAL C 138 -50.03 -1.75 17.06
C VAL C 138 -48.66 -2.20 17.53
N GLY C 139 -48.25 -1.66 18.67
CA GLY C 139 -46.91 -1.90 19.22
C GLY C 139 -45.92 -0.74 19.10
N SER C 140 -46.17 0.19 18.17
CA SER C 140 -45.27 1.34 17.96
C SER C 140 -45.21 2.23 19.19
N TYR C 141 -44.09 2.90 19.39
CA TYR C 141 -43.91 3.75 20.56
C TYR C 141 -44.20 5.22 20.23
N ILE C 142 -44.69 5.95 21.21
CA ILE C 142 -44.90 7.39 21.06
C ILE C 142 -44.28 8.09 22.25
N LEU C 143 -43.52 9.15 22.00
CA LEU C 143 -42.79 9.83 23.07
C LEU C 143 -43.40 11.20 23.31
N LEU C 144 -43.71 11.48 24.58
CA LEU C 144 -44.29 12.76 24.96
C LEU C 144 -43.29 13.69 25.66
N ASP C 145 -43.32 14.97 25.29
CA ASP C 145 -42.49 16.01 25.92
C ASP C 145 -41.00 15.65 25.82
N ASP C 146 -40.52 15.51 24.58
CA ASP C 146 -39.12 15.19 24.27
C ASP C 146 -38.65 13.89 24.90
N GLY C 147 -39.55 12.92 25.07
CA GLY C 147 -39.19 11.64 25.70
C GLY C 147 -39.44 11.50 27.20
N LEU C 148 -39.98 12.55 27.85
CA LEU C 148 -40.29 12.53 29.29
C LEU C 148 -41.05 11.24 29.70
N ILE C 149 -42.11 10.92 28.96
CA ILE C 149 -42.88 9.72 29.21
C ILE C 149 -43.19 9.04 27.87
N GLU C 150 -42.99 7.73 27.84
CA GLU C 150 -43.12 6.98 26.60
C GLU C 150 -44.33 6.06 26.64
N LEU C 151 -45.16 6.18 25.61
CA LEU C 151 -46.36 5.36 25.44
C LEU C 151 -46.10 4.20 24.46
N GLN C 152 -47.06 3.29 24.35
CA GLN C 152 -47.00 2.22 23.35
C GLN C 152 -48.40 1.79 22.88
N VAL C 153 -48.56 1.71 21.56
CA VAL C 153 -49.84 1.47 20.93
C VAL C 153 -50.37 0.06 21.19
N LYS C 154 -51.49 0.02 21.91
CA LYS C 154 -52.21 -1.20 22.28
C LYS C 154 -53.16 -1.63 21.15
N ASP C 155 -54.05 -0.72 20.72
CA ASP C 155 -55.01 -0.98 19.65
C ASP C 155 -55.34 0.33 18.91
N ILE C 156 -55.86 0.20 17.69
CA ILE C 156 -56.28 1.35 16.88
C ILE C 156 -57.70 1.16 16.38
N ASP C 157 -58.58 2.13 16.64
CA ASP C 157 -59.93 2.23 16.03
C ASP C 157 -60.08 3.47 15.19
N HIS C 158 -60.13 3.30 13.87
CA HIS C 158 -60.39 4.44 12.98
C HIS C 158 -61.82 4.82 13.06
N ALA C 159 -62.63 3.95 13.67
CA ALA C 159 -64.00 4.25 13.96
C ALA C 159 -64.02 5.57 14.74
N LYS C 160 -63.61 5.51 16.00
CA LYS C 160 -63.57 6.70 16.83
C LYS C 160 -62.37 7.60 16.50
N LYS C 161 -61.47 7.11 15.63
CA LYS C 161 -60.18 7.75 15.35
C LYS C 161 -59.47 7.99 16.67
N GLU C 162 -59.19 6.90 17.36
CA GLU C 162 -58.49 6.96 18.64
C GLU C 162 -57.37 5.93 18.69
N VAL C 163 -56.34 6.25 19.46
CA VAL C 163 -55.23 5.32 19.65
C VAL C 163 -55.10 4.99 21.15
N LYS C 164 -55.43 3.76 21.48
CA LYS C 164 -55.34 3.26 22.84
C LYS C 164 -53.92 2.82 23.01
N CYS C 165 -53.31 3.26 24.11
CA CYS C 165 -51.89 3.02 24.37
C CYS C 165 -51.65 2.63 25.82
N ASP C 166 -50.59 1.82 26.05
CA ASP C 166 -50.12 1.49 27.40
C ASP C 166 -49.05 2.50 27.81
N ILE C 167 -49.31 3.26 28.88
CA ILE C 167 -48.32 4.18 29.45
C ILE C 167 -47.22 3.37 30.16
N LEU C 168 -45.98 3.45 29.64
CA LEU C 168 -44.84 2.63 30.13
C LEU C 168 -44.05 3.27 31.27
N ASN C 169 -43.68 4.54 31.10
CA ASN C 169 -43.02 5.30 32.15
C ASN C 169 -43.94 6.41 32.60
N SER C 170 -44.11 6.56 33.92
CA SER C 170 -45.09 7.49 34.47
C SER C 170 -44.51 8.89 34.53
N GLY C 171 -45.38 9.89 34.67
CA GLY C 171 -44.95 11.28 34.73
C GLY C 171 -46.03 12.28 34.37
N GLU C 172 -45.70 13.55 34.55
CA GLU C 172 -46.63 14.63 34.32
C GLU C 172 -46.63 15.05 32.86
N LEU C 173 -47.50 16.00 32.52
CA LEU C 173 -47.69 16.47 31.15
C LEU C 173 -48.32 17.86 31.12
N LYS C 174 -47.56 18.83 30.63
CA LYS C 174 -48.02 20.21 30.49
C LYS C 174 -48.79 20.34 29.17
N ASN C 175 -49.20 21.56 28.85
CA ASN C 175 -50.08 21.83 27.71
C ASN C 175 -49.41 21.56 26.36
N LYS C 176 -48.99 22.64 25.72
CA LYS C 176 -48.53 22.57 24.35
C LYS C 176 -47.18 21.87 24.23
N LYS C 177 -47.11 20.61 24.64
CA LYS C 177 -45.83 19.88 24.69
C LYS C 177 -45.67 18.97 23.48
N GLY C 178 -44.43 18.68 23.10
CA GLY C 178 -44.14 17.94 21.88
C GLY C 178 -44.29 16.43 21.95
N VAL C 179 -44.38 15.82 20.77
CA VAL C 179 -44.62 14.37 20.61
C VAL C 179 -43.73 13.78 19.49
N ASN C 180 -43.07 12.65 19.75
CA ASN C 180 -42.14 12.07 18.77
C ASN C 180 -42.45 10.62 18.43
N LEU C 181 -42.36 10.26 17.16
CA LEU C 181 -42.72 8.90 16.70
C LEU C 181 -41.54 8.17 16.08
N PRO C 182 -40.82 7.35 16.87
CA PRO C 182 -39.65 6.59 16.43
C PRO C 182 -39.79 5.90 15.08
N GLY C 183 -39.19 6.53 14.06
CA GLY C 183 -39.51 6.29 12.64
C GLY C 183 -39.97 4.88 12.32
N VAL C 184 -41.17 4.69 11.77
CA VAL C 184 -42.23 5.69 11.53
C VAL C 184 -41.91 6.79 10.49
N ARG C 185 -42.44 6.61 9.28
CA ARG C 185 -42.31 7.61 8.22
C ARG C 185 -43.20 8.75 8.56
N VAL C 186 -42.83 9.55 9.55
CA VAL C 186 -43.67 10.68 9.91
C VAL C 186 -43.97 11.51 8.64
N SER C 187 -45.27 11.73 8.42
CA SER C 187 -45.77 12.19 7.15
C SER C 187 -46.06 13.69 7.09
N LEU C 188 -45.50 14.43 8.05
CA LEU C 188 -45.58 15.88 8.07
C LEU C 188 -45.07 16.40 6.75
N PRO C 189 -45.37 17.67 6.43
CA PRO C 189 -44.76 18.29 5.22
C PRO C 189 -43.25 18.62 5.41
N GLY C 190 -42.59 19.04 4.33
CA GLY C 190 -41.21 19.47 4.42
C GLY C 190 -41.05 20.69 5.33
N ILE C 191 -41.96 21.65 5.17
CA ILE C 191 -41.89 22.96 5.84
C ILE C 191 -43.27 23.49 6.31
N THR C 192 -43.27 24.17 7.47
CA THR C 192 -44.45 24.91 7.94
C THR C 192 -44.78 26.02 6.96
N GLU C 193 -45.97 26.57 7.08
CA GLU C 193 -46.30 27.82 6.43
C GLU C 193 -45.41 28.88 7.06
N LYS C 194 -45.14 28.75 8.37
CA LYS C 194 -44.26 29.66 9.09
C LYS C 194 -42.88 29.62 8.49
N ASP C 195 -42.38 28.40 8.33
CA ASP C 195 -41.08 28.18 7.72
C ASP C 195 -41.03 28.90 6.38
N ALA C 196 -42.01 28.67 5.52
CA ALA C 196 -42.07 29.34 4.21
C ALA C 196 -41.94 30.86 4.36
N GLU C 197 -42.60 31.45 5.36
CA GLU C 197 -42.47 32.90 5.63
C GLU C 197 -41.08 33.27 6.15
N ASP C 198 -40.58 32.45 7.08
CA ASP C 198 -39.23 32.58 7.63
C ASP C 198 -38.19 32.62 6.51
N ILE C 199 -38.27 31.65 5.59
CA ILE C 199 -37.25 31.54 4.56
C ILE C 199 -37.34 32.64 3.49
N ARG C 200 -38.52 33.24 3.32
CA ARG C 200 -38.64 34.37 2.39
C ARG C 200 -37.94 35.58 2.99
N PHE C 201 -38.02 35.68 4.32
CA PHE C 201 -37.31 36.72 5.07
C PHE C 201 -35.81 36.58 4.87
N GLY C 202 -35.37 35.32 4.88
CA GLY C 202 -33.99 35.01 4.60
C GLY C 202 -33.60 35.57 3.26
N ILE C 203 -34.40 35.27 2.24
CA ILE C 203 -34.07 35.69 0.87
C ILE C 203 -34.00 37.22 0.76
N LYS C 204 -34.80 37.91 1.58
CA LYS C 204 -34.84 39.36 1.59
C LYS C 204 -33.59 39.98 2.22
N GLU C 205 -33.00 39.31 3.21
CA GLU C 205 -31.75 39.76 3.86
C GLU C 205 -30.43 39.11 3.32
N ASN C 206 -30.53 38.42 2.18
CA ASN C 206 -29.39 37.74 1.55
C ASN C 206 -28.60 36.85 2.49
N VAL C 207 -29.32 36.27 3.46
CA VAL C 207 -28.75 35.36 4.44
C VAL C 207 -28.05 34.21 3.70
N ASP C 208 -27.05 33.59 4.33
CA ASP C 208 -26.11 32.70 3.65
C ASP C 208 -26.39 31.21 3.79
N PHE C 209 -27.11 30.86 4.84
CA PHE C 209 -27.45 29.47 5.10
C PHE C 209 -28.88 29.34 5.62
N ILE C 210 -29.52 28.23 5.29
CA ILE C 210 -30.78 27.87 5.93
C ILE C 210 -30.67 26.43 6.44
N ALA C 211 -30.89 26.25 7.74
CA ALA C 211 -30.77 24.95 8.38
C ALA C 211 -32.14 24.32 8.58
N ALA C 212 -32.63 23.60 7.56
CA ALA C 212 -33.99 23.00 7.55
C ALA C 212 -34.18 21.91 8.59
N SER C 213 -35.23 22.06 9.40
CA SER C 213 -35.42 21.17 10.53
C SER C 213 -36.20 19.92 10.15
N PHE C 214 -35.96 18.87 10.93
CA PHE C 214 -36.62 17.58 10.81
C PHE C 214 -36.65 17.09 9.38
N VAL C 215 -35.55 17.25 8.64
CA VAL C 215 -35.52 16.71 7.28
C VAL C 215 -35.44 15.20 7.36
N ARG C 216 -36.00 14.54 6.36
CA ARG C 216 -36.04 13.08 6.32
C ARG C 216 -36.08 12.50 4.90
N ARG C 217 -36.53 13.28 3.93
CA ARG C 217 -36.47 12.89 2.53
C ARG C 217 -35.92 14.08 1.73
N PRO C 218 -35.45 13.80 0.50
CA PRO C 218 -35.01 14.81 -0.46
C PRO C 218 -36.09 15.88 -0.77
N SER C 219 -37.33 15.44 -0.86
CA SER C 219 -38.49 16.31 -1.04
C SER C 219 -38.43 17.49 -0.10
N ASP C 220 -38.16 17.19 1.17
CA ASP C 220 -38.18 18.17 2.25
C ASP C 220 -37.18 19.28 2.02
N VAL C 221 -36.07 18.95 1.38
CA VAL C 221 -35.08 19.96 1.02
C VAL C 221 -35.57 20.70 -0.21
N LEU C 222 -35.97 19.94 -1.24
CA LEU C 222 -36.44 20.51 -2.49
C LEU C 222 -37.52 21.58 -2.25
N GLU C 223 -38.44 21.34 -1.30
CA GLU C 223 -39.47 22.34 -0.93
C GLU C 223 -38.87 23.72 -0.59
N ILE C 224 -37.67 23.73 -0.05
CA ILE C 224 -36.97 24.99 0.23
C ILE C 224 -36.23 25.49 -1.00
N ARG C 225 -35.77 24.57 -1.85
CA ARG C 225 -34.97 24.95 -3.01
C ARG C 225 -35.84 25.54 -4.13
N GLU C 226 -37.08 25.08 -4.23
CA GLU C 226 -37.99 25.64 -5.24
C GLU C 226 -38.33 27.09 -4.86
N ILE C 227 -38.55 27.34 -3.57
CA ILE C 227 -38.75 28.71 -3.06
C ILE C 227 -37.55 29.61 -3.39
N LEU C 228 -36.37 29.06 -3.18
CA LEU C 228 -35.17 29.81 -3.40
C LEU C 228 -35.01 30.12 -4.89
N GLU C 229 -35.37 29.16 -5.76
CA GLU C 229 -35.13 29.31 -7.21
C GLU C 229 -36.10 30.30 -7.86
N GLU C 230 -37.29 30.48 -7.27
CA GLU C 230 -38.18 31.57 -7.69
C GLU C 230 -37.44 32.88 -7.60
N GLN C 231 -36.82 33.09 -6.45
CA GLN C 231 -36.06 34.31 -6.19
C GLN C 231 -34.64 34.29 -6.77
N LYS C 232 -34.20 33.15 -7.31
CA LYS C 232 -32.80 32.95 -7.70
C LYS C 232 -31.91 33.45 -6.56
N ALA C 233 -32.10 32.86 -5.38
CA ALA C 233 -31.60 33.42 -4.13
C ALA C 233 -30.14 33.08 -3.82
N ASN C 234 -29.67 31.92 -4.27
CA ASN C 234 -28.35 31.42 -3.88
C ASN C 234 -28.15 31.49 -2.35
N ILE C 235 -28.72 30.49 -1.67
CA ILE C 235 -28.44 30.22 -0.27
C ILE C 235 -28.19 28.74 -0.13
N SER C 236 -27.27 28.40 0.76
CA SER C 236 -26.92 27.01 0.98
C SER C 236 -27.91 26.41 1.96
N VAL C 237 -28.35 25.19 1.69
CA VAL C 237 -29.41 24.54 2.43
C VAL C 237 -28.88 23.33 3.23
N PHE C 238 -29.00 23.41 4.55
CA PHE C 238 -28.40 22.43 5.44
C PHE C 238 -29.44 21.66 6.24
N PRO C 239 -29.76 20.43 5.80
CA PRO C 239 -30.64 19.50 6.54
C PRO C 239 -30.25 19.30 7.99
N LYS C 240 -31.21 18.90 8.83
CA LYS C 240 -30.95 18.69 10.27
C LYS C 240 -31.15 17.26 10.78
N ILE C 241 -31.32 16.30 9.89
CA ILE C 241 -31.42 14.87 10.28
C ILE C 241 -31.57 14.54 11.78
N GLU C 242 -32.84 14.43 12.21
CA GLU C 242 -33.22 14.19 13.60
C GLU C 242 -33.79 12.77 13.87
N ASN C 243 -34.13 12.01 12.81
CA ASN C 243 -34.81 10.70 12.99
C ASN C 243 -34.39 9.63 12.00
N GLN C 244 -34.79 8.40 12.29
CA GLN C 244 -34.35 7.25 11.50
C GLN C 244 -34.56 7.41 10.02
N GLU C 245 -35.72 7.86 9.62
CA GLU C 245 -35.96 8.06 8.22
C GLU C 245 -34.89 8.93 7.62
N GLY C 246 -34.51 9.99 8.34
CA GLY C 246 -33.42 10.86 7.89
C GLY C 246 -32.04 10.20 7.74
N ILE C 247 -31.61 9.50 8.80
CA ILE C 247 -30.38 8.73 8.78
C ILE C 247 -30.38 7.81 7.56
N ASP C 248 -31.48 7.09 7.39
CA ASP C 248 -31.60 6.09 6.34
C ASP C 248 -31.44 6.74 4.96
N ASN C 249 -31.95 7.96 4.80
CA ASN C 249 -31.89 8.67 3.51
C ASN C 249 -30.73 9.67 3.39
N ILE C 250 -29.67 9.44 4.16
CA ILE C 250 -28.57 10.40 4.25
C ILE C 250 -27.87 10.64 2.92
N GLU C 251 -27.69 9.59 2.15
CA GLU C 251 -27.06 9.77 0.86
C GLU C 251 -27.98 10.61 -0.03
N GLU C 252 -29.24 10.20 -0.13
CA GLU C 252 -30.17 10.79 -1.06
C GLU C 252 -30.42 12.24 -0.70
N ILE C 253 -30.36 12.55 0.59
CA ILE C 253 -30.54 13.92 1.06
C ILE C 253 -29.38 14.82 0.65
N LEU C 254 -28.15 14.32 0.83
CA LEU C 254 -26.97 15.08 0.45
C LEU C 254 -26.95 15.31 -1.07
N GLU C 255 -27.33 14.28 -1.83
CA GLU C 255 -27.48 14.41 -3.28
C GLU C 255 -28.08 15.77 -3.63
N VAL C 256 -29.05 16.22 -2.82
CA VAL C 256 -29.83 17.42 -3.10
C VAL C 256 -29.60 18.55 -2.10
N SER C 257 -28.51 18.49 -1.34
CA SER C 257 -28.31 19.47 -0.26
C SER C 257 -26.90 20.05 -0.28
N ASP C 258 -26.77 21.26 0.24
CA ASP C 258 -25.53 22.01 0.09
C ASP C 258 -24.60 21.73 1.28
N GLY C 259 -25.15 21.15 2.33
CA GLY C 259 -24.35 20.87 3.51
C GLY C 259 -25.15 19.96 4.39
N LEU C 260 -24.97 20.06 5.71
CA LEU C 260 -25.66 19.18 6.68
C LEU C 260 -25.37 19.60 8.11
N MET C 261 -26.37 19.49 8.97
CA MET C 261 -26.17 19.67 10.39
C MET C 261 -26.42 18.32 11.02
N VAL C 262 -25.98 18.15 12.25
CA VAL C 262 -26.23 16.94 13.00
C VAL C 262 -26.48 17.45 14.41
N ALA C 263 -27.76 17.73 14.69
CA ALA C 263 -28.19 18.05 16.05
C ALA C 263 -28.36 16.74 16.78
N ARG C 264 -27.62 16.54 17.87
CA ARG C 264 -27.64 15.28 18.63
C ARG C 264 -28.75 15.26 19.67
N GLY C 265 -29.06 16.43 20.22
CA GLY C 265 -30.11 16.57 21.23
C GLY C 265 -31.47 16.23 20.65
N ASP C 266 -31.73 16.73 19.46
CA ASP C 266 -32.93 16.41 18.71
C ASP C 266 -32.91 14.92 18.33
N MET C 267 -31.74 14.44 17.96
CA MET C 267 -31.60 13.10 17.43
C MET C 267 -31.69 12.06 18.54
N GLY C 268 -31.29 12.47 19.74
CA GLY C 268 -31.21 11.55 20.88
C GLY C 268 -32.58 11.15 21.38
N VAL C 269 -33.55 12.03 21.14
CA VAL C 269 -34.95 11.77 21.49
C VAL C 269 -35.45 10.51 20.76
N GLU C 270 -35.54 10.61 19.43
CA GLU C 270 -36.11 9.53 18.62
C GLU C 270 -35.21 8.29 18.51
N ILE C 271 -33.91 8.43 18.79
CA ILE C 271 -33.03 7.25 18.76
C ILE C 271 -32.10 7.16 19.97
N PRO C 272 -31.78 5.91 20.41
CA PRO C 272 -31.13 5.70 21.70
C PRO C 272 -29.80 6.42 21.75
N PRO C 273 -29.53 7.15 22.85
CA PRO C 273 -28.21 7.79 23.06
C PRO C 273 -26.97 6.86 22.93
N GLU C 274 -27.10 5.60 23.30
CA GLU C 274 -26.02 4.62 23.11
C GLU C 274 -25.63 4.50 21.64
N LYS C 275 -26.60 4.66 20.75
CA LYS C 275 -26.42 4.46 19.31
C LYS C 275 -26.04 5.78 18.61
N VAL C 276 -26.13 6.91 19.31
CA VAL C 276 -26.03 8.26 18.68
C VAL C 276 -24.66 8.60 18.05
N PRO C 277 -23.58 8.45 18.82
CA PRO C 277 -22.25 8.80 18.33
C PRO C 277 -21.91 7.94 17.14
N MET C 278 -22.27 6.66 17.19
CA MET C 278 -22.04 5.77 16.07
C MET C 278 -22.61 6.36 14.79
N VAL C 279 -23.80 6.94 14.90
CA VAL C 279 -24.48 7.56 13.77
C VAL C 279 -23.80 8.90 13.41
N GLN C 280 -23.53 9.73 14.41
CA GLN C 280 -22.82 10.99 14.17
C GLN C 280 -21.59 10.78 13.29
N LYS C 281 -20.78 9.80 13.66
CA LYS C 281 -19.58 9.46 12.91
C LYS C 281 -19.96 9.15 11.48
N ASP C 282 -20.92 8.24 11.31
CA ASP C 282 -21.28 7.76 9.99
C ASP C 282 -21.82 8.87 9.08
N LEU C 283 -22.54 9.81 9.67
CA LEU C 283 -23.09 10.91 8.87
C LEU C 283 -21.93 11.77 8.36
N ILE C 284 -21.15 12.30 9.30
CA ILE C 284 -20.04 13.21 9.01
C ILE C 284 -19.14 12.61 7.95
N ARG C 285 -18.84 11.32 8.12
CA ARG C 285 -18.12 10.55 7.11
C ARG C 285 -18.83 10.73 5.78
N GLN C 286 -20.13 10.49 5.76
CA GLN C 286 -20.89 10.51 4.51
C GLN C 286 -20.95 11.90 3.83
N CYS C 287 -20.78 12.95 4.65
CA CYS C 287 -20.57 14.31 4.15
C CYS C 287 -19.20 14.46 3.52
N ASN C 288 -18.18 14.13 4.29
CA ASN C 288 -16.84 14.25 3.81
C ASN C 288 -16.73 13.52 2.46
N LYS C 289 -17.35 12.35 2.35
CA LYS C 289 -17.25 11.59 1.10
C LYS C 289 -17.69 12.40 -0.13
N LEU C 290 -18.59 13.35 0.06
CA LEU C 290 -19.15 14.13 -1.05
C LEU C 290 -18.69 15.58 -0.94
N GLY C 291 -17.96 15.88 0.13
CA GLY C 291 -17.38 17.20 0.29
C GLY C 291 -18.41 18.24 0.68
N LYS C 292 -19.51 17.78 1.26
CA LYS C 292 -20.49 18.69 1.79
C LYS C 292 -20.00 18.98 3.20
N PRO C 293 -20.00 20.26 3.58
CA PRO C 293 -19.62 20.69 4.92
C PRO C 293 -20.56 20.14 5.94
N VAL C 294 -20.09 19.79 7.12
CA VAL C 294 -21.00 19.28 8.15
C VAL C 294 -20.82 20.10 9.43
N ILE C 295 -21.92 20.44 10.08
CA ILE C 295 -21.91 21.07 11.40
C ILE C 295 -22.30 20.04 12.42
N THR C 296 -21.51 19.88 13.47
CA THR C 296 -21.96 19.08 14.60
C THR C 296 -22.55 20.10 15.57
N ALA C 297 -23.74 19.79 16.11
CA ALA C 297 -24.57 20.77 16.83
C ALA C 297 -25.09 20.25 18.14
N THR C 298 -25.49 21.16 19.01
CA THR C 298 -26.27 20.82 20.22
C THR C 298 -25.46 20.07 21.27
N GLN C 299 -25.78 20.32 22.53
CA GLN C 299 -25.18 19.58 23.66
C GLN C 299 -23.65 19.60 23.64
N MET C 300 -23.07 20.65 23.10
CA MET C 300 -21.62 20.70 22.96
C MET C 300 -21.00 21.04 24.31
N LEU C 301 -21.11 22.31 24.70
CA LEU C 301 -20.56 22.81 25.96
C LEU C 301 -21.68 23.40 26.83
N ASP C 302 -22.76 22.64 26.99
CA ASP C 302 -23.96 23.14 27.67
C ASP C 302 -23.74 23.43 29.18
N SER C 303 -22.63 22.94 29.75
CA SER C 303 -22.22 23.33 31.11
C SER C 303 -21.79 24.81 31.17
N MET C 304 -21.30 25.34 30.04
CA MET C 304 -20.79 26.71 30.03
C MET C 304 -21.86 27.81 29.99
N GLN C 305 -23.14 27.42 29.95
CA GLN C 305 -24.20 28.40 30.14
C GLN C 305 -24.11 28.95 31.57
N ARG C 306 -23.90 28.05 32.55
CA ARG C 306 -23.82 28.42 33.97
C ARG C 306 -22.39 28.63 34.45
N ASN C 307 -21.47 27.80 33.98
CA ASN C 307 -20.07 27.83 34.43
C ASN C 307 -19.17 28.59 33.46
N PRO C 308 -17.94 28.94 33.89
CA PRO C 308 -16.98 29.63 33.02
C PRO C 308 -15.98 28.72 32.29
N ARG C 309 -15.99 27.43 32.62
CA ARG C 309 -15.09 26.47 31.97
C ARG C 309 -15.76 25.09 31.83
N ALA C 310 -15.60 24.47 30.67
CA ALA C 310 -16.30 23.21 30.36
C ALA C 310 -15.72 22.01 31.08
N THR C 311 -16.51 20.94 31.15
CA THR C 311 -16.07 19.71 31.79
C THR C 311 -15.09 19.00 30.87
N ARG C 312 -14.54 17.92 31.38
CA ARG C 312 -13.66 17.07 30.60
C ARG C 312 -14.44 16.32 29.51
N ALA C 313 -15.58 15.73 29.87
CA ALA C 313 -16.41 14.95 28.92
C ALA C 313 -16.98 15.81 27.79
N GLU C 314 -17.14 17.10 28.04
CA GLU C 314 -17.53 18.06 27.01
C GLU C 314 -16.33 18.33 26.14
N ALA C 315 -15.22 18.68 26.75
CA ALA C 315 -13.97 18.86 25.99
C ALA C 315 -13.70 17.61 25.14
N SER C 316 -13.95 16.41 25.68
CA SER C 316 -13.78 15.13 24.94
C SER C 316 -14.72 14.98 23.75
N ASP C 317 -16.00 15.23 23.98
CA ASP C 317 -16.98 15.17 22.92
C ASP C 317 -16.70 16.20 21.80
N VAL C 318 -16.30 17.43 22.15
CA VAL C 318 -16.05 18.43 21.12
C VAL C 318 -14.97 17.90 20.21
N ALA C 319 -13.86 17.49 20.82
CA ALA C 319 -12.73 16.99 20.08
C ALA C 319 -13.15 15.84 19.19
N ASN C 320 -13.84 14.85 19.77
CA ASN C 320 -14.28 13.65 19.01
C ASN C 320 -15.18 13.99 17.84
N ALA C 321 -15.81 15.16 17.88
CA ALA C 321 -16.50 15.69 16.70
C ALA C 321 -15.52 15.94 15.60
N ILE C 322 -14.41 16.60 15.98
CA ILE C 322 -13.36 17.02 15.05
C ILE C 322 -12.58 15.84 14.54
N TYR C 323 -12.34 14.87 15.40
CA TYR C 323 -11.80 13.62 14.95
C TYR C 323 -12.73 12.87 13.96
N ASP C 324 -14.05 12.94 14.19
CA ASP C 324 -15.02 12.28 13.30
C ASP C 324 -15.00 12.93 11.91
N GLY C 325 -14.64 14.20 11.85
CA GLY C 325 -14.36 14.83 10.57
C GLY C 325 -15.25 16.01 10.27
N THR C 326 -15.52 16.81 11.30
CA THR C 326 -16.58 17.80 11.21
C THR C 326 -16.07 19.11 10.67
N ASP C 327 -16.67 19.65 9.60
CA ASP C 327 -16.25 20.97 9.07
C ASP C 327 -16.48 22.08 10.06
N ALA C 328 -17.33 21.90 11.05
CA ALA C 328 -17.61 23.02 11.95
C ALA C 328 -18.19 22.55 13.25
N VAL C 329 -18.36 23.49 14.18
CA VAL C 329 -18.90 23.19 15.48
C VAL C 329 -19.75 24.31 15.99
N MET C 330 -20.93 23.98 16.49
CA MET C 330 -21.96 24.95 16.87
C MET C 330 -22.16 25.11 18.39
N LEU C 331 -22.64 26.29 18.78
CA LEU C 331 -22.97 26.59 20.15
C LEU C 331 -24.41 27.10 20.22
N SER C 332 -25.25 26.42 20.98
CA SER C 332 -26.63 26.85 21.15
C SER C 332 -26.73 27.86 22.31
N GLY C 333 -27.24 27.40 23.45
CA GLY C 333 -27.49 28.28 24.58
C GLY C 333 -26.24 28.94 25.12
N GLU C 334 -25.09 28.31 24.90
CA GLU C 334 -23.83 28.75 25.48
C GLU C 334 -23.55 30.20 25.12
N THR C 335 -23.85 30.57 23.88
CA THR C 335 -23.65 31.94 23.38
C THR C 335 -24.95 32.73 23.35
N ALA C 336 -26.08 32.04 23.25
CA ALA C 336 -27.36 32.70 23.06
C ALA C 336 -27.83 33.38 24.34
N ALA C 337 -28.17 32.58 25.34
CA ALA C 337 -28.72 33.11 26.58
C ALA C 337 -27.84 32.77 27.79
N GLY C 338 -26.69 32.16 27.55
CA GLY C 338 -25.83 31.72 28.65
C GLY C 338 -25.21 32.89 29.37
N LEU C 339 -24.60 32.60 30.52
CA LEU C 339 -23.94 33.62 31.35
C LEU C 339 -22.58 34.00 30.78
N TYR C 340 -21.92 33.03 30.14
CA TYR C 340 -20.56 33.21 29.67
C TYR C 340 -20.52 32.94 28.17
N PRO C 341 -20.71 33.97 27.35
CA PRO C 341 -20.69 33.75 25.90
C PRO C 341 -19.28 33.77 25.31
N GLU C 342 -18.52 34.82 25.61
CA GLU C 342 -17.18 34.97 25.09
C GLU C 342 -16.30 33.78 25.47
N GLU C 343 -16.45 33.31 26.71
CA GLU C 343 -15.60 32.23 27.25
C GLU C 343 -15.85 30.92 26.52
N ALA C 344 -17.13 30.68 26.21
CA ALA C 344 -17.54 29.49 25.51
C ALA C 344 -17.02 29.47 24.08
N VAL C 345 -16.89 30.64 23.47
CA VAL C 345 -16.34 30.73 22.11
C VAL C 345 -14.83 30.56 22.16
N LYS C 346 -14.20 31.23 23.11
CA LYS C 346 -12.78 31.10 23.30
C LYS C 346 -12.44 29.63 23.50
N THR C 347 -13.10 29.00 24.46
CA THR C 347 -12.80 27.61 24.82
C THR C 347 -13.12 26.63 23.69
N MET C 348 -14.01 27.02 22.78
CA MET C 348 -14.39 26.18 21.65
C MET C 348 -13.21 26.15 20.70
N ARG C 349 -12.68 27.33 20.42
CA ARG C 349 -11.54 27.47 19.54
C ARG C 349 -10.34 26.71 20.10
N ASN C 350 -10.15 26.82 21.42
CA ASN C 350 -9.04 26.17 22.07
C ASN C 350 -9.07 24.68 21.80
N ILE C 351 -10.18 24.05 22.18
CA ILE C 351 -10.32 22.58 22.07
C ILE C 351 -10.10 22.13 20.61
N ALA C 352 -10.54 22.96 19.67
CA ALA C 352 -10.34 22.74 18.24
C ALA C 352 -8.84 22.70 17.91
N VAL C 353 -8.15 23.79 18.23
CA VAL C 353 -6.73 23.87 17.93
C VAL C 353 -5.97 22.71 18.58
N SER C 354 -6.33 22.39 19.82
CA SER C 354 -5.71 21.29 20.55
C SER C 354 -5.83 19.98 19.80
N ALA C 355 -7.06 19.52 19.59
CA ALA C 355 -7.28 18.19 18.98
C ALA C 355 -7.07 18.15 17.47
N GLU C 356 -6.73 19.28 16.83
CA GLU C 356 -6.21 19.28 15.47
C GLU C 356 -4.70 19.15 15.53
N ALA C 357 -4.11 19.98 16.40
CA ALA C 357 -2.67 19.94 16.65
C ALA C 357 -2.25 18.50 16.67
N ALA C 358 -2.98 17.71 17.46
CA ALA C 358 -2.60 16.34 17.71
C ALA C 358 -3.22 15.34 16.72
N GLN C 359 -3.17 15.61 15.41
CA GLN C 359 -3.71 14.63 14.44
C GLN C 359 -3.03 14.50 13.08
N ASP C 360 -2.89 13.24 12.66
CA ASP C 360 -1.93 12.83 11.66
C ASP C 360 -2.42 13.03 10.25
N TYR C 361 -2.03 14.14 9.65
CA TYR C 361 -2.58 14.50 8.33
C TYR C 361 -2.24 13.50 7.23
N LYS C 362 -1.23 12.65 7.47
CA LYS C 362 -0.85 11.61 6.51
C LYS C 362 -1.96 10.58 6.49
N LYS C 363 -2.30 10.04 7.65
CA LYS C 363 -3.37 9.05 7.73
C LYS C 363 -4.59 9.73 7.13
N LEU C 364 -4.89 10.89 7.68
CA LEU C 364 -6.07 11.67 7.31
C LEU C 364 -6.26 11.78 5.79
N LEU C 365 -5.19 12.15 5.10
CA LEU C 365 -5.24 12.28 3.63
C LEU C 365 -5.41 10.92 2.95
N SER C 366 -4.64 9.95 3.43
CA SER C 366 -4.67 8.59 2.91
C SER C 366 -6.07 8.06 3.02
N ASP C 367 -6.68 8.40 4.16
CA ASP C 367 -8.04 8.02 4.52
C ASP C 367 -9.04 8.58 3.52
N ARG C 368 -9.01 9.89 3.30
CA ARG C 368 -9.87 10.54 2.30
C ARG C 368 -9.56 10.14 0.86
N THR C 369 -8.33 9.74 0.56
CA THR C 369 -7.98 9.32 -0.80
C THR C 369 -8.74 8.07 -1.22
N LYS C 370 -8.83 7.12 -0.29
CA LYS C 370 -9.64 5.92 -0.47
C LYS C 370 -11.14 6.24 -0.40
N LEU C 371 -11.53 7.00 0.65
CA LEU C 371 -12.94 7.34 0.97
C LEU C 371 -13.68 8.04 -0.16
N VAL C 372 -13.21 9.23 -0.56
CA VAL C 372 -13.83 9.94 -1.68
C VAL C 372 -13.47 9.31 -3.04
N GLU C 373 -14.37 9.51 -4.00
CA GLU C 373 -14.33 8.81 -5.27
C GLU C 373 -13.18 9.35 -6.11
N THR C 374 -12.71 8.51 -7.01
CA THR C 374 -11.59 8.81 -7.88
C THR C 374 -12.12 9.19 -9.26
N SER C 375 -12.25 10.50 -9.49
CA SER C 375 -12.97 11.01 -10.67
C SER C 375 -12.45 12.34 -11.20
N LEU C 376 -12.69 12.57 -12.50
CA LEU C 376 -12.27 13.79 -13.21
C LEU C 376 -12.48 15.08 -12.41
N VAL C 377 -13.54 15.11 -11.61
CA VAL C 377 -13.87 16.28 -10.79
C VAL C 377 -12.89 16.47 -9.63
N ASN C 378 -12.43 15.34 -9.11
CA ASN C 378 -11.58 15.31 -7.93
C ASN C 378 -10.09 15.26 -8.22
N ALA C 379 -9.70 14.94 -9.45
CA ALA C 379 -8.28 14.68 -9.79
C ALA C 379 -7.34 15.66 -9.09
N ILE C 380 -7.73 16.91 -9.09
CA ILE C 380 -6.83 17.95 -8.68
C ILE C 380 -6.80 18.09 -7.19
N GLY C 381 -7.93 17.85 -6.56
CA GLY C 381 -7.96 17.84 -5.12
C GLY C 381 -6.97 16.82 -4.56
N ILE C 382 -6.86 15.67 -5.24
CA ILE C 382 -5.99 14.55 -4.83
C ILE C 382 -4.54 14.98 -4.97
N SER C 383 -4.19 15.43 -6.19
CA SER C 383 -2.86 15.86 -6.48
C SER C 383 -2.51 16.95 -5.50
N VAL C 384 -3.34 17.98 -5.38
CA VAL C 384 -2.97 19.09 -4.49
C VAL C 384 -2.73 18.61 -3.07
N ALA C 385 -3.51 17.67 -2.57
CA ALA C 385 -3.40 17.29 -1.16
C ALA C 385 -2.11 16.56 -0.87
N HIS C 386 -1.75 15.67 -1.79
CA HIS C 386 -0.49 14.95 -1.70
C HIS C 386 0.69 15.86 -1.85
N THR C 387 0.70 16.60 -2.95
CA THR C 387 1.73 17.60 -3.22
C THR C 387 1.92 18.49 -2.00
N ALA C 388 0.83 18.92 -1.40
CA ALA C 388 0.90 19.77 -0.24
C ALA C 388 1.55 19.07 0.94
N LEU C 389 1.18 17.81 1.19
CA LEU C 389 1.75 17.08 2.31
C LEU C 389 3.26 16.79 2.15
N ASN C 390 3.63 16.29 0.97
CA ASN C 390 5.00 15.85 0.69
C ASN C 390 6.04 16.97 0.54
N LEU C 391 5.62 18.10 -0.02
CA LEU C 391 6.53 19.22 -0.17
C LEU C 391 6.44 20.20 0.98
N ASN C 392 5.54 19.97 1.93
CA ASN C 392 5.33 20.89 3.05
C ASN C 392 5.07 22.36 2.62
N VAL C 393 4.03 22.55 1.81
CA VAL C 393 3.65 23.88 1.31
C VAL C 393 2.90 24.68 2.37
N LYS C 394 3.18 25.98 2.48
CA LYS C 394 2.57 26.81 3.53
C LYS C 394 1.11 27.10 3.30
N ALA C 395 0.73 27.30 2.04
CA ALA C 395 -0.65 27.65 1.75
C ALA C 395 -1.11 27.24 0.36
N ILE C 396 -2.31 26.66 0.31
CA ILE C 396 -3.00 26.33 -0.93
C ILE C 396 -3.97 27.47 -1.21
N VAL C 397 -3.65 28.32 -2.19
CA VAL C 397 -4.56 29.40 -2.52
C VAL C 397 -5.54 28.92 -3.60
N ALA C 398 -6.83 28.87 -3.24
CA ALA C 398 -7.89 28.30 -4.05
C ALA C 398 -8.76 29.40 -4.65
N ALA C 399 -8.73 29.53 -5.97
CA ALA C 399 -9.47 30.56 -6.66
C ALA C 399 -10.86 30.07 -7.09
N THR C 400 -11.91 30.69 -6.52
CA THR C 400 -13.31 30.25 -6.70
C THR C 400 -14.31 31.38 -6.99
N GLU C 401 -15.24 31.09 -7.90
CA GLU C 401 -16.41 31.93 -8.12
C GLU C 401 -17.49 31.47 -7.14
N SER C 402 -17.82 30.19 -7.21
CA SER C 402 -18.86 29.60 -6.39
C SER C 402 -18.32 29.16 -5.04
N GLY C 403 -17.17 28.50 -5.07
CA GLY C 403 -16.59 27.93 -3.86
C GLY C 403 -16.29 26.44 -3.98
N SER C 404 -16.76 25.81 -5.06
CA SER C 404 -16.57 24.37 -5.24
C SER C 404 -15.08 24.02 -5.17
N THR C 405 -14.23 24.85 -5.75
CA THR C 405 -12.80 24.58 -5.67
C THR C 405 -12.28 24.67 -4.23
N ALA C 406 -12.78 25.58 -3.43
CA ALA C 406 -12.38 25.63 -2.02
C ALA C 406 -12.85 24.36 -1.26
N ARG C 407 -14.01 23.83 -1.65
CA ARG C 407 -14.52 22.64 -1.02
C ARG C 407 -13.87 21.40 -1.63
N THR C 408 -13.48 21.44 -2.89
CA THR C 408 -12.84 20.28 -3.47
C THR C 408 -11.51 20.11 -2.81
N ILE C 409 -10.89 21.21 -2.39
CA ILE C 409 -9.62 21.12 -1.66
C ILE C 409 -9.82 20.78 -0.20
N SER C 410 -10.78 21.42 0.45
CA SER C 410 -11.03 21.17 1.88
C SER C 410 -11.27 19.68 2.16
N LYS C 411 -12.00 18.99 1.26
CA LYS C 411 -12.54 17.64 1.57
C LYS C 411 -11.42 16.63 1.77
N TYR C 412 -10.27 16.92 1.14
CA TYR C 412 -9.09 16.09 1.28
C TYR C 412 -8.18 16.54 2.40
N ARG C 413 -8.62 17.50 3.21
CA ARG C 413 -8.00 17.74 4.52
C ARG C 413 -6.48 17.84 4.57
N PRO C 414 -5.91 18.85 3.91
CA PRO C 414 -4.46 18.98 3.96
C PRO C 414 -4.00 19.92 5.09
N HIS C 415 -2.82 19.65 5.66
CA HIS C 415 -2.27 20.48 6.74
C HIS C 415 -2.23 21.91 6.33
N SER C 416 -1.87 22.14 5.06
CA SER C 416 -1.74 23.49 4.52
C SER C 416 -3.01 24.32 4.70
N ASP C 417 -2.82 25.60 4.98
CA ASP C 417 -3.93 26.50 5.17
C ASP C 417 -4.50 26.79 3.80
N ILE C 418 -5.80 26.60 3.65
CA ILE C 418 -6.44 26.87 2.38
C ILE C 418 -6.80 28.33 2.40
N ILE C 419 -6.65 29.00 1.25
CA ILE C 419 -7.04 30.40 1.10
C ILE C 419 -7.98 30.50 -0.10
N ALA C 420 -9.20 30.96 0.12
CA ALA C 420 -10.17 31.10 -0.96
C ALA C 420 -10.25 32.55 -1.47
N VAL C 421 -9.64 32.82 -2.62
CA VAL C 421 -9.70 34.14 -3.24
C VAL C 421 -10.91 34.18 -4.12
N THR C 422 -11.90 34.98 -3.74
CA THR C 422 -13.18 35.04 -4.44
C THR C 422 -13.67 36.47 -4.79
N PRO C 423 -14.12 36.65 -6.04
CA PRO C 423 -14.71 37.93 -6.40
C PRO C 423 -16.06 38.14 -5.76
N SER C 424 -16.83 37.06 -5.58
CA SER C 424 -18.14 37.13 -4.94
C SER C 424 -18.05 37.25 -3.41
N GLU C 425 -18.58 38.34 -2.87
CA GLU C 425 -18.60 38.57 -1.43
C GLU C 425 -19.39 37.47 -0.76
N GLU C 426 -20.51 37.10 -1.37
CA GLU C 426 -21.40 36.13 -0.76
C GLU C 426 -20.79 34.73 -0.75
N THR C 427 -20.15 34.32 -1.85
CA THR C 427 -19.54 32.98 -1.87
C THR C 427 -18.39 32.96 -0.87
N ALA C 428 -17.81 34.11 -0.59
CA ALA C 428 -16.85 34.23 0.51
C ALA C 428 -17.51 33.88 1.86
N ARG C 429 -18.73 34.34 2.10
CA ARG C 429 -19.38 34.00 3.35
C ARG C 429 -19.79 32.53 3.40
N GLN C 430 -20.09 31.95 2.25
CA GLN C 430 -20.43 30.52 2.21
C GLN C 430 -19.20 29.68 2.56
N CYS C 431 -18.02 30.23 2.25
CA CYS C 431 -16.78 29.55 2.49
C CYS C 431 -16.48 29.51 3.94
N SER C 432 -16.82 30.58 4.65
CA SER C 432 -16.54 30.67 6.09
C SER C 432 -16.95 29.46 6.95
N ILE C 433 -17.69 28.51 6.39
CA ILE C 433 -18.04 27.31 7.15
C ILE C 433 -17.25 26.06 6.76
N VAL C 434 -16.64 26.05 5.57
CA VAL C 434 -16.00 24.82 5.11
C VAL C 434 -14.71 24.70 5.84
N TRP C 435 -14.24 23.46 5.94
CA TRP C 435 -13.12 23.13 6.80
C TRP C 435 -11.87 23.68 6.24
N GLY C 436 -11.10 24.29 7.14
CA GLY C 436 -9.78 24.80 6.81
C GLY C 436 -9.65 26.03 5.90
N VAL C 437 -10.78 26.54 5.41
CA VAL C 437 -10.74 27.58 4.38
C VAL C 437 -10.87 28.97 4.96
N GLN C 438 -9.82 29.78 4.77
CA GLN C 438 -9.78 31.16 5.22
C GLN C 438 -9.94 32.03 3.96
N PRO C 439 -11.15 32.56 3.74
CA PRO C 439 -11.50 33.24 2.50
C PRO C 439 -11.12 34.71 2.47
N VAL C 440 -10.82 35.20 1.27
CA VAL C 440 -10.59 36.63 1.06
C VAL C 440 -11.25 37.05 -0.24
N VAL C 441 -11.68 38.32 -0.30
CA VAL C 441 -12.33 38.85 -1.50
C VAL C 441 -11.42 39.80 -2.26
N LYS C 442 -10.86 39.28 -3.35
CA LYS C 442 -10.12 40.08 -4.30
C LYS C 442 -10.94 40.11 -5.57
N LYS C 443 -10.71 41.13 -6.38
CA LYS C 443 -11.56 41.44 -7.52
C LYS C 443 -11.20 40.65 -8.77
N GLY C 444 -12.19 40.40 -9.61
CA GLY C 444 -12.06 39.46 -10.72
C GLY C 444 -10.99 39.76 -11.75
N ARG C 445 -10.11 38.78 -11.98
CA ARG C 445 -9.12 38.80 -13.05
C ARG C 445 -9.68 37.97 -14.17
N LYS C 446 -9.39 38.34 -15.41
CA LYS C 446 -9.90 37.56 -16.52
C LYS C 446 -8.92 36.46 -16.92
N SER C 447 -7.69 36.82 -17.23
CA SER C 447 -6.70 35.85 -17.74
C SER C 447 -6.07 34.97 -16.67
N THR C 448 -5.86 33.70 -17.02
CA THR C 448 -5.18 32.73 -16.13
C THR C 448 -3.97 33.39 -15.47
N ASP C 449 -3.22 34.15 -16.26
CA ASP C 449 -2.01 34.82 -15.78
C ASP C 449 -2.27 35.78 -14.62
N ALA C 450 -3.32 36.58 -14.77
CA ALA C 450 -3.72 37.49 -13.70
C ALA C 450 -4.12 36.70 -12.48
N LEU C 451 -4.83 35.60 -12.71
CA LEU C 451 -5.32 34.73 -11.65
C LEU C 451 -4.17 34.19 -10.82
N LEU C 452 -3.09 33.84 -11.51
CA LEU C 452 -1.96 33.24 -10.85
C LEU C 452 -1.20 34.28 -10.05
N ASN C 453 -0.89 35.40 -10.68
CA ASN C 453 -0.12 36.44 -10.02
C ASN C 453 -0.86 37.03 -8.86
N ASN C 454 -2.18 37.23 -9.01
CA ASN C 454 -2.99 37.72 -7.91
C ASN C 454 -2.85 36.77 -6.75
N ALA C 455 -3.20 35.51 -6.98
CA ALA C 455 -3.11 34.49 -5.95
C ALA C 455 -1.89 34.72 -5.08
N VAL C 456 -0.73 34.70 -5.73
CA VAL C 456 0.57 34.80 -5.05
C VAL C 456 0.64 36.07 -4.21
N ALA C 457 0.13 37.17 -4.76
CA ALA C 457 0.01 38.40 -4.01
C ALA C 457 -0.89 38.18 -2.79
N THR C 458 -2.07 37.61 -3.03
CA THR C 458 -3.06 37.51 -1.98
C THR C 458 -2.52 36.69 -0.83
N ALA C 459 -1.75 35.67 -1.17
CA ALA C 459 -1.28 34.75 -0.16
C ALA C 459 -0.32 35.47 0.75
N VAL C 460 0.48 36.36 0.17
CA VAL C 460 1.50 37.08 0.92
C VAL C 460 0.85 38.16 1.76
N GLU C 461 -0.20 38.76 1.22
CA GLU C 461 -0.85 39.87 1.91
C GLU C 461 -1.70 39.38 3.08
N THR C 462 -2.04 38.10 3.09
CA THR C 462 -2.59 37.54 4.30
C THR C 462 -1.54 37.58 5.39
N GLY C 463 -0.28 37.42 5.02
CA GLY C 463 0.80 37.40 5.98
C GLY C 463 1.21 35.99 6.33
N ARG C 464 0.35 35.01 6.09
CA ARG C 464 0.64 33.62 6.46
C ARG C 464 1.85 33.04 5.68
N VAL C 465 2.06 33.54 4.44
CA VAL C 465 3.20 33.13 3.63
C VAL C 465 4.16 34.30 3.42
N THR C 466 5.46 34.02 3.48
CA THR C 466 6.53 35.00 3.16
C THR C 466 7.42 34.41 2.06
N ASN C 467 8.67 34.90 1.95
CA ASN C 467 9.49 34.63 0.77
C ASN C 467 10.03 33.24 0.66
N GLY C 468 10.31 32.60 1.79
CA GLY C 468 10.79 31.22 1.76
C GLY C 468 9.79 30.20 1.21
N ASP C 469 8.51 30.47 1.43
CA ASP C 469 7.46 29.45 1.42
C ASP C 469 7.00 28.92 0.05
N LEU C 470 6.55 27.67 0.06
CA LEU C 470 5.92 27.05 -1.09
C LEU C 470 4.39 27.23 -1.08
N ILE C 471 3.80 27.41 -2.26
CA ILE C 471 2.38 27.75 -2.42
C ILE C 471 1.80 26.93 -3.56
N ILE C 472 0.61 26.36 -3.35
CA ILE C 472 -0.10 25.69 -4.44
C ILE C 472 -1.28 26.56 -4.83
N ILE C 473 -1.29 26.95 -6.11
CA ILE C 473 -2.36 27.80 -6.64
C ILE C 473 -3.24 26.88 -7.46
N THR C 474 -4.51 26.81 -7.09
CA THR C 474 -5.46 25.97 -7.82
C THR C 474 -6.74 26.71 -8.08
N ALA C 475 -7.31 26.41 -9.24
CA ALA C 475 -8.53 27.05 -9.71
C ALA C 475 -9.08 26.23 -10.88
N GLY C 476 -10.30 26.58 -11.27
CA GLY C 476 -10.88 26.08 -12.51
C GLY C 476 -10.60 27.11 -13.59
N VAL C 477 -9.88 26.73 -14.63
CA VAL C 477 -9.68 27.63 -15.76
C VAL C 477 -10.09 26.99 -17.06
N PRO C 478 -10.47 27.81 -18.05
CA PRO C 478 -10.61 29.28 -17.97
C PRO C 478 -11.78 29.66 -17.08
N THR C 479 -11.68 30.79 -16.35
CA THR C 479 -12.66 31.11 -15.29
C THR C 479 -14.12 31.22 -15.80
N GLY C 480 -14.27 31.47 -17.11
CA GLY C 480 -15.57 31.35 -17.78
C GLY C 480 -16.14 29.94 -17.64
N GLU C 481 -15.66 29.02 -18.48
CA GLU C 481 -16.18 27.64 -18.54
C GLU C 481 -15.81 26.81 -17.30
N THR C 482 -15.68 27.46 -16.15
CA THR C 482 -15.36 26.81 -14.89
C THR C 482 -16.55 25.99 -14.43
N GLY C 483 -16.37 24.68 -14.47
CA GLY C 483 -17.30 23.78 -13.82
C GLY C 483 -16.66 23.30 -12.55
N THR C 484 -15.51 22.66 -12.71
CA THR C 484 -14.80 22.04 -11.62
C THR C 484 -13.38 22.58 -11.63
N THR C 485 -12.68 22.41 -10.52
CA THR C 485 -11.28 22.79 -10.45
C THR C 485 -10.45 21.88 -11.36
N ASN C 486 -9.56 22.46 -12.18
CA ASN C 486 -8.83 21.67 -13.18
C ASN C 486 -7.34 22.03 -13.42
N MET C 487 -6.76 22.88 -12.58
CA MET C 487 -5.34 23.14 -12.69
C MET C 487 -4.70 23.58 -11.38
N MET C 488 -3.43 23.22 -11.24
CA MET C 488 -2.65 23.60 -10.09
C MET C 488 -1.31 24.10 -10.57
N LYS C 489 -0.70 24.96 -9.76
CA LYS C 489 0.66 25.47 -9.98
C LYS C 489 1.32 25.46 -8.60
N ILE C 490 2.56 24.94 -8.56
CA ILE C 490 3.38 24.96 -7.35
C ILE C 490 4.22 26.18 -7.57
N HIS C 491 4.47 26.97 -6.53
CA HIS C 491 5.16 28.26 -6.72
C HIS C 491 5.93 28.67 -5.51
N LEU C 492 7.24 28.90 -5.67
CA LEU C 492 8.04 29.45 -4.58
C LEU C 492 7.77 30.93 -4.51
N VAL C 493 7.50 31.45 -3.30
CA VAL C 493 7.13 32.85 -3.13
C VAL C 493 8.37 33.74 -3.34
N GLY C 494 8.86 33.77 -4.58
CA GLY C 494 10.03 34.56 -4.96
C GLY C 494 11.20 34.26 -4.06
N ASP C 495 12.34 34.91 -4.27
CA ASP C 495 12.69 35.63 -5.48
C ASP C 495 14.22 35.79 -5.52
N GLU C 496 14.88 34.78 -6.08
CA GLU C 496 16.34 34.68 -6.26
C GLU C 496 17.14 35.97 -6.11
N ILE C 497 17.85 36.13 -4.99
CA ILE C 497 18.64 37.34 -4.77
C ILE C 497 19.87 37.37 -5.66
N ALA C 498 20.46 36.21 -5.91
CA ALA C 498 21.58 36.10 -6.85
C ALA C 498 21.33 34.87 -7.70
N ASN C 499 22.05 34.77 -8.82
CA ASN C 499 22.02 33.56 -9.62
C ASN C 499 23.21 33.43 -10.56
N GLY C 500 23.29 32.28 -11.23
CA GLY C 500 24.38 31.98 -12.13
C GLY C 500 24.38 30.52 -12.53
N GLN C 501 25.55 30.03 -12.92
CA GLN C 501 25.75 28.65 -13.37
C GLN C 501 25.92 27.76 -12.16
N GLY C 502 24.93 26.94 -11.88
CA GLY C 502 25.02 26.03 -10.76
C GLY C 502 25.78 24.77 -11.11
N ILE C 503 26.53 24.26 -10.14
CA ILE C 503 27.28 23.01 -10.30
C ILE C 503 26.94 22.06 -9.17
N GLY C 504 26.76 20.80 -9.52
CA GLY C 504 26.10 19.87 -8.62
C GLY C 504 24.60 20.02 -8.87
N ARG C 505 23.80 19.34 -8.04
CA ARG C 505 22.34 19.37 -8.16
C ARG C 505 21.62 19.50 -6.83
N GLY C 506 22.36 19.60 -5.72
CA GLY C 506 21.75 19.64 -4.39
C GLY C 506 21.32 21.01 -3.95
N SER C 507 21.40 21.27 -2.64
CA SER C 507 21.05 22.57 -2.04
C SER C 507 21.23 22.55 -0.55
N VAL C 508 21.46 23.70 0.04
CA VAL C 508 21.58 23.80 1.49
C VAL C 508 21.19 25.18 1.97
N VAL C 509 20.99 25.27 3.28
CA VAL C 509 20.82 26.55 3.97
C VAL C 509 22.08 26.77 4.80
N GLY C 510 22.46 28.03 4.96
CA GLY C 510 23.68 28.38 5.68
C GLY C 510 23.99 29.85 5.60
N THR C 511 24.71 30.33 6.62
CA THR C 511 25.07 31.73 6.75
C THR C 511 26.35 32.05 5.93
N THR C 512 26.34 33.17 5.20
CA THR C 512 27.45 33.47 4.27
C THR C 512 28.72 33.89 4.98
N LEU C 513 29.82 33.86 4.23
CA LEU C 513 31.11 34.32 4.69
C LEU C 513 31.91 34.79 3.46
N VAL C 514 31.65 36.03 3.04
CA VAL C 514 32.33 36.64 1.86
C VAL C 514 33.84 36.70 2.15
N ALA C 515 34.64 36.00 1.36
CA ALA C 515 36.09 35.94 1.56
C ALA C 515 36.82 36.67 0.45
N GLU C 516 37.54 37.73 0.83
CA GLU C 516 38.37 38.47 -0.11
C GLU C 516 39.70 37.73 -0.28
N THR C 517 40.23 37.22 0.83
CA THR C 517 41.51 36.49 0.84
C THR C 517 41.34 35.10 1.41
N VAL C 518 42.29 34.23 1.09
CA VAL C 518 42.41 32.91 1.70
C VAL C 518 42.51 33.02 3.23
N LYS C 519 43.13 34.12 3.67
CA LYS C 519 43.35 34.42 5.09
C LYS C 519 42.12 35.09 5.67
N ASP C 520 41.19 35.48 4.80
CA ASP C 520 39.90 36.08 5.20
C ASP C 520 38.89 35.01 5.65
N LEU C 521 39.39 33.82 5.96
CA LEU C 521 38.59 32.73 6.51
C LEU C 521 39.46 31.67 7.21
N GLU C 522 40.63 32.08 7.69
CA GLU C 522 41.66 31.13 8.15
C GLU C 522 41.37 30.58 9.55
N GLY C 523 41.63 31.40 10.57
CA GLY C 523 41.53 30.95 11.95
C GLY C 523 40.16 31.24 12.57
N LYS C 524 39.15 31.24 11.72
CA LYS C 524 37.79 31.60 12.13
C LYS C 524 36.81 30.84 11.26
N ASP C 525 36.84 29.52 11.34
CA ASP C 525 36.03 28.69 10.46
C ASP C 525 35.45 27.42 11.10
N LEU C 526 34.16 27.48 11.42
CA LEU C 526 33.37 26.28 11.60
C LEU C 526 32.95 25.82 10.21
N SER C 527 32.11 24.80 10.17
CA SER C 527 31.45 24.35 8.95
C SER C 527 30.28 25.28 8.62
N ASP C 528 29.10 24.70 8.39
CA ASP C 528 27.79 25.40 8.37
C ASP C 528 27.72 26.80 7.72
N LYS C 529 28.58 27.08 6.75
CA LYS C 529 28.57 28.40 6.09
C LYS C 529 28.76 28.25 4.60
N VAL C 530 28.33 29.25 3.82
CA VAL C 530 28.49 29.23 2.36
C VAL C 530 29.41 30.37 1.95
N ILE C 531 30.59 30.01 1.44
CA ILE C 531 31.67 30.99 1.18
C ILE C 531 31.51 31.68 -0.19
N VAL C 532 31.83 32.96 -0.22
CA VAL C 532 31.68 33.77 -1.43
C VAL C 532 32.98 34.52 -1.81
N THR C 533 33.73 33.94 -2.75
CA THR C 533 35.03 34.50 -3.17
C THR C 533 34.97 34.85 -4.65
N ASN C 534 36.06 35.38 -5.21
CA ASN C 534 36.13 35.60 -6.66
C ASN C 534 36.31 34.28 -7.42
N SER C 535 37.44 33.62 -7.16
CA SER C 535 37.66 32.28 -7.69
C SER C 535 38.33 31.42 -6.61
N ILE C 536 38.62 30.16 -6.97
CA ILE C 536 39.36 29.26 -6.09
C ILE C 536 40.81 29.06 -6.62
N ASP C 537 41.76 29.27 -5.71
CA ASP C 537 43.17 28.99 -5.92
C ASP C 537 43.46 27.61 -5.36
N GLU C 538 44.73 27.24 -5.36
CA GLU C 538 45.22 26.10 -4.57
C GLU C 538 45.06 26.35 -3.07
N THR C 539 45.10 27.63 -2.68
CA THR C 539 45.05 28.06 -1.28
C THR C 539 43.66 28.16 -0.72
N PHE C 540 42.65 28.19 -1.61
CA PHE C 540 41.24 28.13 -1.19
C PHE C 540 40.80 26.68 -0.99
N VAL C 541 41.21 25.79 -1.90
CA VAL C 541 40.77 24.39 -1.93
C VAL C 541 40.92 23.59 -0.60
N PRO C 542 41.79 24.02 0.32
CA PRO C 542 41.72 23.37 1.64
C PRO C 542 40.50 23.78 2.46
N TYR C 543 40.09 25.03 2.32
CA TYR C 543 39.02 25.59 3.15
C TYR C 543 37.60 25.25 2.62
N VAL C 544 37.47 25.12 1.30
CA VAL C 544 36.17 24.87 0.65
C VAL C 544 35.52 23.58 1.13
N GLU C 545 36.27 22.48 1.15
CA GLU C 545 35.78 21.16 1.60
C GLU C 545 35.20 21.13 3.02
N LYS C 546 35.64 22.06 3.87
CA LYS C 546 35.16 22.14 5.25
C LYS C 546 33.80 22.83 5.35
N ALA C 547 33.39 23.50 4.28
CA ALA C 547 32.19 24.35 4.25
C ALA C 547 30.92 23.65 3.74
N LEU C 548 29.82 24.41 3.76
CA LEU C 548 28.51 23.92 3.34
C LEU C 548 28.23 24.14 1.87
N GLY C 549 28.48 25.36 1.40
CA GLY C 549 28.21 25.73 -0.01
C GLY C 549 29.21 26.73 -0.55
N LEU C 550 29.15 27.02 -1.83
CA LEU C 550 30.13 27.91 -2.44
C LEU C 550 29.52 28.75 -3.55
N ILE C 551 29.82 30.05 -3.55
CA ILE C 551 29.40 30.97 -4.60
C ILE C 551 30.62 31.75 -5.10
N THR C 552 31.11 31.38 -6.28
CA THR C 552 32.27 32.05 -6.86
C THR C 552 31.81 33.03 -7.93
N GLU C 553 32.60 34.06 -8.18
CA GLU C 553 32.07 35.27 -8.85
C GLU C 553 31.85 35.05 -10.31
N GLU C 554 32.92 34.81 -11.01
CA GLU C 554 32.86 34.54 -12.43
C GLU C 554 33.39 33.14 -12.43
N ASN C 555 33.23 32.43 -13.55
CA ASN C 555 33.94 31.18 -13.81
C ASN C 555 33.18 30.38 -14.87
N GLY C 556 33.75 29.27 -15.32
CA GLY C 556 33.07 28.30 -16.21
C GLY C 556 32.86 26.95 -15.54
N ILE C 557 32.34 25.97 -16.28
CA ILE C 557 31.89 24.69 -15.67
C ILE C 557 33.02 23.78 -15.18
N THR C 558 34.19 23.87 -15.78
CA THR C 558 35.31 23.00 -15.36
C THR C 558 36.34 23.80 -14.59
N SER C 559 35.94 25.01 -14.18
CA SER C 559 36.80 25.96 -13.48
C SER C 559 37.40 25.38 -12.21
N PRO C 560 38.40 26.05 -11.64
CA PRO C 560 38.90 25.56 -10.36
C PRO C 560 37.81 25.53 -9.32
N SER C 561 36.93 26.54 -9.35
CA SER C 561 35.83 26.71 -8.41
C SER C 561 34.76 25.63 -8.56
N ALA C 562 34.45 25.33 -9.81
CA ALA C 562 33.43 24.36 -10.18
C ALA C 562 33.87 22.94 -9.91
N ILE C 563 35.05 22.60 -10.38
CA ILE C 563 35.55 21.23 -10.29
C ILE C 563 35.71 20.81 -8.83
N VAL C 564 36.16 21.73 -7.98
CA VAL C 564 36.40 21.43 -6.55
C VAL C 564 35.12 21.27 -5.76
N GLY C 565 34.05 21.90 -6.24
CA GLY C 565 32.73 21.73 -5.63
C GLY C 565 32.13 20.37 -5.96
N LEU C 566 31.98 20.09 -7.26
CA LEU C 566 31.41 18.82 -7.74
C LEU C 566 32.13 17.65 -7.07
N GLU C 567 33.46 17.69 -7.09
CA GLU C 567 34.27 16.59 -6.58
C GLU C 567 34.03 16.31 -5.10
N LYS C 568 33.97 17.37 -4.30
CA LYS C 568 33.81 17.21 -2.85
C LYS C 568 32.34 17.08 -2.43
N GLY C 569 31.43 17.20 -3.39
CA GLY C 569 30.02 17.02 -3.15
C GLY C 569 29.36 18.22 -2.50
N ILE C 570 29.90 19.40 -2.73
CA ILE C 570 29.29 20.60 -2.18
C ILE C 570 28.50 21.30 -3.28
N PRO C 571 27.27 21.67 -2.98
CA PRO C 571 26.52 22.40 -3.96
C PRO C 571 27.14 23.78 -4.15
N THR C 572 27.34 24.19 -5.39
CA THR C 572 27.92 25.50 -5.67
C THR C 572 27.23 26.18 -6.84
N VAL C 573 27.50 27.47 -7.00
CA VAL C 573 27.11 28.19 -8.21
C VAL C 573 28.30 29.07 -8.58
N VAL C 574 28.80 28.86 -9.79
CA VAL C 574 29.78 29.73 -10.41
C VAL C 574 29.11 30.78 -11.32
N GLY C 575 29.83 31.81 -11.74
CA GLY C 575 29.27 32.79 -12.68
C GLY C 575 28.28 33.78 -12.09
N VAL C 576 28.47 34.11 -10.81
CA VAL C 576 27.60 35.05 -10.10
C VAL C 576 28.07 36.52 -10.18
N GLU C 577 27.42 37.32 -11.02
CA GLU C 577 27.72 38.77 -11.14
C GLU C 577 28.10 39.47 -9.82
N LYS C 578 29.36 39.86 -9.71
CA LYS C 578 29.78 40.66 -8.55
C LYS C 578 29.35 40.04 -7.20
N ALA C 579 29.44 38.72 -7.10
CA ALA C 579 28.96 38.04 -5.92
C ALA C 579 29.57 38.61 -4.62
N VAL C 580 30.86 38.97 -4.62
CA VAL C 580 31.52 39.42 -3.39
C VAL C 580 30.95 40.75 -2.91
N LYS C 581 30.73 41.65 -3.87
CA LYS C 581 30.21 42.99 -3.58
C LYS C 581 28.71 42.96 -3.27
N ASN C 582 27.96 42.20 -4.05
CA ASN C 582 26.48 42.24 -3.99
C ASN C 582 25.87 41.51 -2.80
N ILE C 583 26.10 40.20 -2.72
CA ILE C 583 25.54 39.40 -1.61
C ILE C 583 26.26 39.73 -0.26
N SER C 584 25.49 39.98 0.79
CA SER C 584 26.01 40.44 2.08
C SER C 584 26.69 39.34 2.85
N ASN C 585 27.46 39.72 3.85
CA ASN C 585 28.16 38.75 4.67
C ASN C 585 27.25 38.35 5.82
N ASN C 586 27.44 37.14 6.32
CA ASN C 586 26.82 36.64 7.54
C ASN C 586 25.31 36.39 7.46
N VAL C 587 24.61 37.05 6.53
CA VAL C 587 23.19 36.81 6.31
C VAL C 587 22.97 35.35 5.88
N LEU C 588 21.93 34.72 6.43
CA LEU C 588 21.61 33.33 6.12
C LEU C 588 21.07 33.24 4.69
N VAL C 589 21.48 32.22 3.95
CA VAL C 589 21.14 32.11 2.53
C VAL C 589 20.89 30.65 2.16
N THR C 590 20.14 30.43 1.08
CA THR C 590 19.88 29.08 0.56
C THR C 590 20.21 28.97 -0.90
N ILE C 591 21.10 28.05 -1.24
CA ILE C 591 21.51 27.91 -2.65
C ILE C 591 20.90 26.65 -3.23
N ASP C 592 20.68 26.69 -4.53
CA ASP C 592 20.11 25.57 -5.25
C ASP C 592 20.97 25.21 -6.42
N ALA C 593 21.63 24.07 -6.35
CA ALA C 593 22.56 23.64 -7.41
C ALA C 593 21.90 23.53 -8.78
N ALA C 594 20.87 22.71 -8.92
CA ALA C 594 20.07 22.74 -10.14
C ALA C 594 19.48 24.13 -10.14
N GLN C 595 18.96 24.61 -11.26
CA GLN C 595 18.49 26.01 -11.38
C GLN C 595 19.67 26.99 -11.37
N GLY C 596 20.56 26.87 -10.38
CA GLY C 596 21.65 27.78 -10.24
C GLY C 596 21.17 29.08 -9.64
N LYS C 597 20.29 28.98 -8.66
CA LYS C 597 19.76 30.15 -7.99
C LYS C 597 20.24 30.18 -6.53
N ILE C 598 20.24 31.38 -5.96
CA ILE C 598 20.53 31.61 -4.56
C ILE C 598 19.40 32.47 -3.98
N PHE C 599 19.06 32.24 -2.72
CA PHE C 599 17.88 32.90 -2.13
C PHE C 599 18.14 33.55 -0.77
N GLU C 600 17.25 34.47 -0.42
CA GLU C 600 17.36 35.33 0.76
C GLU C 600 17.55 34.58 2.08
N GLY C 601 16.60 33.72 2.45
CA GLY C 601 16.70 32.96 3.71
C GLY C 601 16.47 31.49 3.44
N TYR C 602 15.49 30.90 4.11
CA TYR C 602 15.07 29.51 3.84
C TYR C 602 14.27 29.43 2.54
N ALA C 603 14.38 28.35 1.78
CA ALA C 603 13.78 28.29 0.43
C ALA C 603 12.96 27.01 0.14
N ASN C 604 13.54 26.01 -0.54
CA ASN C 604 12.89 24.72 -0.93
C ASN C 604 13.35 24.23 -2.31
N MET D 22 1.23 5.85 -29.72
CA MET D 22 1.36 4.43 -29.36
C MET D 22 2.58 3.93 -30.11
N ARG D 23 3.76 4.42 -29.70
CA ARG D 23 5.05 3.98 -30.28
C ARG D 23 6.16 3.96 -29.24
N LYS D 24 6.31 5.05 -28.51
CA LYS D 24 6.99 5.06 -27.18
C LYS D 24 8.52 4.91 -27.13
N THR D 25 9.04 3.74 -27.53
CA THR D 25 10.48 3.46 -27.47
C THR D 25 11.17 3.82 -28.81
N LYS D 26 12.20 4.69 -28.75
CA LYS D 26 12.79 5.33 -29.95
C LYS D 26 13.89 4.50 -30.61
N ILE D 27 14.11 4.77 -31.89
CA ILE D 27 14.98 3.93 -32.71
C ILE D 27 16.15 4.76 -33.25
N VAL D 28 17.37 4.38 -32.88
CA VAL D 28 18.59 5.00 -33.41
C VAL D 28 19.25 4.11 -34.46
N CYS D 29 19.54 4.66 -35.64
CA CYS D 29 20.08 3.89 -36.76
C CYS D 29 21.42 4.40 -37.26
N THR D 30 22.40 3.50 -37.27
CA THR D 30 23.74 3.83 -37.73
C THR D 30 23.73 3.90 -39.24
N ILE D 31 23.97 5.10 -39.78
CA ILE D 31 24.04 5.29 -41.23
C ILE D 31 25.33 4.69 -41.75
N GLY D 32 25.29 4.06 -42.91
CA GLY D 32 26.49 3.51 -43.54
C GLY D 32 26.29 3.34 -45.03
N PRO D 33 27.28 2.75 -45.71
CA PRO D 33 27.21 2.46 -47.15
C PRO D 33 25.82 2.00 -47.60
N ALA D 34 25.28 0.98 -46.92
CA ALA D 34 23.99 0.40 -47.27
C ALA D 34 22.80 1.36 -47.10
N SER D 35 23.04 2.54 -46.53
CA SER D 35 21.95 3.46 -46.16
C SER D 35 22.29 4.95 -46.32
N GLU D 36 23.28 5.27 -47.15
CA GLU D 36 23.63 6.69 -47.39
C GLU D 36 22.63 7.39 -48.29
N SER D 37 22.03 6.62 -49.19
CA SER D 37 21.24 7.16 -50.29
C SER D 37 20.05 7.93 -49.78
N GLU D 38 19.68 8.95 -50.54
CA GLU D 38 18.47 9.73 -50.31
C GLU D 38 17.25 8.80 -50.25
N GLU D 39 17.25 7.78 -51.11
CA GLU D 39 16.16 6.78 -51.16
C GLU D 39 16.04 6.00 -49.85
N MET D 40 17.14 5.37 -49.43
CA MET D 40 17.13 4.48 -48.26
C MET D 40 17.00 5.22 -46.92
N ILE D 41 17.44 6.48 -46.89
CA ILE D 41 17.20 7.34 -45.72
C ILE D 41 15.72 7.67 -45.54
N GLU D 42 15.03 7.89 -46.67
CA GLU D 42 13.60 8.04 -46.64
C GLU D 42 12.94 6.79 -46.07
N LYS D 43 13.28 5.63 -46.65
CA LYS D 43 12.68 4.34 -46.25
C LYS D 43 12.95 4.00 -44.79
N LEU D 44 14.05 4.52 -44.24
CA LEU D 44 14.40 4.31 -42.82
C LEU D 44 13.66 5.28 -41.89
N ILE D 45 13.47 6.53 -42.31
CA ILE D 45 12.64 7.48 -41.56
C ILE D 45 11.21 6.99 -41.49
N ASN D 46 10.74 6.43 -42.60
CA ASN D 46 9.41 5.84 -42.69
C ASN D 46 9.28 4.56 -41.86
N ALA D 47 10.32 3.73 -41.84
CA ALA D 47 10.33 2.51 -41.00
C ALA D 47 10.34 2.84 -39.49
N GLY D 48 10.67 4.10 -39.15
CA GLY D 48 10.50 4.64 -37.79
C GLY D 48 11.74 5.22 -37.14
N MET D 49 12.67 5.74 -37.94
CA MET D 49 13.98 6.18 -37.44
C MET D 49 13.87 7.55 -36.77
N ASN D 50 14.18 7.61 -35.48
CA ASN D 50 14.14 8.85 -34.75
C ASN D 50 15.48 9.57 -34.73
N VAL D 51 16.58 8.83 -34.80
CA VAL D 51 17.92 9.42 -34.64
C VAL D 51 18.93 8.72 -35.52
N ALA D 52 19.60 9.51 -36.36
CA ALA D 52 20.66 9.01 -37.22
C ALA D 52 21.99 9.04 -36.47
N ARG D 53 22.63 7.88 -36.37
CA ARG D 53 23.97 7.77 -35.77
C ARG D 53 25.07 7.80 -36.84
N LEU D 54 26.12 8.58 -36.56
CA LEU D 54 27.34 8.64 -37.39
C LEU D 54 28.52 8.14 -36.56
N ASN D 55 29.10 7.01 -36.98
CA ASN D 55 30.24 6.44 -36.26
C ASN D 55 31.56 6.98 -36.78
N PHE D 56 32.23 7.76 -35.94
CA PHE D 56 33.50 8.41 -36.31
C PHE D 56 34.69 7.50 -35.98
N SER D 57 34.41 6.25 -35.61
CA SER D 57 35.45 5.22 -35.54
C SER D 57 36.07 5.03 -36.91
N HIS D 58 35.24 5.19 -37.95
CA HIS D 58 35.66 5.05 -39.34
C HIS D 58 35.17 6.21 -40.18
N GLY D 59 35.70 6.34 -41.39
CA GLY D 59 35.22 7.35 -42.34
C GLY D 59 35.70 8.77 -42.07
N SER D 60 35.70 9.58 -43.13
CA SER D 60 36.24 10.94 -43.09
C SER D 60 35.15 11.98 -42.91
N HIS D 61 35.54 13.14 -42.40
CA HIS D 61 34.63 14.28 -42.27
C HIS D 61 33.87 14.55 -43.55
N GLU D 62 34.49 14.26 -44.68
CA GLU D 62 33.85 14.41 -45.99
C GLU D 62 32.62 13.54 -46.08
N GLU D 63 32.81 12.25 -45.80
CA GLU D 63 31.75 11.27 -45.92
C GLU D 63 30.61 11.62 -44.98
N HIS D 64 30.99 12.05 -43.78
CA HIS D 64 30.02 12.39 -42.75
C HIS D 64 29.26 13.65 -43.09
N LYS D 65 29.95 14.71 -43.48
CA LYS D 65 29.27 15.94 -43.91
C LYS D 65 28.24 15.66 -45.02
N GLY D 66 28.56 14.70 -45.90
CA GLY D 66 27.69 14.34 -47.00
C GLY D 66 26.40 13.75 -46.50
N ARG D 67 26.53 12.81 -45.57
CA ARG D 67 25.38 12.15 -44.99
C ARG D 67 24.52 13.09 -44.13
N ILE D 68 25.17 14.00 -43.41
CA ILE D 68 24.44 14.98 -42.59
C ILE D 68 23.48 15.80 -43.44
N ASP D 69 23.93 16.17 -44.64
CA ASP D 69 23.09 16.91 -45.58
C ASP D 69 21.99 16.07 -46.19
N THR D 70 22.30 14.81 -46.55
CA THR D 70 21.30 13.88 -47.07
C THR D 70 20.18 13.73 -46.04
N ILE D 71 20.59 13.56 -44.78
CA ILE D 71 19.65 13.41 -43.66
C ILE D 71 18.82 14.68 -43.49
N ARG D 72 19.47 15.82 -43.22
CA ARG D 72 18.75 17.09 -43.02
C ARG D 72 17.70 17.42 -44.10
N LYS D 73 18.01 17.10 -45.35
CA LYS D 73 17.10 17.39 -46.46
C LYS D 73 15.93 16.42 -46.53
N VAL D 74 16.22 15.12 -46.56
CA VAL D 74 15.16 14.10 -46.56
C VAL D 74 14.22 14.31 -45.36
N ALA D 75 14.78 14.68 -44.21
CA ALA D 75 14.01 14.93 -43.00
C ALA D 75 13.07 16.11 -43.13
N LYS D 76 13.54 17.21 -43.72
CA LYS D 76 12.69 18.38 -43.86
C LYS D 76 11.72 18.27 -45.03
N ARG D 77 12.03 17.38 -45.99
CA ARG D 77 11.08 17.06 -47.05
C ARG D 77 9.92 16.26 -46.46
N LEU D 78 10.20 15.17 -45.77
CA LEU D 78 9.14 14.36 -45.16
C LEU D 78 8.52 15.03 -43.93
N ASP D 79 9.12 16.14 -43.49
CA ASP D 79 8.61 16.97 -42.40
C ASP D 79 8.58 16.24 -41.07
N LYS D 80 9.64 15.47 -40.81
CA LYS D 80 9.76 14.70 -39.57
C LYS D 80 11.01 15.15 -38.83
N ILE D 81 10.93 15.16 -37.49
CA ILE D 81 12.11 15.44 -36.67
C ILE D 81 12.97 14.19 -36.61
N VAL D 82 14.20 14.26 -37.14
CA VAL D 82 15.18 13.19 -36.91
C VAL D 82 16.48 13.84 -36.46
N ALA D 83 17.06 13.34 -35.37
CA ALA D 83 18.23 13.95 -34.74
C ALA D 83 19.49 13.31 -35.30
N ILE D 84 20.62 13.98 -35.08
CA ILE D 84 21.91 13.45 -35.51
C ILE D 84 22.79 13.19 -34.28
N LEU D 85 23.32 11.96 -34.22
CA LEU D 85 24.19 11.54 -33.14
C LEU D 85 25.56 11.17 -33.72
N LEU D 86 26.60 11.70 -33.10
CA LEU D 86 27.97 11.47 -33.51
C LEU D 86 28.62 10.59 -32.44
N ASP D 87 29.16 9.45 -32.84
CA ASP D 87 29.80 8.55 -31.89
C ASP D 87 31.34 8.64 -32.00
N THR D 88 31.96 9.29 -31.03
CA THR D 88 33.42 9.45 -31.00
C THR D 88 34.10 8.08 -31.03
N LYS D 89 35.31 8.00 -31.58
CA LYS D 89 36.04 6.73 -31.60
C LYS D 89 36.60 6.41 -30.21
N GLY D 90 37.15 7.42 -29.56
CA GLY D 90 37.57 7.31 -28.17
C GLY D 90 39.00 6.86 -28.00
N PRO D 91 39.50 6.89 -26.76
CA PRO D 91 40.84 6.38 -26.53
C PRO D 91 40.85 4.88 -26.64
N GLU D 92 42.00 4.31 -26.97
CA GLU D 92 42.15 2.87 -27.05
C GLU D 92 43.59 2.40 -26.90
N ILE D 93 43.74 1.10 -26.70
CA ILE D 93 45.03 0.43 -26.59
C ILE D 93 45.17 -0.54 -27.74
N ARG D 94 46.20 -0.37 -28.56
CA ARG D 94 46.43 -1.23 -29.70
C ARG D 94 47.81 -1.91 -29.67
N THR D 95 47.97 -2.87 -30.57
CA THR D 95 49.22 -3.57 -30.78
C THR D 95 49.96 -2.91 -31.93
N HIS D 96 51.26 -2.68 -31.74
CA HIS D 96 52.13 -2.25 -32.82
C HIS D 96 52.37 -3.41 -33.75
N ASN D 97 52.63 -3.08 -35.01
CA ASN D 97 52.67 -4.07 -36.08
C ASN D 97 53.45 -5.34 -35.71
N MET D 98 53.18 -6.41 -36.46
CA MET D 98 53.67 -7.75 -36.14
C MET D 98 54.58 -8.27 -37.25
N LYS D 99 55.56 -9.09 -36.89
CA LYS D 99 56.48 -9.65 -37.87
C LYS D 99 55.73 -10.64 -38.77
N ASP D 100 55.85 -10.39 -40.09
CA ASP D 100 55.12 -11.11 -41.15
C ASP D 100 53.66 -10.74 -41.26
N GLY D 101 53.20 -9.80 -40.41
CA GLY D 101 51.79 -9.45 -40.32
C GLY D 101 51.06 -10.27 -39.26
N ILE D 102 51.11 -11.59 -39.40
CA ILE D 102 50.49 -12.52 -38.46
C ILE D 102 51.59 -13.12 -37.55
N ILE D 103 51.21 -13.49 -36.32
CA ILE D 103 52.12 -14.14 -35.38
C ILE D 103 51.35 -14.99 -34.36
N GLU D 104 51.88 -16.16 -34.01
CA GLU D 104 51.15 -17.13 -33.16
C GLU D 104 51.62 -17.13 -31.71
N LEU D 105 50.78 -17.66 -30.82
CA LEU D 105 51.08 -17.72 -29.37
C LEU D 105 50.55 -19.01 -28.72
N GLU D 106 51.47 -19.81 -28.20
CA GLU D 106 51.13 -21.11 -27.58
C GLU D 106 50.36 -20.96 -26.28
N ARG D 107 49.60 -22.00 -25.93
CA ARG D 107 48.59 -21.96 -24.87
C ARG D 107 49.13 -22.04 -23.42
N GLY D 108 50.39 -22.41 -23.22
CA GLY D 108 50.96 -22.54 -21.87
C GLY D 108 52.26 -21.78 -21.68
N ASN D 109 52.56 -20.93 -22.65
CA ASN D 109 53.89 -20.30 -22.79
C ASN D 109 53.98 -18.93 -22.10
N GLU D 110 54.98 -18.11 -22.48
CA GLU D 110 55.15 -16.75 -21.97
C GLU D 110 55.36 -15.74 -23.10
N VAL D 111 54.73 -14.58 -22.97
CA VAL D 111 54.91 -13.47 -23.91
C VAL D 111 55.30 -12.22 -23.13
N ILE D 112 56.10 -11.38 -23.77
CA ILE D 112 56.61 -10.15 -23.17
C ILE D 112 55.87 -8.97 -23.76
N VAL D 113 55.22 -8.20 -22.89
CA VAL D 113 54.50 -6.98 -23.31
C VAL D 113 55.37 -5.75 -23.05
N SER D 114 55.99 -5.28 -24.13
CA SER D 114 56.96 -4.19 -24.08
C SER D 114 56.26 -2.87 -24.22
N MET D 115 56.77 -1.87 -23.51
CA MET D 115 56.24 -0.51 -23.59
C MET D 115 56.91 0.28 -24.70
N ASN D 116 58.05 -0.22 -25.19
CA ASN D 116 58.72 0.38 -26.33
C ASN D 116 58.34 -0.40 -27.58
N GLU D 117 58.11 0.33 -28.67
CA GLU D 117 57.62 -0.29 -29.90
C GLU D 117 58.59 -1.34 -30.40
N VAL D 118 58.04 -2.46 -30.85
CA VAL D 118 58.86 -3.55 -31.37
C VAL D 118 58.08 -4.25 -32.48
N GLU D 119 58.80 -5.03 -33.27
CA GLU D 119 58.14 -5.97 -34.15
C GLU D 119 57.61 -7.12 -33.32
N GLY D 120 56.54 -7.73 -33.82
CA GLY D 120 55.87 -8.79 -33.12
C GLY D 120 56.68 -10.06 -33.15
N THR D 121 56.49 -10.87 -32.11
CA THR D 121 57.11 -12.17 -32.00
C THR D 121 56.37 -12.96 -30.93
N PRO D 122 56.32 -14.30 -31.06
CA PRO D 122 55.73 -15.10 -29.97
C PRO D 122 56.39 -14.86 -28.60
N GLU D 123 57.46 -14.06 -28.57
CA GLU D 123 58.08 -13.65 -27.31
C GLU D 123 57.91 -12.15 -27.02
N LYS D 124 58.41 -11.29 -27.91
CA LYS D 124 58.39 -9.84 -27.71
C LYS D 124 57.32 -9.19 -28.56
N PHE D 125 56.75 -8.10 -28.05
CA PHE D 125 55.42 -7.69 -28.48
C PHE D 125 55.03 -6.36 -27.81
N SER D 126 54.66 -5.37 -28.62
CA SER D 126 54.53 -3.99 -28.15
C SER D 126 53.11 -3.46 -28.21
N VAL D 127 52.81 -2.44 -27.39
CA VAL D 127 51.46 -1.81 -27.35
C VAL D 127 51.53 -0.27 -27.41
N THR D 128 50.52 0.37 -27.99
CA THR D 128 50.58 1.82 -28.27
C THR D 128 50.44 2.67 -27.01
N TYR D 129 49.79 2.11 -26.00
CA TYR D 129 49.66 2.76 -24.70
C TYR D 129 50.88 2.38 -23.92
N GLU D 130 51.84 3.31 -23.85
CA GLU D 130 53.14 3.04 -23.23
C GLU D 130 53.05 2.98 -21.71
N ASN D 131 52.01 3.59 -21.15
CA ASN D 131 51.84 3.65 -19.73
C ASN D 131 51.12 2.45 -19.09
N LEU D 132 50.68 1.50 -19.93
CA LEU D 132 50.04 0.26 -19.47
C LEU D 132 50.69 -0.26 -18.19
N ILE D 133 52.02 -0.30 -18.18
CA ILE D 133 52.81 -0.90 -17.10
C ILE D 133 52.55 -0.30 -15.70
N ASN D 134 52.11 0.95 -15.64
CA ASN D 134 51.74 1.55 -14.34
C ASN D 134 50.31 1.30 -13.86
N ASP D 135 49.46 0.80 -14.76
CA ASP D 135 48.07 0.48 -14.45
C ASP D 135 47.87 -0.96 -13.96
N VAL D 136 48.54 -1.93 -14.58
CA VAL D 136 48.32 -3.37 -14.24
C VAL D 136 48.97 -3.76 -12.90
N GLN D 137 49.02 -5.06 -12.62
CA GLN D 137 49.92 -5.61 -11.58
C GLN D 137 50.04 -7.13 -11.70
N VAL D 138 50.86 -7.75 -10.85
CA VAL D 138 51.09 -9.20 -10.95
C VAL D 138 49.78 -9.93 -10.75
N GLY D 139 49.40 -10.72 -11.77
CA GLY D 139 48.16 -11.49 -11.75
C GLY D 139 47.01 -10.90 -12.57
N SER D 140 47.08 -9.60 -12.89
CA SER D 140 46.03 -8.94 -13.69
C SER D 140 45.97 -9.50 -15.11
N TYR D 141 44.79 -9.47 -15.70
CA TYR D 141 44.57 -10.06 -17.03
C TYR D 141 44.65 -9.00 -18.11
N ILE D 142 45.14 -9.39 -19.29
CA ILE D 142 45.17 -8.51 -20.46
C ILE D 142 44.55 -9.26 -21.65
N LEU D 143 43.64 -8.60 -22.36
CA LEU D 143 42.92 -9.26 -23.44
C LEU D 143 43.34 -8.68 -24.79
N LEU D 144 43.72 -9.56 -25.71
CA LEU D 144 44.18 -9.14 -27.03
C LEU D 144 43.12 -9.37 -28.10
N ASP D 145 42.99 -8.39 -29.01
CA ASP D 145 42.08 -8.49 -30.17
C ASP D 145 40.63 -8.79 -29.74
N ASP D 146 40.08 -7.87 -28.94
CA ASP D 146 38.72 -7.96 -28.41
C ASP D 146 38.46 -9.25 -27.62
N GLY D 147 39.48 -9.76 -26.92
CA GLY D 147 39.34 -10.97 -26.13
C GLY D 147 39.68 -12.28 -26.82
N LEU D 148 40.16 -12.23 -28.06
CA LEU D 148 40.56 -13.44 -28.83
C LEU D 148 41.47 -14.36 -28.00
N ILE D 149 42.51 -13.77 -27.42
CA ILE D 149 43.44 -14.50 -26.57
C ILE D 149 43.74 -13.68 -25.31
N GLU D 150 43.69 -14.35 -24.16
CA GLU D 150 43.83 -13.66 -22.88
C GLU D 150 45.13 -14.02 -22.20
N LEU D 151 45.90 -12.99 -21.83
CA LEU D 151 47.19 -13.11 -21.14
C LEU D 151 47.00 -12.89 -19.63
N GLN D 152 48.05 -13.13 -18.86
CA GLN D 152 48.04 -12.84 -17.43
C GLN D 152 49.42 -12.49 -16.92
N VAL D 153 49.50 -11.39 -16.17
CA VAL D 153 50.76 -10.81 -15.71
C VAL D 153 51.49 -11.70 -14.68
N LYS D 154 52.67 -12.19 -15.10
CA LYS D 154 53.53 -13.05 -14.30
C LYS D 154 54.41 -12.19 -13.38
N ASP D 155 55.15 -11.26 -14.00
CA ASP D 155 56.08 -10.38 -13.29
C ASP D 155 56.13 -9.02 -14.00
N ILE D 156 56.64 -7.99 -13.31
CA ILE D 156 56.89 -6.67 -13.91
C ILE D 156 58.28 -6.11 -13.58
N ASP D 157 59.04 -5.76 -14.61
CA ASP D 157 60.32 -5.05 -14.46
C ASP D 157 60.18 -3.67 -15.09
N HIS D 158 60.21 -2.63 -14.27
CA HIS D 158 60.30 -1.27 -14.79
C HIS D 158 61.69 -0.96 -15.24
N ALA D 159 62.63 -1.82 -14.85
CA ALA D 159 63.97 -1.76 -15.37
C ALA D 159 63.88 -1.73 -16.90
N LYS D 160 63.60 -2.90 -17.50
CA LYS D 160 63.47 -3.00 -18.94
C LYS D 160 62.14 -2.39 -19.43
N LYS D 161 61.25 -2.02 -18.50
CA LYS D 161 59.87 -1.61 -18.80
C LYS D 161 59.18 -2.67 -19.64
N GLU D 162 59.10 -3.87 -19.07
CA GLU D 162 58.51 -5.01 -19.75
C GLU D 162 57.52 -5.67 -18.82
N VAL D 163 56.51 -6.32 -19.41
CA VAL D 163 55.55 -7.10 -18.66
C VAL D 163 55.55 -8.55 -19.15
N LYS D 164 56.09 -9.44 -18.32
CA LYS D 164 56.15 -10.87 -18.60
C LYS D 164 54.77 -11.42 -18.22
N CYS D 165 54.20 -12.21 -19.13
CA CYS D 165 52.85 -12.73 -18.96
C CYS D 165 52.76 -14.20 -19.36
N ASP D 166 51.82 -14.91 -18.73
CA ASP D 166 51.48 -16.28 -19.12
C ASP D 166 50.32 -16.28 -20.13
N ILE D 167 50.57 -16.74 -21.35
CA ILE D 167 49.53 -16.87 -22.36
C ILE D 167 48.60 -18.04 -21.95
N LEU D 168 47.32 -17.73 -21.66
CA LEU D 168 46.33 -18.72 -21.16
C LEU D 168 45.55 -19.45 -22.25
N ASN D 169 45.01 -18.69 -23.20
CA ASN D 169 44.33 -19.25 -24.38
C ASN D 169 45.14 -18.94 -25.62
N SER D 170 45.39 -19.96 -26.44
CA SER D 170 46.27 -19.83 -27.60
C SER D 170 45.53 -19.22 -28.78
N GLY D 171 46.28 -18.72 -29.76
CA GLY D 171 45.68 -18.13 -30.95
C GLY D 171 46.59 -17.17 -31.68
N GLU D 172 46.13 -16.71 -32.83
CA GLU D 172 46.92 -15.84 -33.69
C GLU D 172 46.77 -14.38 -33.27
N LEU D 173 47.50 -13.50 -33.97
CA LEU D 173 47.53 -12.07 -33.66
C LEU D 173 47.96 -11.26 -34.88
N LYS D 174 47.05 -10.43 -35.38
CA LYS D 174 47.34 -9.53 -36.50
C LYS D 174 48.01 -8.25 -35.97
N ASN D 175 48.27 -7.31 -36.88
CA ASN D 175 49.03 -6.11 -36.58
C ASN D 175 48.33 -5.17 -35.59
N LYS D 176 47.69 -4.13 -36.14
CA LYS D 176 47.15 -3.05 -35.36
C LYS D 176 45.85 -3.50 -34.63
N LYS D 177 45.98 -4.50 -33.74
CA LYS D 177 44.83 -5.07 -33.04
C LYS D 177 44.70 -4.56 -31.60
N GLY D 178 43.47 -4.52 -31.09
CA GLY D 178 43.17 -3.89 -29.81
C GLY D 178 43.54 -4.70 -28.58
N VAL D 179 43.58 -4.01 -27.44
CA VAL D 179 44.00 -4.58 -26.15
C VAL D 179 43.07 -4.06 -25.04
N ASN D 180 42.60 -4.93 -24.15
CA ASN D 180 41.69 -4.50 -23.06
C ASN D 180 42.13 -4.95 -21.67
N LEU D 181 41.98 -4.06 -20.69
CA LEU D 181 42.48 -4.30 -19.32
C LEU D 181 41.34 -4.27 -18.31
N PRO D 182 40.76 -5.45 -18.01
CA PRO D 182 39.67 -5.64 -17.04
C PRO D 182 39.83 -4.83 -15.75
N GLY D 183 39.14 -3.69 -15.70
CA GLY D 183 39.39 -2.60 -14.74
C GLY D 183 39.99 -2.96 -13.39
N VAL D 184 41.17 -2.46 -13.01
CA VAL D 184 42.07 -1.62 -13.82
C VAL D 184 41.52 -0.22 -14.17
N ARG D 185 41.97 0.78 -13.41
CA ARG D 185 41.67 2.17 -13.72
C ARG D 185 42.45 2.58 -14.96
N VAL D 186 42.00 2.14 -16.12
CA VAL D 186 42.73 2.49 -17.34
C VAL D 186 42.85 4.01 -17.39
N SER D 187 44.10 4.46 -17.54
CA SER D 187 44.47 5.85 -17.28
C SER D 187 44.58 6.70 -18.56
N LEU D 188 43.99 6.20 -19.66
CA LEU D 188 43.89 6.94 -20.91
C LEU D 188 43.23 8.28 -20.62
N PRO D 189 43.33 9.24 -21.55
CA PRO D 189 42.62 10.50 -21.38
C PRO D 189 41.12 10.34 -21.65
N GLY D 190 40.35 11.38 -21.40
CA GLY D 190 38.92 11.35 -21.74
C GLY D 190 38.66 11.20 -23.23
N ILE D 191 39.44 11.95 -24.02
CA ILE D 191 39.27 12.05 -25.47
C ILE D 191 40.60 12.10 -26.27
N THR D 192 40.60 11.47 -27.46
CA THR D 192 41.73 11.56 -28.41
C THR D 192 41.83 13.01 -28.87
N GLU D 193 42.96 13.34 -29.48
CA GLU D 193 43.09 14.57 -30.23
C GLU D 193 42.13 14.49 -31.42
N LYS D 194 41.97 13.28 -31.98
CA LYS D 194 41.03 13.04 -33.06
C LYS D 194 39.63 13.37 -32.61
N ASP D 195 39.27 12.81 -31.45
CA ASP D 195 37.98 13.03 -30.86
C ASP D 195 37.74 14.52 -30.76
N ALA D 196 38.70 15.26 -30.17
CA ALA D 196 38.57 16.70 -30.06
C ALA D 196 38.26 17.34 -31.43
N GLU D 197 38.89 16.87 -32.50
CA GLU D 197 38.61 17.39 -33.85
C GLU D 197 37.23 16.97 -34.33
N ASP D 198 36.91 15.70 -34.09
CA ASP D 198 35.59 15.15 -34.41
C ASP D 198 34.52 16.02 -33.79
N ILE D 199 34.66 16.32 -32.50
CA ILE D 199 33.59 17.00 -31.79
C ILE D 199 33.46 18.48 -32.18
N ARG D 200 34.53 19.09 -32.68
CA ARG D 200 34.44 20.46 -33.14
C ARG D 200 33.64 20.47 -34.43
N PHE D 201 33.80 19.41 -35.21
CA PHE D 201 33.04 19.21 -36.45
C PHE D 201 31.55 19.14 -36.12
N GLY D 202 31.27 18.44 -35.03
CA GLY D 202 29.91 18.34 -34.51
C GLY D 202 29.36 19.72 -34.26
N ILE D 203 30.12 20.53 -33.53
CA ILE D 203 29.66 21.86 -33.15
C ILE D 203 29.37 22.73 -34.39
N LYS D 204 30.14 22.50 -35.45
CA LYS D 204 30.00 23.24 -36.70
C LYS D 204 28.72 22.88 -37.47
N GLU D 205 28.30 21.62 -37.40
CA GLU D 205 27.04 21.16 -38.04
C GLU D 205 25.80 21.14 -37.09
N ASN D 206 25.90 21.75 -35.90
CA ASN D 206 24.80 21.77 -34.91
C ASN D 206 24.20 20.41 -34.57
N VAL D 207 25.05 19.38 -34.65
CA VAL D 207 24.67 18.01 -34.36
C VAL D 207 24.04 17.97 -32.95
N ASP D 208 23.18 17.00 -32.70
CA ASP D 208 22.30 17.02 -31.53
C ASP D 208 22.80 16.19 -30.35
N PHE D 209 23.61 15.17 -30.64
CA PHE D 209 24.13 14.27 -29.63
C PHE D 209 25.59 13.94 -29.88
N ILE D 210 26.34 13.71 -28.81
CA ILE D 210 27.68 13.14 -28.94
C ILE D 210 27.82 11.95 -27.98
N ALA D 211 28.14 10.78 -28.53
CA ALA D 211 28.22 9.56 -27.74
C ALA D 211 29.65 9.25 -27.41
N ALA D 212 30.14 9.81 -26.31
CA ALA D 212 31.54 9.67 -25.88
C ALA D 212 31.95 8.25 -25.49
N SER D 213 33.01 7.76 -26.12
CA SER D 213 33.39 6.38 -25.96
C SER D 213 34.30 6.15 -24.76
N PHE D 214 34.23 4.92 -24.26
CA PHE D 214 35.06 4.45 -23.16
C PHE D 214 35.06 5.42 -22.00
N VAL D 215 33.89 5.97 -21.67
CA VAL D 215 33.82 6.84 -20.50
C VAL D 215 33.93 5.98 -19.25
N ARG D 216 34.50 6.57 -18.21
CA ARG D 216 34.71 5.85 -16.97
C ARG D 216 34.72 6.75 -15.72
N ARG D 217 35.02 8.04 -15.89
CA ARG D 217 34.89 8.99 -14.80
C ARG D 217 34.21 10.21 -15.33
N PRO D 218 33.69 11.05 -14.43
CA PRO D 218 33.04 12.33 -14.78
C PRO D 218 33.92 13.28 -15.60
N SER D 219 35.20 13.31 -15.27
CA SER D 219 36.24 14.03 -16.02
C SER D 219 36.08 13.83 -17.52
N ASP D 220 35.95 12.58 -17.91
CA ASP D 220 35.93 12.17 -19.30
C ASP D 220 34.78 12.81 -20.03
N VAL D 221 33.69 13.03 -19.33
CA VAL D 221 32.57 13.74 -19.91
C VAL D 221 32.91 15.22 -19.96
N LEU D 222 33.32 15.75 -18.80
CA LEU D 222 33.63 17.18 -18.67
C LEU D 222 34.59 17.66 -19.78
N GLU D 223 35.58 16.84 -20.13
CA GLU D 223 36.50 17.16 -21.22
C GLU D 223 35.75 17.53 -22.51
N ILE D 224 34.60 16.90 -22.74
CA ILE D 224 33.78 17.23 -23.91
C ILE D 224 32.91 18.45 -23.64
N ARG D 225 32.51 18.64 -22.39
CA ARG D 225 31.59 19.72 -22.05
C ARG D 225 32.31 21.06 -22.04
N GLU D 226 33.59 21.07 -21.68
CA GLU D 226 34.34 22.32 -21.69
C GLU D 226 34.54 22.82 -23.13
N ILE D 227 34.80 21.88 -24.04
CA ILE D 227 34.87 22.17 -25.47
C ILE D 227 33.56 22.78 -25.94
N LEU D 228 32.45 22.17 -25.52
CA LEU D 228 31.15 22.59 -25.97
C LEU D 228 30.85 23.99 -25.42
N GLU D 229 31.29 24.28 -24.19
CA GLU D 229 30.95 25.55 -23.55
C GLU D 229 31.74 26.74 -24.11
N GLU D 230 32.92 26.49 -24.66
CA GLU D 230 33.64 27.51 -25.43
C GLU D 230 32.76 28.00 -26.55
N GLN D 231 32.17 27.07 -27.28
CA GLN D 231 31.28 27.38 -28.39
C GLN D 231 29.83 27.69 -27.97
N LYS D 232 29.50 27.51 -26.69
CA LYS D 232 28.11 27.57 -26.22
C LYS D 232 27.24 26.75 -27.18
N ALA D 233 27.57 25.48 -27.31
CA ALA D 233 27.09 24.65 -28.41
C ALA D 233 25.71 24.04 -28.19
N ASN D 234 25.36 23.76 -26.93
CA ASN D 234 24.15 23.00 -26.63
C ASN D 234 24.09 21.73 -27.48
N ILE D 235 24.82 20.72 -27.02
CA ILE D 235 24.67 19.35 -27.51
C ILE D 235 24.60 18.43 -26.31
N SER D 236 23.80 17.38 -26.43
CA SER D 236 23.62 16.44 -25.35
C SER D 236 24.78 15.46 -25.42
N VAL D 237 25.31 15.09 -24.26
CA VAL D 237 26.49 14.23 -24.17
C VAL D 237 26.21 12.85 -23.52
N PHE D 238 26.36 11.78 -24.29
CA PHE D 238 25.94 10.45 -23.88
C PHE D 238 27.13 9.50 -23.71
N PRO D 239 27.59 9.29 -22.48
CA PRO D 239 28.62 8.31 -22.14
C PRO D 239 28.36 6.90 -22.68
N LYS D 240 29.39 6.09 -22.85
CA LYS D 240 29.22 4.76 -23.43
C LYS D 240 29.56 3.61 -22.49
N ILE D 241 29.83 3.90 -21.23
CA ILE D 241 30.14 2.85 -20.24
C ILE D 241 30.45 1.44 -20.81
N GLU D 242 31.76 1.16 -20.97
CA GLU D 242 32.27 -0.10 -21.52
C GLU D 242 33.05 -0.97 -20.47
N ASN D 243 33.37 -0.44 -19.29
CA ASN D 243 34.21 -1.19 -18.34
C ASN D 243 33.83 -0.96 -16.90
N GLN D 244 34.38 -1.80 -16.03
CA GLN D 244 34.05 -1.79 -14.62
C GLN D 244 34.13 -0.39 -14.01
N GLU D 245 35.24 0.30 -14.23
CA GLU D 245 35.36 1.62 -13.68
C GLU D 245 34.12 2.43 -14.04
N GLY D 246 33.66 2.29 -15.27
CA GLY D 246 32.47 3.03 -15.73
C GLY D 246 31.19 2.67 -14.99
N ILE D 247 30.92 1.37 -14.93
CA ILE D 247 29.79 0.83 -14.18
C ILE D 247 29.80 1.38 -12.76
N ASP D 248 30.97 1.28 -12.12
CA ASP D 248 31.13 1.65 -10.73
C ASP D 248 30.78 3.14 -10.58
N ASN D 249 31.14 3.96 -11.56
CA ASN D 249 30.93 5.41 -11.47
C ASN D 249 29.66 5.90 -12.14
N ILE D 250 28.68 5.00 -12.28
CA ILE D 250 27.48 5.30 -13.08
C ILE D 250 26.65 6.44 -12.52
N GLU D 251 26.59 6.54 -11.21
CA GLU D 251 25.86 7.65 -10.65
C GLU D 251 26.59 8.95 -10.97
N GLU D 252 27.87 8.99 -10.64
CA GLU D 252 28.66 10.20 -10.74
C GLU D 252 28.76 10.65 -12.18
N ILE D 253 28.77 9.70 -13.12
CA ILE D 253 28.80 10.04 -14.54
C ILE D 253 27.49 10.69 -14.99
N LEU D 254 26.37 10.14 -14.56
CA LEU D 254 25.09 10.70 -14.95
C LEU D 254 24.96 12.11 -14.35
N GLU D 255 25.41 12.30 -13.11
CA GLU D 255 25.42 13.61 -12.48
C GLU D 255 25.85 14.69 -13.48
N VAL D 256 26.80 14.33 -14.35
CA VAL D 256 27.41 15.28 -15.27
C VAL D 256 27.10 15.00 -16.75
N SER D 257 26.08 14.21 -17.05
CA SER D 257 25.84 13.78 -18.43
C SER D 257 24.38 13.95 -18.77
N ASP D 258 24.11 14.09 -20.06
CA ASP D 258 22.78 14.44 -20.53
C ASP D 258 21.97 13.19 -20.83
N GLY D 259 22.65 12.04 -20.88
CA GLY D 259 21.99 10.79 -21.23
C GLY D 259 22.95 9.66 -20.97
N LEU D 260 22.83 8.57 -21.74
CA LEU D 260 23.68 7.38 -21.58
C LEU D 260 23.43 6.37 -22.70
N MET D 261 24.49 5.72 -23.14
CA MET D 261 24.38 4.58 -24.03
C MET D 261 24.85 3.38 -23.24
N VAL D 262 24.49 2.19 -23.70
CA VAL D 262 24.96 0.96 -23.09
C VAL D 262 25.25 0.06 -24.27
N ALA D 263 26.50 0.10 -24.74
CA ALA D 263 26.96 -0.83 -25.76
C ALA D 263 27.34 -2.11 -25.02
N ARG D 264 26.71 -3.24 -25.39
CA ARG D 264 26.96 -4.52 -24.72
C ARG D 264 28.12 -5.28 -25.36
N GLY D 265 28.32 -5.11 -26.66
CA GLY D 265 29.42 -5.76 -27.36
C GLY D 265 30.75 -5.30 -26.82
N ASP D 266 30.87 -3.98 -26.66
CA ASP D 266 32.05 -3.36 -26.08
C ASP D 266 32.19 -3.83 -24.62
N MET D 267 31.06 -3.89 -23.93
CA MET D 267 31.04 -4.15 -22.50
C MET D 267 31.32 -5.63 -22.20
N GLY D 268 30.98 -6.47 -23.16
CA GLY D 268 31.09 -7.91 -22.97
C GLY D 268 32.52 -8.37 -23.00
N VAL D 269 33.38 -7.59 -23.68
CA VAL D 269 34.82 -7.86 -23.73
C VAL D 269 35.41 -7.81 -22.31
N GLU D 270 35.38 -6.63 -21.71
CA GLU D 270 36.03 -6.42 -20.40
C GLU D 270 35.28 -7.06 -19.23
N ILE D 271 34.00 -7.40 -19.40
CA ILE D 271 33.27 -8.08 -18.32
C ILE D 271 32.43 -9.29 -18.81
N PRO D 272 32.32 -10.34 -17.97
CA PRO D 272 31.79 -11.62 -18.42
C PRO D 272 30.38 -11.47 -18.97
N PRO D 273 30.10 -12.04 -20.15
CA PRO D 273 28.72 -12.05 -20.74
C PRO D 273 27.60 -12.55 -19.82
N GLU D 274 27.91 -13.50 -18.93
CA GLU D 274 26.96 -13.99 -17.91
C GLU D 274 26.48 -12.87 -17.00
N LYS D 275 27.38 -11.92 -16.72
CA LYS D 275 27.11 -10.81 -15.80
C LYS D 275 26.51 -9.59 -16.52
N VAL D 276 26.52 -9.59 -17.85
CA VAL D 276 26.21 -8.38 -18.67
C VAL D 276 24.78 -7.84 -18.53
N PRO D 277 23.77 -8.70 -18.75
CA PRO D 277 22.38 -8.26 -18.69
C PRO D 277 22.04 -7.73 -17.31
N MET D 278 22.57 -8.38 -16.27
CA MET D 278 22.37 -7.91 -14.90
C MET D 278 22.78 -6.45 -14.79
N VAL D 279 23.91 -6.12 -15.40
CA VAL D 279 24.43 -4.76 -15.38
C VAL D 279 23.54 -3.87 -16.27
N GLN D 280 23.26 -4.31 -17.50
CA GLN D 280 22.38 -3.54 -18.38
C GLN D 280 21.14 -3.04 -17.66
N LYS D 281 20.50 -3.96 -16.97
CA LYS D 281 19.31 -3.64 -16.21
C LYS D 281 19.63 -2.53 -15.22
N ASP D 282 20.67 -2.75 -14.44
CA ASP D 282 20.98 -1.84 -13.36
C ASP D 282 21.28 -0.43 -13.87
N LEU D 283 21.92 -0.33 -15.03
CA LEU D 283 22.29 0.98 -15.60
C LEU D 283 21.04 1.73 -15.99
N ILE D 284 20.25 1.08 -16.86
CA ILE D 284 19.01 1.66 -17.38
C ILE D 284 18.09 2.13 -16.24
N ARG D 285 17.99 1.30 -15.22
CA ARG D 285 17.31 1.67 -14.00
C ARG D 285 17.88 3.01 -13.54
N GLN D 286 19.20 3.06 -13.39
CA GLN D 286 19.87 4.20 -12.80
C GLN D 286 19.71 5.49 -13.63
N CYS D 287 19.50 5.32 -14.93
CA CYS D 287 19.09 6.44 -15.81
C CYS D 287 17.66 6.88 -15.52
N ASN D 288 16.75 5.93 -15.57
CA ASN D 288 15.37 6.24 -15.33
C ASN D 288 15.21 6.96 -14.00
N LYS D 289 16.00 6.58 -13.00
CA LYS D 289 15.91 7.21 -11.68
C LYS D 289 16.14 8.72 -11.72
N LEU D 290 16.96 9.17 -12.68
CA LEU D 290 17.35 10.59 -12.81
C LEU D 290 16.75 11.19 -14.09
N GLY D 291 16.06 10.36 -14.87
CA GLY D 291 15.35 10.84 -16.04
C GLY D 291 16.27 11.18 -17.18
N LYS D 292 17.44 10.58 -17.17
CA LYS D 292 18.34 10.69 -18.28
C LYS D 292 17.92 9.56 -19.23
N PRO D 293 17.71 9.91 -20.51
CA PRO D 293 17.43 8.94 -21.58
C PRO D 293 18.50 7.88 -21.67
N VAL D 294 18.15 6.65 -21.95
CA VAL D 294 19.19 5.64 -22.13
C VAL D 294 19.01 4.97 -23.48
N ILE D 295 20.12 4.75 -24.19
CA ILE D 295 20.10 3.93 -25.41
C ILE D 295 20.68 2.56 -25.14
N THR D 296 19.98 1.51 -25.52
CA THR D 296 20.58 0.19 -25.46
C THR D 296 21.13 0.00 -26.88
N ALA D 297 22.38 -0.47 -26.97
CA ALA D 297 23.14 -0.48 -28.24
C ALA D 297 23.83 -1.80 -28.51
N THR D 298 24.16 -2.04 -29.78
CA THR D 298 25.04 -3.15 -30.17
C THR D 298 24.40 -4.53 -30.03
N GLN D 299 24.78 -5.44 -30.92
CA GLN D 299 24.35 -6.85 -30.83
C GLN D 299 22.83 -7.01 -30.74
N MET D 300 22.09 -6.07 -31.32
CA MET D 300 20.63 -6.11 -31.18
C MET D 300 20.06 -7.15 -32.14
N LEU D 301 20.06 -6.81 -33.42
CA LEU D 301 19.56 -7.69 -34.48
C LEU D 301 20.66 -7.97 -35.51
N ASP D 302 21.82 -8.39 -35.02
CA ASP D 302 22.99 -8.57 -35.88
C ASP D 302 22.84 -9.73 -36.89
N SER D 303 21.85 -10.60 -36.69
CA SER D 303 21.48 -11.59 -37.71
C SER D 303 20.89 -10.92 -38.97
N MET D 304 20.26 -9.77 -38.80
CA MET D 304 19.57 -9.11 -39.91
C MET D 304 20.47 -8.38 -40.91
N GLN D 305 21.78 -8.40 -40.66
CA GLN D 305 22.74 -7.94 -41.65
C GLN D 305 22.67 -8.87 -42.86
N ARG D 306 22.66 -10.19 -42.60
CA ARG D 306 22.63 -11.22 -43.65
C ARG D 306 21.21 -11.69 -43.99
N ASN D 307 20.37 -11.83 -42.98
CA ASN D 307 19.02 -12.37 -43.15
C ASN D 307 17.98 -11.24 -43.24
N PRO D 308 16.74 -11.57 -43.65
CA PRO D 308 15.64 -10.59 -43.73
C PRO D 308 14.70 -10.59 -42.51
N ARG D 309 14.90 -11.52 -41.57
CA ARG D 309 14.09 -11.58 -40.36
C ARG D 309 14.90 -12.07 -39.16
N ALA D 310 14.72 -11.45 -38.00
CA ALA D 310 15.54 -11.74 -36.82
C ALA D 310 15.16 -13.05 -36.13
N THR D 311 16.09 -13.56 -35.34
CA THR D 311 15.86 -14.79 -34.60
C THR D 311 14.93 -14.48 -33.44
N ARG D 312 14.54 -15.54 -32.75
CA ARG D 312 13.72 -15.43 -31.56
C ARG D 312 14.52 -14.80 -30.41
N ALA D 313 15.75 -15.27 -30.17
CA ALA D 313 16.59 -14.77 -29.07
C ALA D 313 17.00 -13.30 -29.24
N GLU D 314 17.01 -12.83 -30.49
CA GLU D 314 17.20 -11.40 -30.78
C GLU D 314 15.91 -10.65 -30.49
N ALA D 315 14.80 -11.14 -31.02
CA ALA D 315 13.50 -10.57 -30.69
C ALA D 315 13.30 -10.50 -29.17
N SER D 316 13.74 -11.54 -28.44
CA SER D 316 13.66 -11.62 -26.95
C SER D 316 14.53 -10.56 -26.28
N ASP D 317 15.79 -10.49 -26.69
CA ASP D 317 16.71 -9.50 -26.14
C ASP D 317 16.24 -8.05 -26.40
N VAL D 318 15.71 -7.77 -27.60
CA VAL D 318 15.25 -6.40 -27.92
C VAL D 318 14.16 -6.01 -26.93
N ALA D 319 13.18 -6.88 -26.83
CA ALA D 319 12.08 -6.66 -25.92
C ALA D 319 12.61 -6.43 -24.49
N ASN D 320 13.42 -7.38 -23.98
CA ASN D 320 13.95 -7.29 -22.61
C ASN D 320 14.73 -6.02 -22.33
N ALA D 321 15.23 -5.38 -23.39
CA ALA D 321 15.75 -4.03 -23.28
C ALA D 321 14.62 -3.13 -22.85
N ILE D 322 13.51 -3.21 -23.56
CA ILE D 322 12.37 -2.31 -23.35
C ILE D 322 11.68 -2.57 -22.03
N TYR D 323 11.66 -3.83 -21.62
CA TYR D 323 11.20 -4.17 -20.28
C TYR D 323 12.14 -3.64 -19.18
N ASP D 324 13.46 -3.62 -19.46
CA ASP D 324 14.44 -3.09 -18.51
C ASP D 324 14.24 -1.58 -18.32
N GLY D 325 13.73 -0.90 -19.34
CA GLY D 325 13.28 0.48 -19.20
C GLY D 325 13.99 1.47 -20.11
N THR D 326 14.26 1.05 -21.34
CA THR D 326 15.19 1.78 -22.21
C THR D 326 14.49 2.85 -23.02
N ASP D 327 14.95 4.09 -22.97
CA ASP D 327 14.32 5.17 -23.75
C ASP D 327 14.46 4.91 -25.24
N ALA D 328 15.43 4.11 -25.66
CA ALA D 328 15.63 3.94 -27.08
C ALA D 328 16.38 2.67 -27.40
N VAL D 329 16.47 2.37 -28.70
CA VAL D 329 17.15 1.17 -29.17
C VAL D 329 17.89 1.42 -30.46
N MET D 330 19.13 0.95 -30.52
CA MET D 330 20.06 1.27 -31.61
C MET D 330 20.34 0.10 -32.56
N LEU D 331 20.68 0.43 -33.79
CA LEU D 331 21.07 -0.54 -34.79
C LEU D 331 22.43 -0.16 -35.37
N SER D 332 23.41 -1.04 -35.24
CA SER D 332 24.74 -0.80 -35.78
C SER D 332 24.79 -1.26 -37.23
N GLY D 333 25.43 -2.40 -37.48
CA GLY D 333 25.63 -2.89 -38.84
C GLY D 333 24.37 -3.19 -39.61
N GLU D 334 23.29 -3.45 -38.89
CA GLU D 334 22.01 -3.86 -39.48
C GLU D 334 21.50 -2.83 -40.50
N THR D 335 21.68 -1.54 -40.18
CA THR D 335 21.30 -0.43 -41.07
C THR D 335 22.49 0.21 -41.79
N ALA D 336 23.69 0.04 -41.25
CA ALA D 336 24.88 0.68 -41.80
C ALA D 336 25.36 -0.01 -43.08
N ALA D 337 25.88 -1.23 -42.95
CA ALA D 337 26.44 -1.96 -44.07
C ALA D 337 25.70 -3.27 -44.35
N GLY D 338 24.61 -3.51 -43.66
CA GLY D 338 23.87 -4.76 -43.81
C GLY D 338 23.15 -4.84 -45.14
N LEU D 339 22.66 -6.03 -45.45
CA LEU D 339 21.94 -6.29 -46.70
C LEU D 339 20.52 -5.76 -46.63
N TYR D 340 19.93 -5.82 -45.43
CA TYR D 340 18.52 -5.50 -45.22
C TYR D 340 18.43 -4.38 -44.20
N PRO D 341 18.43 -3.12 -44.66
CA PRO D 341 18.33 -2.01 -43.72
C PRO D 341 16.90 -1.67 -43.34
N GLU D 342 16.04 -1.48 -44.34
CA GLU D 342 14.65 -1.12 -44.10
C GLU D 342 13.95 -2.15 -43.24
N GLU D 343 14.23 -3.44 -43.49
CA GLU D 343 13.56 -4.54 -42.80
C GLU D 343 13.92 -4.58 -41.33
N ALA D 344 15.20 -4.30 -41.05
CA ALA D 344 15.71 -4.26 -39.70
C ALA D 344 15.10 -3.13 -38.89
N VAL D 345 14.78 -2.01 -39.55
CA VAL D 345 14.13 -0.88 -38.90
C VAL D 345 12.66 -1.18 -38.67
N LYS D 346 12.03 -1.73 -39.70
CA LYS D 346 10.65 -2.14 -39.58
C LYS D 346 10.52 -3.10 -38.41
N THR D 347 11.31 -4.16 -38.44
CA THR D 347 11.21 -5.21 -37.41
C THR D 347 11.56 -4.72 -36.00
N MET D 348 12.33 -3.64 -35.92
CA MET D 348 12.72 -3.05 -34.64
C MET D 348 11.48 -2.42 -34.05
N ARG D 349 10.80 -1.62 -34.86
CA ARG D 349 9.60 -0.95 -34.44
C ARG D 349 8.55 -1.97 -33.98
N ASN D 350 8.42 -3.05 -34.76
CA ASN D 350 7.44 -4.09 -34.47
C ASN D 350 7.63 -4.66 -33.08
N ILE D 351 8.85 -5.14 -32.80
CA ILE D 351 9.17 -5.77 -31.51
C ILE D 351 8.93 -4.79 -30.35
N ALA D 352 9.16 -3.51 -30.63
CA ALA D 352 8.88 -2.45 -29.68
C ALA D 352 7.40 -2.38 -29.38
N VAL D 353 6.60 -2.18 -30.43
CA VAL D 353 5.16 -2.04 -30.25
C VAL D 353 4.59 -3.26 -29.54
N SER D 354 5.06 -4.44 -29.95
CA SER D 354 4.65 -5.70 -29.33
C SER D 354 4.88 -5.72 -27.81
N ALA D 355 6.15 -5.63 -27.39
CA ALA D 355 6.49 -5.77 -25.98
C ALA D 355 6.19 -4.53 -25.12
N GLU D 356 5.65 -3.46 -25.73
CA GLU D 356 5.03 -2.36 -24.98
C GLU D 356 3.56 -2.64 -24.80
N ALA D 357 2.93 -3.05 -25.91
CA ALA D 357 1.53 -3.44 -25.91
C ALA D 357 1.30 -4.26 -24.67
N ALA D 358 2.16 -5.26 -24.46
CA ALA D 358 1.98 -6.23 -23.40
C ALA D 358 2.65 -5.85 -22.08
N GLN D 359 2.48 -4.60 -21.61
CA GLN D 359 3.09 -4.20 -20.33
C GLN D 359 2.34 -3.20 -19.48
N ASP D 360 2.30 -3.51 -18.19
CA ASP D 360 1.32 -2.98 -17.24
C ASP D 360 1.71 -1.62 -16.70
N TYR D 361 1.13 -0.58 -17.28
CA TYR D 361 1.53 0.78 -16.94
C TYR D 361 1.22 1.17 -15.50
N LYS D 362 0.36 0.40 -14.84
CA LYS D 362 0.04 0.64 -13.43
C LYS D 362 1.25 0.27 -12.59
N LYS D 363 1.76 -0.95 -12.79
CA LYS D 363 2.95 -1.42 -12.06
C LYS D 363 4.05 -0.43 -12.39
N LEU D 364 4.25 -0.25 -13.69
CA LEU D 364 5.28 0.63 -14.25
C LEU D 364 5.32 1.98 -13.54
N LEU D 365 4.18 2.64 -13.44
CA LEU D 365 4.10 3.95 -12.78
C LEU D 365 4.37 3.85 -11.29
N SER D 366 3.78 2.84 -10.65
CA SER D 366 3.93 2.58 -9.22
C SER D 366 5.39 2.36 -8.91
N ASP D 367 6.04 1.65 -9.84
CA ASP D 367 7.46 1.34 -9.81
C ASP D 367 8.34 2.60 -9.84
N ARG D 368 8.11 3.45 -10.83
CA ARG D 368 8.80 4.74 -10.93
C ARG D 368 8.45 5.71 -9.81
N THR D 369 7.26 5.59 -9.22
CA THR D 369 6.88 6.50 -8.14
C THR D 369 7.76 6.27 -6.91
N LYS D 370 8.02 5.01 -6.59
CA LYS D 370 8.96 4.67 -5.53
C LYS D 370 10.40 4.96 -5.94
N LEU D 371 10.79 4.50 -7.14
CA LEU D 371 12.18 4.59 -7.71
C LEU D 371 12.77 5.99 -7.77
N VAL D 372 12.13 6.88 -8.53
CA VAL D 372 12.57 8.31 -8.56
C VAL D 372 12.21 9.10 -7.29
N GLU D 373 13.00 10.11 -7.02
CA GLU D 373 12.94 10.82 -5.78
C GLU D 373 11.66 11.64 -5.72
N THR D 374 11.25 11.95 -4.51
CA THR D 374 10.04 12.69 -4.24
C THR D 374 10.44 14.13 -3.87
N SER D 375 10.41 15.02 -4.87
CA SER D 375 10.96 16.37 -4.72
C SER D 375 10.24 17.46 -5.52
N LEU D 376 10.38 18.70 -5.05
CA LEU D 376 9.75 19.88 -5.69
C LEU D 376 9.84 19.89 -7.22
N VAL D 377 10.94 19.34 -7.74
CA VAL D 377 11.19 19.28 -9.19
C VAL D 377 10.31 18.25 -9.93
N ASN D 378 10.00 17.18 -9.20
CA ASN D 378 9.24 16.08 -9.71
C ASN D 378 7.73 16.11 -9.40
N ALA D 379 7.31 16.92 -8.45
CA ALA D 379 5.91 16.90 -7.97
C ALA D 379 4.91 16.70 -9.13
N ILE D 380 5.12 17.44 -10.19
CA ILE D 380 4.13 17.50 -11.21
C ILE D 380 4.23 16.32 -12.12
N GLY D 381 5.42 15.79 -12.30
CA GLY D 381 5.55 14.55 -13.05
C GLY D 381 4.74 13.43 -12.41
N ILE D 382 4.71 13.43 -11.08
CA ILE D 382 4.01 12.40 -10.30
C ILE D 382 2.52 12.59 -10.47
N SER D 383 2.05 13.80 -10.22
CA SER D 383 0.64 14.09 -10.34
C SER D 383 0.19 13.79 -11.75
N VAL D 384 0.89 14.30 -12.74
CA VAL D 384 0.48 14.06 -14.14
C VAL D 384 0.40 12.57 -14.47
N ALA D 385 1.35 11.77 -14.00
CA ALA D 385 1.39 10.38 -14.40
C ALA D 385 0.23 9.59 -13.83
N HIS D 386 -0.10 9.88 -12.58
CA HIS D 386 -1.27 9.27 -11.92
C HIS D 386 -2.57 9.74 -12.53
N THR D 387 -2.76 11.06 -12.55
CA THR D 387 -3.91 11.66 -13.19
C THR D 387 -4.12 11.06 -14.60
N ALA D 388 -3.06 10.90 -15.35
CA ALA D 388 -3.15 10.32 -16.68
C ALA D 388 -3.63 8.89 -16.65
N LEU D 389 -3.11 8.09 -15.73
CA LEU D 389 -3.49 6.68 -15.67
C LEU D 389 -4.94 6.49 -15.24
N ASN D 390 -5.34 7.19 -14.18
CA ASN D 390 -6.66 7.03 -13.56
C ASN D 390 -7.81 7.59 -14.37
N LEU D 391 -7.61 8.72 -15.05
CA LEU D 391 -8.66 9.31 -15.87
C LEU D 391 -8.58 8.87 -17.32
N ASN D 392 -7.61 8.04 -17.67
CA ASN D 392 -7.45 7.58 -19.07
C ASN D 392 -7.44 8.75 -20.09
N VAL D 393 -6.46 9.65 -19.92
CA VAL D 393 -6.26 10.80 -20.80
C VAL D 393 -5.55 10.37 -22.07
N LYS D 394 -5.96 10.92 -23.21
CA LYS D 394 -5.39 10.53 -24.51
C LYS D 394 -3.98 11.06 -24.73
N ALA D 395 -3.72 12.28 -24.29
CA ALA D 395 -2.42 12.90 -24.54
C ALA D 395 -2.01 13.90 -23.47
N ILE D 396 -0.74 13.78 -23.04
CA ILE D 396 -0.08 14.75 -22.17
C ILE D 396 0.74 15.70 -23.02
N VAL D 397 0.25 16.92 -23.22
CA VAL D 397 0.97 17.90 -24.02
C VAL D 397 1.94 18.67 -23.10
N ALA D 398 3.24 18.49 -23.37
CA ALA D 398 4.32 19.03 -22.54
C ALA D 398 4.98 20.21 -23.23
N ALA D 399 4.84 21.40 -22.66
CA ALA D 399 5.40 22.64 -23.23
C ALA D 399 6.80 22.93 -22.68
N THR D 400 7.80 22.87 -23.57
CA THR D 400 9.23 22.96 -23.19
C THR D 400 10.04 23.92 -24.05
N GLU D 401 10.95 24.65 -23.39
CA GLU D 401 11.99 25.42 -24.06
C GLU D 401 13.17 24.48 -24.26
N SER D 402 13.66 23.92 -23.16
CA SER D 402 14.81 23.02 -23.15
C SER D 402 14.42 21.59 -23.43
N GLY D 403 13.37 21.14 -22.79
CA GLY D 403 12.95 19.76 -22.88
C GLY D 403 12.84 19.08 -21.52
N SER D 404 13.31 19.72 -20.45
CA SER D 404 13.28 19.10 -19.13
C SER D 404 11.85 18.67 -18.76
N THR D 405 10.85 19.48 -19.10
CA THR D 405 9.49 19.07 -18.83
C THR D 405 9.08 17.84 -19.60
N ALA D 406 9.51 17.69 -20.84
CA ALA D 406 9.19 16.47 -21.60
C ALA D 406 9.86 15.24 -20.98
N ARG D 407 11.03 15.44 -20.39
CA ARG D 407 11.74 14.34 -19.73
C ARG D 407 11.21 14.12 -18.29
N THR D 408 10.74 15.18 -17.64
CA THR D 408 10.19 15.00 -16.32
C THR D 408 8.96 14.16 -16.47
N ILE D 409 8.20 14.33 -17.55
CA ILE D 409 7.00 13.51 -17.77
C ILE D 409 7.35 12.11 -18.28
N SER D 410 8.28 12.02 -19.23
CA SER D 410 8.67 10.74 -19.77
C SER D 410 9.14 9.79 -18.68
N LYS D 411 9.83 10.27 -17.66
CA LYS D 411 10.53 9.37 -16.73
C LYS D 411 9.56 8.54 -15.89
N TYR D 412 8.34 9.05 -15.73
CA TYR D 412 7.28 8.37 -15.02
C TYR D 412 6.39 7.56 -15.95
N ARG D 413 6.79 7.39 -17.20
CA ARG D 413 6.26 6.33 -18.06
C ARG D 413 4.74 6.15 -18.07
N PRO D 414 3.99 7.18 -18.51
CA PRO D 414 2.54 7.02 -18.56
C PRO D 414 2.03 6.49 -19.91
N HIS D 415 0.95 5.70 -19.90
CA HIS D 415 0.39 5.16 -21.14
C HIS D 415 0.15 6.25 -22.16
N SER D 416 -0.32 7.40 -21.67
CA SER D 416 -0.66 8.55 -22.53
C SER D 416 0.51 8.94 -23.42
N ASP D 417 0.18 9.38 -24.63
CA ASP D 417 1.20 9.82 -25.57
C ASP D 417 1.63 11.18 -25.11
N ILE D 418 2.94 11.37 -24.99
CA ILE D 418 3.47 12.67 -24.58
C ILE D 418 3.69 13.46 -25.85
N ILE D 419 3.34 14.74 -25.82
CA ILE D 419 3.56 15.63 -26.96
C ILE D 419 4.37 16.83 -26.48
N ALA D 420 5.57 17.02 -27.05
CA ALA D 420 6.46 18.13 -26.66
C ALA D 420 6.33 19.32 -27.62
N VAL D 421 5.59 20.36 -27.21
CA VAL D 421 5.44 21.58 -28.01
C VAL D 421 6.58 22.47 -27.65
N THR D 422 7.46 22.68 -28.62
CA THR D 422 8.68 23.46 -28.41
C THR D 422 8.92 24.58 -29.47
N PRO D 423 9.29 25.79 -29.00
CA PRO D 423 9.69 26.83 -29.94
C PRO D 423 11.05 26.52 -30.55
N SER D 424 11.95 25.92 -29.77
CA SER D 424 13.29 25.58 -30.25
C SER D 424 13.29 24.34 -31.12
N GLU D 425 13.72 24.52 -32.37
CA GLU D 425 13.83 23.42 -33.32
C GLU D 425 14.80 22.38 -32.80
N GLU D 426 15.90 22.84 -32.24
CA GLU D 426 16.94 21.92 -31.80
C GLU D 426 16.50 21.11 -30.56
N THR D 427 15.83 21.75 -29.60
CA THR D 427 15.39 21.03 -28.42
C THR D 427 14.36 20.00 -28.85
N ALA D 428 13.65 20.30 -29.93
CA ALA D 428 12.78 19.32 -30.54
C ALA D 428 13.56 18.09 -30.96
N ARG D 429 14.71 18.27 -31.60
CA ARG D 429 15.48 17.09 -32.02
C ARG D 429 16.08 16.35 -30.85
N GLN D 430 16.35 17.06 -29.76
CA GLN D 430 16.84 16.40 -28.55
C GLN D 430 15.75 15.54 -27.94
N CYS D 431 14.50 15.96 -28.14
CA CYS D 431 13.37 15.23 -27.61
C CYS D 431 13.19 13.92 -28.32
N SER D 432 13.46 13.91 -29.61
CA SER D 432 13.26 12.71 -30.43
C SER D 432 13.81 11.40 -29.84
N ILE D 433 14.66 11.48 -28.81
CA ILE D 433 15.21 10.27 -28.23
C ILE D 433 14.55 9.88 -26.90
N VAL D 434 13.89 10.81 -26.22
CA VAL D 434 13.37 10.46 -24.91
C VAL D 434 12.14 9.63 -25.09
N TRP D 435 11.84 8.83 -24.07
CA TRP D 435 10.83 7.81 -24.17
C TRP D 435 9.48 8.42 -24.30
N GLY D 436 8.71 7.88 -25.23
CA GLY D 436 7.32 8.24 -25.40
C GLY D 436 7.01 9.62 -25.97
N VAL D 437 8.03 10.44 -26.19
CA VAL D 437 7.76 11.84 -26.52
C VAL D 437 7.76 12.07 -28.03
N GLN D 438 6.61 12.53 -28.53
CA GLN D 438 6.44 12.86 -29.95
C GLN D 438 6.40 14.40 -30.04
N PRO D 439 7.52 15.01 -30.48
CA PRO D 439 7.71 16.46 -30.40
C PRO D 439 7.19 17.23 -31.60
N VAL D 440 6.72 18.44 -31.37
CA VAL D 440 6.30 19.32 -32.45
C VAL D 440 6.82 20.71 -32.17
N VAL D 441 7.07 21.48 -33.25
CA VAL D 441 7.57 22.84 -33.12
C VAL D 441 6.51 23.88 -33.43
N LYS D 442 5.94 24.45 -32.39
CA LYS D 442 5.03 25.58 -32.53
C LYS D 442 5.76 26.76 -31.94
N LYS D 443 5.32 27.95 -32.37
CA LYS D 443 6.03 29.19 -32.09
C LYS D 443 5.66 29.81 -30.75
N GLY D 444 6.63 30.52 -30.16
CA GLY D 444 6.55 30.96 -28.77
C GLY D 444 5.38 31.84 -28.40
N ARG D 445 4.63 31.43 -27.39
CA ARG D 445 3.59 32.23 -26.79
C ARG D 445 4.17 32.80 -25.53
N LYS D 446 3.76 34.01 -25.18
CA LYS D 446 4.29 34.60 -23.96
C LYS D 446 3.42 34.22 -22.77
N SER D 447 2.13 34.55 -22.83
CA SER D 447 1.25 34.38 -21.67
C SER D 447 0.83 32.92 -21.44
N THR D 448 0.74 32.54 -20.16
CA THR D 448 0.24 31.23 -19.77
C THR D 448 -1.00 30.88 -20.60
N ASP D 449 -1.90 31.86 -20.76
CA ASP D 449 -3.15 31.64 -21.47
C ASP D 449 -2.91 31.16 -22.90
N ALA D 450 -2.00 31.83 -23.58
CA ALA D 450 -1.66 31.46 -24.94
C ALA D 450 -1.07 30.05 -24.94
N LEU D 451 -0.23 29.79 -23.94
CA LEU D 451 0.44 28.49 -23.83
C LEU D 451 -0.59 27.36 -23.75
N LEU D 452 -1.67 27.63 -22.99
CA LEU D 452 -2.69 26.62 -22.75
C LEU D 452 -3.52 26.38 -24.00
N ASN D 453 -4.01 27.46 -24.60
CA ASN D 453 -4.85 27.34 -25.79
C ASN D 453 -4.10 26.74 -26.97
N ASN D 454 -2.84 27.15 -27.12
CA ASN D 454 -2.02 26.57 -28.17
C ASN D 454 -1.97 25.07 -27.96
N ALA D 455 -1.46 24.66 -26.80
CA ALA D 455 -1.35 23.25 -26.47
C ALA D 455 -2.53 22.46 -27.01
N VAL D 456 -3.72 22.87 -26.57
CA VAL D 456 -4.97 22.20 -26.92
C VAL D 456 -5.14 22.13 -28.44
N ALA D 457 -4.80 23.23 -29.11
CA ALA D 457 -4.79 23.25 -30.56
C ALA D 457 -3.79 22.23 -31.09
N THR D 458 -2.56 22.27 -30.57
CA THR D 458 -1.48 21.44 -31.07
C THR D 458 -1.83 19.97 -30.95
N ALA D 459 -2.49 19.63 -29.85
CA ALA D 459 -2.80 18.25 -29.57
C ALA D 459 -3.78 17.74 -30.60
N VAL D 460 -4.71 18.60 -30.99
CA VAL D 460 -5.76 18.21 -31.94
C VAL D 460 -5.18 18.11 -33.33
N GLU D 461 -4.26 19.01 -33.65
CA GLU D 461 -3.71 19.07 -34.99
C GLU D 461 -2.73 17.94 -35.25
N THR D 462 -2.23 17.31 -34.20
CA THR D 462 -1.51 16.05 -34.40
C THR D 462 -2.48 14.99 -34.92
N GLY D 463 -3.75 15.09 -34.52
CA GLY D 463 -4.75 14.12 -34.94
C GLY D 463 -4.96 13.03 -33.91
N ARG D 464 -4.01 12.85 -32.99
CA ARG D 464 -4.10 11.79 -31.98
C ARG D 464 -5.27 12.03 -31.00
N VAL D 465 -5.62 13.30 -30.75
CA VAL D 465 -6.77 13.65 -29.90
C VAL D 465 -7.88 14.29 -30.74
N THR D 466 -9.14 13.94 -30.43
CA THR D 466 -10.33 14.60 -31.01
C THR D 466 -11.24 15.11 -29.87
N ASN D 467 -12.52 15.32 -30.15
CA ASN D 467 -13.38 16.07 -29.23
C ASN D 467 -13.77 15.39 -27.94
N GLY D 468 -13.87 14.07 -27.97
CA GLY D 468 -14.19 13.32 -26.76
C GLY D 468 -13.11 13.36 -25.69
N ASP D 469 -11.87 13.50 -26.12
CA ASP D 469 -10.71 13.12 -25.31
C ASP D 469 -10.30 14.06 -24.15
N LEU D 470 -9.66 13.46 -23.17
CA LEU D 470 -9.04 14.20 -22.08
C LEU D 470 -7.54 14.47 -22.37
N ILE D 471 -7.06 15.63 -21.92
CA ILE D 471 -5.71 16.11 -22.24
C ILE D 471 -5.13 16.74 -21.00
N ILE D 472 -3.86 16.41 -20.70
CA ILE D 472 -3.16 17.05 -19.58
C ILE D 472 -2.13 17.98 -20.18
N ILE D 473 -2.25 19.27 -19.87
CA ILE D 473 -1.34 20.29 -20.38
C ILE D 473 -0.39 20.64 -19.24
N THR D 474 0.91 20.43 -19.45
CA THR D 474 1.91 20.71 -18.42
C THR D 474 3.06 21.48 -19.01
N ALA D 475 3.60 22.37 -18.18
CA ALA D 475 4.70 23.26 -18.54
C ALA D 475 5.25 23.90 -17.27
N GLY D 476 6.39 24.56 -17.41
CA GLY D 476 6.91 25.43 -16.37
C GLY D 476 6.46 26.87 -16.65
N VAL D 477 5.70 27.46 -15.74
CA VAL D 477 5.34 28.84 -15.94
C VAL D 477 5.71 29.67 -14.73
N PRO D 478 5.92 30.98 -14.92
CA PRO D 478 5.88 31.68 -16.22
C PRO D 478 7.06 31.27 -17.10
N THR D 479 6.87 31.23 -18.43
CA THR D 479 7.86 30.60 -19.31
C THR D 479 9.26 31.26 -19.22
N GLY D 480 9.29 32.52 -18.78
CA GLY D 480 10.55 33.16 -18.41
C GLY D 480 11.29 32.39 -17.33
N GLU D 481 10.88 32.59 -16.08
CA GLU D 481 11.58 31.99 -14.91
C GLU D 481 11.40 30.47 -14.82
N THR D 482 11.24 29.83 -15.97
CA THR D 482 11.08 28.38 -16.05
C THR D 482 12.38 27.73 -15.67
N GLY D 483 12.38 27.05 -14.53
CA GLY D 483 13.46 26.15 -14.17
C GLY D 483 12.98 24.74 -14.38
N THR D 484 11.90 24.41 -13.67
CA THR D 484 11.34 23.08 -13.67
C THR D 484 9.88 23.18 -14.01
N THR D 485 9.27 22.06 -14.40
CA THR D 485 7.85 22.04 -14.70
C THR D 485 7.07 22.25 -13.39
N ASN D 486 6.07 23.12 -13.39
CA ASN D 486 5.38 23.47 -12.14
C ASN D 486 3.86 23.69 -12.23
N MET D 487 3.24 23.32 -13.36
CA MET D 487 1.78 23.38 -13.41
C MET D 487 1.21 22.38 -14.41
N MET D 488 -0.03 21.96 -14.12
CA MET D 488 -0.77 21.09 -14.98
C MET D 488 -2.19 21.56 -15.07
N LYS D 489 -2.84 21.26 -16.19
CA LYS D 489 -4.26 21.56 -16.41
C LYS D 489 -4.81 20.30 -17.07
N ILE D 490 -5.97 19.85 -16.61
CA ILE D 490 -6.70 18.74 -17.20
C ILE D 490 -7.71 19.45 -18.06
N HIS D 491 -7.97 18.95 -19.27
CA HIS D 491 -8.83 19.69 -20.21
C HIS D 491 -9.55 18.76 -21.15
N LEU D 492 -10.88 18.86 -21.17
CA LEU D 492 -11.68 18.10 -22.15
C LEU D 492 -11.60 18.86 -23.47
N VAL D 493 -11.32 18.13 -24.55
CA VAL D 493 -11.11 18.77 -25.84
C VAL D 493 -12.44 19.28 -26.40
N GLY D 494 -13.02 20.28 -25.73
CA GLY D 494 -14.31 20.85 -26.13
C GLY D 494 -15.36 19.77 -26.29
N ASP D 495 -16.60 20.14 -26.65
CA ASP D 495 -17.10 21.50 -26.61
C ASP D 495 -18.64 21.43 -26.61
N GLU D 496 -19.19 21.28 -25.40
CA GLU D 496 -20.64 21.20 -25.13
C GLU D 496 -21.57 21.66 -26.25
N ILE D 497 -22.21 20.71 -26.94
CA ILE D 497 -23.15 21.06 -28.03
C ILE D 497 -24.44 21.69 -27.50
N ALA D 498 -24.91 21.24 -26.34
CA ALA D 498 -26.05 21.84 -25.68
C ALA D 498 -25.73 21.96 -24.20
N ASN D 499 -26.50 22.77 -23.48
CA ASN D 499 -26.37 22.82 -22.03
C ASN D 499 -27.60 23.42 -21.34
N GLY D 500 -27.58 23.41 -20.02
CA GLY D 500 -28.70 23.90 -19.22
C GLY D 500 -28.55 23.47 -17.77
N GLN D 501 -29.68 23.39 -17.08
CA GLN D 501 -29.74 23.02 -15.67
C GLN D 501 -29.70 21.51 -15.52
N GLY D 502 -28.60 20.98 -15.04
CA GLY D 502 -28.47 19.55 -14.84
C GLY D 502 -29.08 19.09 -13.53
N ILE D 503 -29.74 17.94 -13.57
CA ILE D 503 -30.33 17.32 -12.37
C ILE D 503 -29.79 15.93 -12.18
N GLY D 504 -29.49 15.59 -10.94
CA GLY D 504 -28.68 14.42 -10.66
C GLY D 504 -27.24 14.90 -10.75
N ARG D 505 -26.29 13.95 -10.68
CA ARG D 505 -24.85 14.24 -10.73
C ARG D 505 -24.04 13.26 -11.60
N GLY D 506 -24.70 12.28 -12.20
CA GLY D 506 -24.01 11.23 -12.95
C GLY D 506 -23.71 11.62 -14.39
N SER D 507 -23.75 10.62 -15.28
CA SER D 507 -23.52 10.82 -16.72
C SER D 507 -23.58 9.51 -17.49
N VAL D 508 -23.94 9.58 -18.76
CA VAL D 508 -23.97 8.39 -19.60
C VAL D 508 -23.70 8.74 -21.05
N VAL D 509 -23.42 7.72 -21.83
CA VAL D 509 -23.39 7.81 -23.29
C VAL D 509 -24.59 7.05 -23.86
N GLY D 510 -25.13 7.54 -24.96
CA GLY D 510 -26.33 6.94 -25.53
C GLY D 510 -26.84 7.74 -26.72
N THR D 511 -27.54 7.03 -27.62
CA THR D 511 -28.06 7.61 -28.86
C THR D 511 -29.40 8.33 -28.58
N THR D 512 -29.59 9.53 -29.14
CA THR D 512 -30.78 10.32 -28.85
C THR D 512 -32.05 9.77 -29.50
N LEU D 513 -33.19 10.27 -29.00
CA LEU D 513 -34.50 9.96 -29.56
C LEU D 513 -35.44 11.15 -29.25
N VAL D 514 -35.36 12.19 -30.10
CA VAL D 514 -36.18 13.40 -29.97
C VAL D 514 -37.64 13.01 -30.08
N ALA D 515 -38.41 13.21 -29.00
CA ALA D 515 -39.82 12.83 -28.95
C ALA D 515 -40.72 14.06 -28.94
N GLU D 516 -41.53 14.21 -30.00
CA GLU D 516 -42.50 15.28 -30.07
C GLU D 516 -43.75 14.89 -29.27
N THR D 517 -44.14 13.62 -29.37
CA THR D 517 -45.31 13.08 -28.67
C THR D 517 -44.93 11.90 -27.79
N VAL D 518 -45.80 11.61 -26.83
CA VAL D 518 -45.70 10.38 -26.02
C VAL D 518 -45.73 9.12 -26.90
N LYS D 519 -46.46 9.23 -28.02
CA LYS D 519 -46.59 8.18 -29.03
C LYS D 519 -45.41 8.17 -29.99
N ASP D 520 -44.58 9.23 -29.93
CA ASP D 520 -43.37 9.35 -30.73
C ASP D 520 -42.21 8.55 -30.11
N LEU D 521 -42.55 7.61 -29.22
CA LEU D 521 -41.57 6.68 -28.66
C LEU D 521 -42.26 5.45 -28.06
N GLU D 522 -43.45 5.10 -28.58
CA GLU D 522 -44.32 4.11 -27.94
C GLU D 522 -43.87 2.67 -28.24
N GLY D 523 -44.15 2.19 -29.45
CA GLY D 523 -43.90 0.80 -29.82
C GLY D 523 -42.55 0.60 -30.48
N LYS D 524 -41.58 1.43 -30.11
CA LYS D 524 -40.27 1.43 -30.72
C LYS D 524 -39.26 1.91 -29.68
N ASP D 525 -39.14 1.14 -28.60
CA ASP D 525 -38.29 1.55 -27.48
C ASP D 525 -37.52 0.42 -26.78
N LEU D 526 -36.22 0.33 -27.08
CA LEU D 526 -35.28 -0.35 -26.20
C LEU D 526 -34.90 0.64 -25.09
N SER D 527 -33.93 0.25 -24.28
CA SER D 527 -33.31 1.15 -23.30
C SER D 527 -32.27 2.03 -24.01
N ASP D 528 -31.06 2.09 -23.48
CA ASP D 528 -29.86 2.63 -24.15
C ASP D 528 -29.99 3.92 -25.01
N LYS D 529 -30.95 4.78 -24.68
CA LYS D 529 -31.14 6.02 -25.44
C LYS D 529 -31.42 7.20 -24.51
N VAL D 530 -31.16 8.41 -24.98
CA VAL D 530 -31.43 9.63 -24.20
C VAL D 530 -32.52 10.47 -24.89
N ILE D 531 -33.68 10.56 -24.24
CA ILE D 531 -34.88 11.15 -24.85
C ILE D 531 -34.91 12.67 -24.73
N VAL D 532 -35.38 13.33 -25.79
CA VAL D 532 -35.41 14.80 -25.85
C VAL D 532 -36.80 15.36 -26.19
N THR D 533 -37.54 15.75 -25.16
CA THR D 533 -38.91 16.24 -25.29
C THR D 533 -39.00 17.70 -24.84
N ASN D 534 -40.19 18.30 -24.92
CA ASN D 534 -40.39 19.64 -24.34
C ASN D 534 -40.44 19.57 -22.83
N SER D 535 -41.46 18.88 -22.31
CA SER D 535 -41.56 18.61 -20.89
C SER D 535 -42.03 17.18 -20.67
N ILE D 536 -42.21 16.81 -19.41
CA ILE D 536 -42.78 15.51 -19.05
C ILE D 536 -44.20 15.67 -18.50
N ASP D 537 -45.12 14.89 -19.09
CA ASP D 537 -46.50 14.77 -18.62
C ASP D 537 -46.57 13.53 -17.71
N GLU D 538 -47.78 13.18 -17.33
CA GLU D 538 -48.08 11.87 -16.75
C GLU D 538 -47.82 10.74 -17.76
N THR D 539 -48.03 11.06 -19.05
CA THR D 539 -47.93 10.11 -20.18
C THR D 539 -46.51 9.86 -20.65
N PHE D 540 -45.58 10.74 -20.28
CA PHE D 540 -44.15 10.55 -20.54
C PHE D 540 -43.50 9.71 -19.45
N VAL D 541 -43.91 9.93 -18.19
CA VAL D 541 -43.30 9.28 -17.00
C VAL D 541 -43.26 7.73 -16.98
N PRO D 542 -44.12 7.04 -17.77
CA PRO D 542 -43.88 5.61 -17.91
C PRO D 542 -42.66 5.27 -18.79
N TYR D 543 -42.41 6.08 -19.83
CA TYR D 543 -41.36 5.80 -20.81
C TYR D 543 -39.96 6.25 -20.35
N VAL D 544 -39.90 7.32 -19.54
CA VAL D 544 -38.62 7.90 -19.07
C VAL D 544 -37.76 6.91 -18.27
N GLU D 545 -38.37 6.23 -17.30
CA GLU D 545 -37.71 5.21 -16.46
C GLU D 545 -37.03 4.06 -17.21
N LYS D 546 -37.51 3.77 -18.42
CA LYS D 546 -36.97 2.71 -19.24
C LYS D 546 -35.69 3.15 -19.96
N ALA D 547 -35.46 4.46 -20.00
CA ALA D 547 -34.40 5.08 -20.81
C ALA D 547 -33.08 5.27 -20.04
N LEU D 548 -32.07 5.80 -20.75
CA LEU D 548 -30.74 6.06 -20.20
C LEU D 548 -30.58 7.47 -19.62
N GLY D 549 -31.01 8.47 -20.38
CA GLY D 549 -30.90 9.88 -19.99
C GLY D 549 -32.06 10.70 -20.49
N LEU D 550 -32.11 11.97 -20.09
CA LEU D 550 -33.23 12.83 -20.47
C LEU D 550 -32.78 14.28 -20.65
N ILE D 551 -33.25 14.91 -21.72
CA ILE D 551 -33.01 16.34 -21.98
C ILE D 551 -34.34 17.02 -22.28
N THR D 552 -34.87 17.76 -21.32
CA THR D 552 -36.14 18.46 -21.48
C THR D 552 -35.86 19.92 -21.81
N GLU D 553 -36.79 20.57 -22.53
CA GLU D 553 -36.46 21.82 -23.23
C GLU D 553 -36.32 22.99 -22.28
N GLU D 554 -37.42 23.33 -21.64
CA GLU D 554 -37.44 24.40 -20.65
C GLU D 554 -37.84 23.62 -19.42
N ASN D 555 -37.63 24.20 -18.24
CA ASN D 555 -38.18 23.68 -16.98
C ASN D 555 -37.39 24.27 -15.80
N GLY D 556 -37.86 24.02 -14.58
CA GLY D 556 -37.12 24.37 -13.36
C GLY D 556 -36.67 23.12 -12.59
N ILE D 557 -36.10 23.31 -11.40
CA ILE D 557 -35.47 22.18 -10.66
C ILE D 557 -36.42 21.15 -10.06
N THR D 558 -37.65 21.57 -9.74
CA THR D 558 -38.62 20.66 -9.16
C THR D 558 -39.68 20.29 -10.17
N SER D 559 -39.40 20.59 -11.44
CA SER D 559 -40.33 20.39 -12.55
C SER D 559 -40.76 18.93 -12.68
N PRO D 560 -41.82 18.68 -13.49
CA PRO D 560 -42.16 17.28 -13.71
C PRO D 560 -41.00 16.50 -14.31
N SER D 561 -40.27 17.16 -15.20
CA SER D 561 -39.13 16.58 -15.92
C SER D 561 -37.94 16.30 -15.00
N ALA D 562 -37.70 17.24 -14.09
CA ALA D 562 -36.59 17.17 -13.15
C ALA D 562 -36.82 16.15 -12.04
N ILE D 563 -37.98 16.25 -11.41
CA ILE D 563 -38.30 15.41 -10.26
C ILE D 563 -38.28 13.93 -10.66
N VAL D 564 -38.81 13.62 -11.86
CA VAL D 564 -38.91 12.23 -12.36
C VAL D 564 -37.56 11.63 -12.71
N GLY D 565 -36.62 12.49 -13.08
CA GLY D 565 -35.24 12.07 -13.35
C GLY D 565 -34.50 11.72 -12.07
N LEU D 566 -34.44 12.68 -11.15
CA LEU D 566 -33.75 12.50 -9.86
C LEU D 566 -34.28 11.27 -9.11
N GLU D 567 -35.59 11.14 -9.07
CA GLU D 567 -36.21 10.02 -8.37
C GLU D 567 -35.78 8.68 -8.92
N LYS D 568 -35.85 8.53 -10.25
CA LYS D 568 -35.59 7.24 -10.89
C LYS D 568 -34.10 6.98 -11.09
N GLY D 569 -33.26 7.96 -10.74
CA GLY D 569 -31.80 7.83 -10.83
C GLY D 569 -31.23 7.98 -12.22
N ILE D 570 -31.93 8.72 -13.08
CA ILE D 570 -31.47 8.96 -14.43
C ILE D 570 -30.85 10.34 -14.47
N PRO D 571 -29.64 10.43 -15.04
CA PRO D 571 -29.05 11.74 -15.22
C PRO D 571 -29.86 12.52 -16.24
N THR D 572 -30.19 13.77 -15.93
CA THR D 572 -30.95 14.60 -16.85
C THR D 572 -30.41 16.03 -16.90
N VAL D 573 -30.86 16.79 -17.89
CA VAL D 573 -30.66 18.24 -17.91
C VAL D 573 -31.97 18.88 -18.36
N VAL D 574 -32.50 19.76 -17.50
CA VAL D 574 -33.65 20.60 -17.84
C VAL D 574 -33.17 21.98 -18.29
N GLY D 575 -34.05 22.77 -18.88
CA GLY D 575 -33.70 24.14 -19.27
C GLY D 575 -32.79 24.25 -20.48
N VAL D 576 -32.94 23.33 -21.43
CA VAL D 576 -32.13 23.30 -22.65
C VAL D 576 -32.79 24.08 -23.83
N GLU D 577 -32.28 25.28 -24.13
CA GLU D 577 -32.73 26.10 -25.28
C GLU D 577 -33.11 25.30 -26.53
N LYS D 578 -34.40 25.24 -26.85
CA LYS D 578 -34.86 24.62 -28.11
C LYS D 578 -34.30 23.20 -28.32
N ALA D 579 -34.23 22.42 -27.24
CA ALA D 579 -33.59 21.09 -27.28
C ALA D 579 -34.16 20.16 -28.36
N VAL D 580 -35.46 20.23 -28.61
CA VAL D 580 -36.08 19.35 -29.61
C VAL D 580 -35.67 19.71 -31.04
N LYS D 581 -35.60 21.02 -31.31
CA LYS D 581 -35.23 21.55 -32.64
C LYS D 581 -33.72 21.45 -32.89
N ASN D 582 -32.93 21.83 -31.90
CA ASN D 582 -31.49 21.98 -32.06
C ASN D 582 -30.72 20.65 -32.10
N ILE D 583 -30.78 19.87 -31.01
CA ILE D 583 -30.05 18.60 -30.95
C ILE D 583 -30.71 17.56 -31.89
N SER D 584 -29.88 16.88 -32.69
CA SER D 584 -30.37 15.96 -33.74
C SER D 584 -30.88 14.65 -33.13
N ASN D 585 -31.63 13.90 -33.94
CA ASN D 585 -32.12 12.60 -33.51
C ASN D 585 -31.11 11.51 -33.86
N ASN D 586 -31.11 10.45 -33.06
CA ASN D 586 -30.33 9.23 -33.32
C ASN D 586 -28.80 9.35 -33.16
N VAL D 587 -28.25 10.57 -33.29
CA VAL D 587 -26.81 10.81 -33.09
C VAL D 587 -26.45 10.44 -31.64
N LEU D 588 -25.31 9.78 -31.46
CA LEU D 588 -24.85 9.39 -30.13
C LEU D 588 -24.39 10.63 -29.36
N VAL D 589 -24.73 10.69 -28.07
CA VAL D 589 -24.48 11.88 -27.23
C VAL D 589 -24.08 11.47 -25.81
N THR D 590 -23.36 12.36 -25.12
CA THR D 590 -22.98 12.14 -23.74
C THR D 590 -23.43 13.30 -22.87
N ILE D 591 -24.22 13.01 -21.84
CA ILE D 591 -24.70 14.06 -20.95
C ILE D 591 -23.95 13.97 -19.63
N ASP D 592 -23.83 15.12 -18.98
CA ASP D 592 -23.19 15.22 -17.68
C ASP D 592 -24.14 15.94 -16.72
N ALA D 593 -24.62 15.21 -15.72
CA ALA D 593 -25.55 15.77 -14.74
C ALA D 593 -24.97 16.96 -13.97
N ALA D 594 -23.84 16.78 -13.26
CA ALA D 594 -23.11 17.94 -12.71
C ALA D 594 -22.68 18.71 -13.93
N GLN D 595 -22.35 19.99 -13.78
CA GLN D 595 -22.08 20.87 -14.95
C GLN D 595 -23.39 21.24 -15.69
N GLY D 596 -24.16 20.23 -16.07
CA GLY D 596 -25.36 20.45 -16.86
C GLY D 596 -25.00 20.68 -18.32
N LYS D 597 -24.04 19.90 -18.81
CA LYS D 597 -23.61 20.00 -20.17
C LYS D 597 -23.98 18.73 -20.93
N ILE D 598 -24.10 18.85 -22.25
CA ILE D 598 -24.34 17.74 -23.16
C ILE D 598 -23.31 17.81 -24.28
N PHE D 599 -22.83 16.65 -24.75
CA PHE D 599 -21.68 16.62 -25.68
C PHE D 599 -21.94 15.78 -26.93
N GLU D 600 -21.14 16.06 -27.97
CA GLU D 600 -21.27 15.49 -29.32
C GLU D 600 -21.28 13.95 -29.40
N GLY D 601 -20.22 13.31 -28.90
CA GLY D 601 -20.13 11.84 -28.88
C GLY D 601 -19.76 11.32 -27.51
N TYR D 602 -18.65 10.59 -27.41
CA TYR D 602 -18.08 10.15 -26.13
C TYR D 602 -17.36 11.32 -25.42
N ALA D 603 -17.42 11.40 -24.09
CA ALA D 603 -16.92 12.58 -23.37
C ALA D 603 -15.96 12.29 -22.21
N ASN D 604 -16.45 12.28 -20.96
CA ASN D 604 -15.66 12.01 -19.71
C ASN D 604 -16.17 12.89 -18.54
#